data_8F73
#
_entry.id   8F73
#
_cell.length_a   84.715
_cell.length_b   114.847
_cell.length_c   155.761
_cell.angle_alpha   90.000
_cell.angle_beta   97.390
_cell.angle_gamma   90.000
#
_symmetry.space_group_name_H-M   'P 1 21 1'
#
loop_
_entity.id
_entity.type
_entity.pdbx_description
1 polymer 'UTP--glucose-1-phosphate uridylyltransferase'
2 non-polymer "URIDINE-5'-DIPHOSPHATE-GLUCOSE"
3 non-polymer 1,2-ETHANEDIOL
4 non-polymer 'MAGNESIUM ION'
5 non-polymer 'ACETATE ION'
6 water water
#
_entity_poly.entity_id   1
_entity_poly.type   'polypeptide(L)'
_entity_poly.pdbx_seq_one_letter_code
;ALVPRGSIKKCLFPAAGYGTRFLPATKAMPKEMLPVVNKPLIQYAVEEALEAGLSEIGIVTGRGKRSLEDHFDISYELEH
QIRNTDKEKYLVGIRRLIDECTFAYTRQVEMKGLGHAILTGRPLIGDEPFAVVLADDLCLNLEGDSVLKQMVKLYNQFRC
SIVAIQEVPPEETNKYGVIAGEMIRDDIFRVNTMVEKPKPEEAPSNLAIIGRYILTPDIFDLIEQTEPGKGGEIQITDAL
MKQAQDGCVLAYKFKGKRFDCGSAEGYIEATNFCYENLYKTGKAH
;
_entity_poly.pdbx_strand_id   A,B,C,D,E,F,G,H
#
loop_
_chem_comp.id
_chem_comp.type
_chem_comp.name
_chem_comp.formula
ACT non-polymer 'ACETATE ION' 'C2 H3 O2 -1'
EDO non-polymer 1,2-ETHANEDIOL 'C2 H6 O2'
MG non-polymer 'MAGNESIUM ION' 'Mg 2'
UPG non-polymer URIDINE-5'-DIPHOSPHATE-GLUCOSE 'C15 H24 N2 O17 P2'
#
# COMPACT_ATOMS: atom_id res chain seq x y z
N SER A 7 16.82 19.34 -9.50
CA SER A 7 18.23 19.49 -9.02
C SER A 7 18.63 18.25 -8.24
N ILE A 8 19.93 18.11 -7.93
CA ILE A 8 20.50 16.92 -7.32
C ILE A 8 21.89 17.29 -6.80
N LYS A 9 22.19 16.83 -5.58
CA LYS A 9 23.44 17.20 -4.92
C LYS A 9 24.16 16.04 -4.26
N LYS A 10 23.62 14.82 -4.27
CA LYS A 10 24.21 13.69 -3.58
C LYS A 10 24.71 12.66 -4.58
N CYS A 11 25.81 12.01 -4.22
CA CYS A 11 26.38 10.93 -5.01
C CYS A 11 26.79 9.80 -4.07
N LEU A 12 26.47 8.56 -4.45
CA LEU A 12 26.72 7.39 -3.63
C LEU A 12 27.75 6.51 -4.31
N PHE A 13 28.70 6.01 -3.51
CA PHE A 13 29.81 5.20 -4.02
C PHE A 13 29.85 3.85 -3.32
N PRO A 14 29.36 2.78 -3.95
CA PRO A 14 29.55 1.44 -3.37
C PRO A 14 31.00 1.01 -3.50
N ALA A 15 31.62 0.69 -2.36
CA ALA A 15 33.02 0.30 -2.32
C ALA A 15 33.24 -0.83 -1.33
N ALA A 16 32.32 -1.79 -1.32
CA ALA A 16 32.36 -2.91 -0.37
C ALA A 16 32.33 -4.26 -1.10
N GLY A 17 32.93 -4.32 -2.28
CA GLY A 17 32.99 -5.56 -3.03
C GLY A 17 34.09 -6.46 -2.53
N TYR A 18 34.14 -7.67 -3.11
CA TYR A 18 35.17 -8.62 -2.75
C TYR A 18 36.46 -8.37 -3.52
N GLY A 19 36.38 -7.84 -4.73
CA GLY A 19 37.56 -7.48 -5.48
C GLY A 19 38.65 -8.53 -5.48
N THR A 20 38.26 -9.79 -5.71
CA THR A 20 39.21 -10.89 -5.57
C THR A 20 40.21 -10.94 -6.72
N ARG A 21 39.89 -10.34 -7.87
CA ARG A 21 40.83 -10.35 -8.99
C ARG A 21 42.13 -9.63 -8.63
N PHE A 22 42.11 -8.79 -7.59
CA PHE A 22 43.26 -7.97 -7.22
C PHE A 22 43.82 -8.37 -5.85
N LEU A 23 43.54 -9.59 -5.41
CA LEU A 23 44.24 -10.14 -4.27
C LEU A 23 45.69 -10.45 -4.65
N PRO A 24 46.64 -10.28 -3.71
CA PRO A 24 46.45 -9.86 -2.32
C PRO A 24 46.52 -8.36 -2.08
N ALA A 25 46.69 -7.57 -3.15
CA ALA A 25 46.81 -6.12 -2.98
C ALA A 25 45.57 -5.53 -2.33
N THR A 26 44.39 -6.06 -2.65
CA THR A 26 43.15 -5.55 -2.09
C THR A 26 42.86 -6.06 -0.69
N LYS A 27 43.70 -6.97 -0.16
CA LYS A 27 43.42 -7.60 1.12
C LYS A 27 42.95 -6.60 2.18
N ALA A 28 43.66 -5.49 2.33
CA ALA A 28 43.34 -4.48 3.34
C ALA A 28 42.93 -3.16 2.70
N MET A 29 42.57 -3.16 1.44
CA MET A 29 42.16 -1.96 0.74
C MET A 29 41.16 -2.35 -0.34
N PRO A 30 40.17 -1.51 -0.61
CA PRO A 30 39.17 -1.88 -1.61
C PRO A 30 39.69 -1.71 -3.02
N LYS A 31 39.11 -2.51 -3.92
CA LYS A 31 39.45 -2.40 -5.34
C LYS A 31 39.29 -0.98 -5.85
N GLU A 32 38.35 -0.24 -5.29
CA GLU A 32 38.12 1.14 -5.71
C GLU A 32 39.23 2.08 -5.26
N MET A 33 40.12 1.65 -4.38
CA MET A 33 41.24 2.46 -3.94
C MET A 33 42.51 2.17 -4.73
N LEU A 34 42.47 1.21 -5.66
CA LEU A 34 43.65 0.92 -6.45
C LEU A 34 44.11 2.18 -7.17
N PRO A 35 45.42 2.42 -7.30
CA PRO A 35 45.90 3.61 -8.01
C PRO A 35 46.05 3.36 -9.50
N VAL A 36 45.63 4.37 -10.27
CA VAL A 36 45.92 4.44 -11.70
C VAL A 36 47.12 5.36 -11.84
N VAL A 37 48.34 4.78 -11.93
CA VAL A 37 49.67 5.48 -12.01
C VAL A 37 49.91 6.22 -10.69
N ASN A 38 49.07 7.19 -10.30
CA ASN A 38 49.29 7.89 -9.04
C ASN A 38 48.00 8.43 -8.40
N LYS A 39 46.83 8.14 -8.95
CA LYS A 39 45.57 8.62 -8.40
C LYS A 39 44.64 7.45 -8.16
N PRO A 40 44.04 7.33 -6.97
CA PRO A 40 43.12 6.21 -6.72
C PRO A 40 41.90 6.27 -7.64
N LEU A 41 41.40 5.08 -7.98
CA LEU A 41 40.27 5.00 -8.90
C LEU A 41 39.08 5.79 -8.37
N ILE A 42 38.84 5.75 -7.05
CA ILE A 42 37.68 6.43 -6.50
C ILE A 42 37.89 7.93 -6.44
N GLN A 43 39.12 8.43 -6.52
CA GLN A 43 39.30 9.87 -6.56
C GLN A 43 38.90 10.44 -7.91
N TYR A 44 39.29 9.78 -9.01
CA TYR A 44 38.78 10.17 -10.32
C TYR A 44 37.27 10.33 -10.29
N ALA A 45 36.59 9.39 -9.64
CA ALA A 45 35.13 9.36 -9.67
C ALA A 45 34.54 10.51 -8.86
N VAL A 46 35.15 10.85 -7.73
CA VAL A 46 34.61 11.93 -6.91
C VAL A 46 34.85 13.27 -7.58
N GLU A 47 36.01 13.45 -8.23
CA GLU A 47 36.21 14.64 -9.04
C GLU A 47 35.15 14.73 -10.13
N GLU A 48 34.80 13.58 -10.71
CA GLU A 48 33.70 13.54 -11.68
C GLU A 48 32.40 14.02 -11.04
N ALA A 49 32.11 13.58 -9.81
CA ALA A 49 30.88 13.97 -9.16
C ALA A 49 30.89 15.44 -8.77
N LEU A 50 32.02 15.94 -8.27
CA LEU A 50 32.12 17.36 -7.96
C LEU A 50 31.94 18.20 -9.21
N GLU A 51 32.52 17.76 -10.32
CA GLU A 51 32.37 18.49 -11.58
C GLU A 51 30.91 18.61 -11.98
N ALA A 52 30.07 17.66 -11.57
CA ALA A 52 28.65 17.66 -11.88
C ALA A 52 27.81 18.38 -10.84
N GLY A 53 28.45 19.02 -9.85
CA GLY A 53 27.72 19.70 -8.82
C GLY A 53 27.28 18.83 -7.67
N LEU A 54 27.73 17.59 -7.61
CA LEU A 54 27.39 16.66 -6.53
C LEU A 54 28.48 16.75 -5.46
N SER A 55 28.22 17.51 -4.40
CA SER A 55 29.20 17.75 -3.35
C SER A 55 28.96 16.95 -2.09
N GLU A 56 27.85 16.22 -2.01
CA GLU A 56 27.52 15.41 -0.82
C GLU A 56 27.82 13.96 -1.16
N ILE A 57 28.98 13.49 -0.73
CA ILE A 57 29.51 12.19 -1.10
C ILE A 57 29.18 11.19 -0.01
N GLY A 58 28.60 10.06 -0.39
CA GLY A 58 28.37 8.96 0.53
C GLY A 58 29.03 7.69 0.04
N ILE A 59 29.82 7.05 0.89
CA ILE A 59 30.59 5.86 0.52
C ILE A 59 30.11 4.69 1.37
N VAL A 60 29.65 3.64 0.70
CA VAL A 60 29.25 2.39 1.34
C VAL A 60 30.47 1.48 1.36
N THR A 61 31.02 1.20 2.53
CA THR A 61 32.35 0.63 2.66
C THR A 61 32.31 -0.80 3.17
N GLY A 62 33.44 -1.49 3.02
CA GLY A 62 33.55 -2.87 3.41
C GLY A 62 34.93 -3.31 3.87
N ARG A 63 35.51 -4.29 3.17
CA ARG A 63 36.68 -4.97 3.70
C ARG A 63 37.83 -4.02 3.97
N GLY A 64 38.10 -3.08 3.06
CA GLY A 64 39.20 -2.16 3.27
C GLY A 64 38.75 -0.74 3.58
N LYS A 65 37.62 -0.64 4.30
CA LYS A 65 36.96 0.64 4.52
C LYS A 65 37.86 1.71 5.14
N ARG A 66 39.00 1.32 5.70
CA ARG A 66 39.92 2.24 6.42
C ARG A 66 40.71 3.10 5.45
N SER A 67 41.30 2.50 4.42
CA SER A 67 42.08 3.27 3.44
C SER A 67 41.22 4.31 2.75
N LEU A 68 39.95 3.98 2.48
CA LEU A 68 39.01 4.94 1.94
C LEU A 68 38.89 6.16 2.84
N GLU A 69 38.47 5.93 4.09
CA GLU A 69 38.31 7.02 5.03
C GLU A 69 39.51 7.95 5.07
N ASP A 70 40.68 7.36 5.15
CA ASP A 70 41.94 8.04 5.22
C ASP A 70 42.29 8.88 4.04
N HIS A 71 41.82 8.49 2.88
CA HIS A 71 42.23 9.16 1.67
C HIS A 71 41.48 10.47 1.55
N PHE A 72 40.20 10.47 1.93
CA PHE A 72 39.35 11.64 1.79
C PHE A 72 39.26 12.45 3.07
N ASP A 73 39.93 12.05 4.14
CA ASP A 73 39.93 12.82 5.40
C ASP A 73 41.15 13.72 5.40
N ILE A 74 41.13 14.75 6.23
CA ILE A 74 42.24 15.68 6.35
C ILE A 74 43.44 14.91 6.91
N SER A 75 44.62 15.18 6.35
CA SER A 75 45.84 14.56 6.84
C SER A 75 46.70 15.65 7.47
N TYR A 76 46.69 15.70 8.80
CA TYR A 76 47.58 16.61 9.50
C TYR A 76 49.04 16.20 9.32
N GLU A 77 49.31 14.91 9.24
CA GLU A 77 50.66 14.43 9.01
C GLU A 77 51.18 14.90 7.65
N LEU A 78 50.37 14.72 6.60
CA LEU A 78 50.83 15.09 5.26
C LEU A 78 51.10 16.58 5.15
N GLU A 79 50.26 17.40 5.79
CA GLU A 79 50.51 18.84 5.81
C GLU A 79 51.83 19.15 6.52
N HIS A 80 51.96 18.69 7.77
CA HIS A 80 53.19 18.97 8.51
C HIS A 80 54.43 18.54 7.72
N GLN A 81 54.32 17.48 6.93
CA GLN A 81 55.46 16.96 6.18
C GLN A 81 55.80 17.80 4.95
N ILE A 82 55.12 18.90 4.69
CA ILE A 82 55.31 19.60 3.43
C ILE A 82 55.54 21.11 3.61
N ARG A 83 54.80 21.82 4.49
CA ARG A 83 54.92 23.28 4.76
C ARG A 83 54.77 24.14 3.50
N ASN A 84 53.61 24.11 2.83
CA ASN A 84 53.34 24.87 1.57
C ASN A 84 54.46 24.61 0.55
N THR A 85 54.57 23.40 -0.01
CA THR A 85 55.71 23.14 -0.92
C THR A 85 55.31 22.42 -2.20
N ASP A 86 54.99 21.14 -2.03
CA ASP A 86 54.34 20.31 -3.07
C ASP A 86 52.88 20.25 -2.61
N LYS A 87 52.41 21.32 -2.00
CA LYS A 87 50.96 21.43 -1.67
C LYS A 87 50.24 21.87 -2.95
N GLU A 88 50.97 22.08 -4.04
CA GLU A 88 50.43 21.93 -5.41
C GLU A 88 50.70 20.48 -5.77
N LYS A 89 51.60 20.23 -6.73
CA LYS A 89 51.96 18.85 -7.14
C LYS A 89 50.69 18.06 -7.46
N TYR A 90 50.60 16.85 -6.89
CA TYR A 90 49.46 15.91 -7.10
C TYR A 90 48.37 16.15 -6.04
N LEU A 91 48.60 17.03 -5.07
CA LEU A 91 47.65 17.28 -3.96
C LEU A 91 46.53 18.24 -4.36
N VAL A 92 46.68 19.00 -5.44
CA VAL A 92 45.71 20.03 -5.89
C VAL A 92 44.30 19.44 -5.91
N GLY A 93 44.04 18.30 -6.62
CA GLY A 93 42.76 17.64 -6.77
C GLY A 93 42.16 17.18 -5.46
N ILE A 94 42.98 16.64 -4.55
CA ILE A 94 42.39 16.01 -3.38
C ILE A 94 42.08 17.03 -2.30
N ARG A 95 42.80 18.16 -2.25
CA ARG A 95 42.43 19.20 -1.28
C ARG A 95 41.12 19.87 -1.68
N ARG A 96 40.94 20.14 -2.97
CA ARG A 96 39.67 20.71 -3.42
C ARG A 96 38.51 19.81 -3.02
N LEU A 97 38.69 18.49 -3.09
CA LEU A 97 37.64 17.56 -2.72
C LEU A 97 37.31 17.69 -1.24
N ILE A 98 38.32 17.68 -0.36
CA ILE A 98 38.04 17.86 1.06
C ILE A 98 37.59 19.28 1.35
N ASP A 99 37.88 20.23 0.46
CA ASP A 99 37.48 21.61 0.66
C ASP A 99 36.01 21.83 0.33
N GLU A 100 35.52 21.18 -0.74
CA GLU A 100 34.22 21.49 -1.31
C GLU A 100 33.18 20.39 -1.13
N CYS A 101 33.57 19.23 -0.62
CA CYS A 101 32.64 18.10 -0.47
C CYS A 101 32.44 17.79 1.01
N THR A 102 31.40 17.00 1.25
CA THR A 102 31.13 16.42 2.58
C THR A 102 31.01 14.92 2.40
N PHE A 103 31.88 14.17 3.07
CA PHE A 103 31.94 12.72 2.94
C PHE A 103 31.27 12.08 4.15
N ALA A 104 30.36 11.15 3.89
CA ALA A 104 29.72 10.33 4.91
C ALA A 104 29.91 8.87 4.57
N TYR A 105 30.14 8.04 5.59
CA TYR A 105 30.45 6.63 5.38
C TYR A 105 29.50 5.75 6.19
N THR A 106 29.07 4.66 5.58
CA THR A 106 28.28 3.63 6.24
C THR A 106 28.77 2.28 5.74
N ARG A 107 28.70 1.27 6.61
CA ARG A 107 29.30 -0.02 6.32
C ARG A 107 28.28 -1.00 5.77
N GLN A 108 28.72 -1.79 4.78
CA GLN A 108 27.91 -2.88 4.23
C GLN A 108 28.29 -4.15 4.98
N VAL A 109 27.47 -4.52 5.95
CA VAL A 109 27.77 -5.66 6.82
C VAL A 109 27.87 -6.95 6.01
N GLU A 110 26.99 -7.11 5.03
CA GLU A 110 26.90 -8.35 4.26
C GLU A 110 26.96 -8.03 2.78
N MET A 111 27.85 -8.69 2.05
CA MET A 111 27.95 -8.51 0.60
C MET A 111 26.89 -9.36 -0.07
N LYS A 112 25.76 -8.75 -0.42
CA LYS A 112 24.66 -9.44 -1.06
C LYS A 112 24.44 -9.00 -2.50
N GLY A 113 25.24 -8.07 -3.01
CA GLY A 113 25.11 -7.57 -4.36
C GLY A 113 25.12 -6.06 -4.41
N LEU A 114 25.18 -5.55 -5.64
CA LEU A 114 25.23 -4.11 -5.85
C LEU A 114 23.93 -3.44 -5.43
N GLY A 115 22.79 -4.08 -5.70
CA GLY A 115 21.52 -3.53 -5.26
C GLY A 115 21.43 -3.41 -3.75
N HIS A 116 21.91 -4.43 -3.03
CA HIS A 116 21.94 -4.37 -1.58
C HIS A 116 22.88 -3.28 -1.10
N ALA A 117 23.99 -3.06 -1.81
CA ALA A 117 24.92 -2.00 -1.43
C ALA A 117 24.27 -0.63 -1.55
N ILE A 118 23.49 -0.41 -2.61
CA ILE A 118 22.80 0.87 -2.77
C ILE A 118 21.73 1.03 -1.70
N LEU A 119 20.97 -0.04 -1.43
CA LEU A 119 19.98 0.04 -0.36
C LEU A 119 20.65 0.28 0.99
N THR A 120 21.88 -0.21 1.17
CA THR A 120 22.58 0.01 2.43
C THR A 120 22.84 1.50 2.67
N GLY A 121 22.98 2.27 1.60
CA GLY A 121 23.24 3.69 1.70
C GLY A 121 22.02 4.56 1.89
N ARG A 122 20.85 3.96 2.04
CA ARG A 122 19.63 4.76 2.17
C ARG A 122 19.70 5.76 3.31
N PRO A 123 20.24 5.43 4.48
CA PRO A 123 20.37 6.45 5.53
C PRO A 123 21.16 7.67 5.09
N LEU A 124 22.07 7.52 4.13
CA LEU A 124 22.86 8.64 3.66
C LEU A 124 22.15 9.46 2.60
N ILE A 125 21.10 8.92 1.97
CA ILE A 125 20.44 9.55 0.83
C ILE A 125 19.08 10.12 1.23
N GLY A 126 18.19 9.27 1.71
CA GLY A 126 16.85 9.73 2.06
C GLY A 126 15.93 9.75 0.84
N ASP A 127 14.97 10.67 0.87
CA ASP A 127 13.97 10.77 -0.18
C ASP A 127 14.31 11.93 -1.12
N GLU A 128 15.36 11.73 -1.90
CA GLU A 128 15.78 12.70 -2.89
C GLU A 128 16.60 11.97 -3.96
N PRO A 129 16.66 12.52 -5.17
CA PRO A 129 17.42 11.85 -6.23
C PRO A 129 18.91 11.90 -5.96
N PHE A 130 19.61 10.89 -6.46
CA PHE A 130 21.04 10.77 -6.21
C PHE A 130 21.69 10.03 -7.38
N ALA A 131 23.00 10.23 -7.51
CA ALA A 131 23.80 9.51 -8.49
C ALA A 131 24.54 8.37 -7.81
N VAL A 132 24.74 7.28 -8.55
CA VAL A 132 25.54 6.14 -8.10
C VAL A 132 26.71 6.00 -9.06
N VAL A 133 27.90 5.82 -8.50
CA VAL A 133 29.12 5.70 -9.29
C VAL A 133 29.86 4.43 -8.87
N LEU A 134 30.17 3.59 -9.85
CA LEU A 134 30.98 2.39 -9.64
C LEU A 134 32.42 2.76 -10.03
N ALA A 135 33.27 2.96 -9.02
CA ALA A 135 34.58 3.52 -9.27
C ALA A 135 35.47 2.63 -10.13
N ASP A 136 35.18 1.33 -10.19
CA ASP A 136 35.99 0.44 -11.02
C ASP A 136 35.81 0.73 -12.50
N ASP A 137 34.81 1.52 -12.88
CA ASP A 137 34.65 1.99 -14.25
C ASP A 137 35.29 3.38 -14.34
N LEU A 138 36.51 3.44 -14.84
CA LEU A 138 37.20 4.71 -15.03
C LEU A 138 36.71 5.35 -16.32
N CYS A 139 36.00 6.47 -16.20
CA CYS A 139 35.44 7.18 -17.35
C CYS A 139 36.13 8.53 -17.50
N LEU A 140 36.71 8.76 -18.67
CA LEU A 140 37.47 9.97 -18.95
C LEU A 140 36.93 10.63 -20.19
N ASN A 141 36.56 11.93 -20.13
CA ASN A 141 36.03 12.70 -21.29
C ASN A 141 36.80 14.01 -21.32
N LEU A 142 38.03 13.98 -21.86
CA LEU A 142 38.93 15.16 -21.90
C LEU A 142 38.41 16.19 -22.91
N GLU A 143 37.39 15.85 -23.71
CA GLU A 143 36.86 16.75 -24.72
C GLU A 143 35.62 17.50 -24.25
N GLY A 144 35.35 17.52 -22.95
CA GLY A 144 34.18 18.22 -22.45
C GLY A 144 33.69 17.74 -21.10
N ASP A 145 32.37 17.62 -20.97
CA ASP A 145 31.77 17.31 -19.68
C ASP A 145 32.11 15.89 -19.26
N SER A 146 32.16 15.66 -17.95
CA SER A 146 32.32 14.31 -17.43
C SER A 146 31.04 13.52 -17.65
N VAL A 147 31.18 12.19 -17.70
CA VAL A 147 30.03 11.34 -17.97
C VAL A 147 28.90 11.68 -17.01
N LEU A 148 29.22 11.84 -15.72
CA LEU A 148 28.19 12.14 -14.75
C LEU A 148 27.55 13.49 -15.05
N LYS A 149 28.37 14.50 -15.39
CA LYS A 149 27.82 15.80 -15.74
C LYS A 149 26.82 15.69 -16.88
N GLN A 150 27.16 14.92 -17.92
CA GLN A 150 26.21 14.68 -19.01
C GLN A 150 24.89 14.15 -18.46
N MET A 151 24.98 13.18 -17.55
CA MET A 151 23.77 12.52 -17.06
C MET A 151 22.95 13.44 -16.16
N VAL A 152 23.60 14.31 -15.38
CA VAL A 152 22.86 15.22 -14.52
C VAL A 152 22.12 16.25 -15.36
N LYS A 153 22.75 16.73 -16.44
CA LYS A 153 22.05 17.62 -17.36
C LYS A 153 20.84 16.93 -17.96
N LEU A 154 20.99 15.67 -18.39
CA LEU A 154 19.87 14.92 -18.94
C LEU A 154 18.76 14.76 -17.90
N TYR A 155 19.12 14.57 -16.64
CA TYR A 155 18.11 14.35 -15.61
C TYR A 155 17.29 15.63 -15.37
N ASN A 156 17.94 16.78 -15.37
CA ASN A 156 17.23 18.03 -15.12
C ASN A 156 16.11 18.26 -16.13
N GLN A 157 16.19 17.65 -17.31
CA GLN A 157 15.11 17.77 -18.29
C GLN A 157 14.06 16.68 -18.13
N PHE A 158 14.48 15.40 -18.19
CA PHE A 158 13.54 14.30 -18.19
C PHE A 158 13.11 13.91 -16.78
N ARG A 159 14.02 14.02 -15.81
CA ARG A 159 13.74 13.66 -14.43
C ARG A 159 13.25 12.22 -14.31
N CYS A 160 13.92 11.34 -15.03
CA CYS A 160 13.80 9.90 -14.86
C CYS A 160 15.09 9.35 -14.26
N SER A 161 15.07 8.06 -13.96
CA SER A 161 16.33 7.36 -13.68
C SER A 161 17.08 7.19 -14.99
N ILE A 162 18.37 7.50 -14.98
CA ILE A 162 19.22 7.40 -16.15
C ILE A 162 20.35 6.44 -15.85
N VAL A 163 20.64 5.56 -16.81
CA VAL A 163 21.71 4.59 -16.72
C VAL A 163 22.62 4.79 -17.92
N ALA A 164 23.92 4.90 -17.67
CA ALA A 164 24.88 5.04 -18.75
C ALA A 164 25.10 3.71 -19.44
N ILE A 165 25.14 3.72 -20.77
CA ILE A 165 25.30 2.50 -21.56
C ILE A 165 26.42 2.71 -22.57
N GLN A 166 26.77 1.61 -23.24
CA GLN A 166 27.90 1.57 -24.14
C GLN A 166 27.72 0.38 -25.08
N GLU A 167 28.01 0.59 -26.35
CA GLU A 167 27.92 -0.47 -27.34
C GLU A 167 29.11 -1.41 -27.19
N VAL A 168 28.83 -2.71 -27.03
CA VAL A 168 29.90 -3.70 -26.87
C VAL A 168 29.61 -4.86 -27.81
N PRO A 169 30.64 -5.63 -28.16
CA PRO A 169 30.43 -6.76 -29.06
C PRO A 169 29.52 -7.79 -28.40
N PRO A 170 28.76 -8.55 -29.20
CA PRO A 170 27.80 -9.48 -28.61
C PRO A 170 28.43 -10.56 -27.74
N GLU A 171 29.74 -10.80 -27.90
CA GLU A 171 30.40 -11.84 -27.13
C GLU A 171 30.66 -11.43 -25.69
N GLU A 172 30.58 -10.14 -25.38
CA GLU A 172 30.87 -9.63 -24.05
C GLU A 172 29.61 -9.35 -23.23
N THR A 173 28.44 -9.75 -23.72
CA THR A 173 27.20 -9.39 -23.03
C THR A 173 27.05 -10.12 -21.69
N ASN A 174 27.70 -11.27 -21.53
CA ASN A 174 27.64 -11.97 -20.24
C ASN A 174 28.49 -11.30 -19.17
N LYS A 175 29.21 -10.23 -19.50
CA LYS A 175 29.97 -9.49 -18.51
C LYS A 175 29.22 -8.29 -17.95
N TYR A 176 28.15 -7.86 -18.61
CA TYR A 176 27.46 -6.64 -18.24
C TYR A 176 25.98 -6.91 -17.99
N GLY A 177 25.31 -5.86 -17.51
CA GLY A 177 23.87 -5.77 -17.63
C GLY A 177 23.53 -5.13 -18.97
N VAL A 178 22.45 -5.63 -19.59
CA VAL A 178 22.08 -5.24 -20.94
C VAL A 178 20.65 -4.72 -20.92
N ILE A 179 20.38 -3.69 -21.72
CA ILE A 179 19.08 -3.05 -21.76
C ILE A 179 18.51 -3.15 -23.17
N ALA A 180 17.18 -3.00 -23.26
CA ALA A 180 16.48 -2.93 -24.53
C ALA A 180 15.28 -2.02 -24.36
N GLY A 181 15.01 -1.21 -25.39
CA GLY A 181 13.90 -0.29 -25.33
C GLY A 181 13.77 0.48 -26.62
N GLU A 182 12.74 1.32 -26.67
CA GLU A 182 12.48 2.14 -27.85
C GLU A 182 13.42 3.34 -27.88
N MET A 183 13.91 3.65 -29.07
CA MET A 183 14.91 4.70 -29.24
C MET A 183 14.24 6.07 -29.31
N ILE A 184 14.65 6.96 -28.41
CA ILE A 184 14.22 8.36 -28.47
C ILE A 184 15.12 9.16 -29.39
N ARG A 185 16.43 8.95 -29.27
CA ARG A 185 17.44 9.68 -30.03
C ARG A 185 18.57 8.70 -30.30
N ASP A 186 19.58 9.15 -31.06
CA ASP A 186 20.69 8.26 -31.37
C ASP A 186 21.40 7.74 -30.13
N ASP A 187 21.30 8.47 -29.01
CA ASP A 187 22.01 8.11 -27.80
C ASP A 187 21.13 8.02 -26.57
N ILE A 188 19.81 8.21 -26.69
CA ILE A 188 18.88 8.12 -25.57
C ILE A 188 17.85 7.06 -25.90
N PHE A 189 17.62 6.14 -24.96
CA PHE A 189 16.66 5.06 -25.13
C PHE A 189 15.73 5.01 -23.94
N ARG A 190 14.46 4.71 -24.20
CA ARG A 190 13.46 4.48 -23.15
C ARG A 190 13.47 2.99 -22.81
N VAL A 191 14.00 2.65 -21.65
CA VAL A 191 14.22 1.25 -21.29
C VAL A 191 12.89 0.60 -20.92
N ASN A 192 12.65 -0.60 -21.48
CA ASN A 192 11.58 -1.47 -21.03
C ASN A 192 12.07 -2.86 -20.65
N THR A 193 13.34 -3.18 -20.89
CA THR A 193 13.91 -4.47 -20.52
C THR A 193 15.33 -4.26 -19.99
N MET A 194 15.66 -5.00 -18.93
CA MET A 194 16.99 -4.95 -18.35
C MET A 194 17.35 -6.35 -17.85
N VAL A 195 18.49 -6.86 -18.29
CA VAL A 195 18.96 -8.20 -17.93
C VAL A 195 20.42 -8.09 -17.49
N GLU A 196 20.76 -8.81 -16.42
CA GLU A 196 22.10 -8.79 -15.85
C GLU A 196 22.89 -9.99 -16.35
N LYS A 197 23.97 -9.72 -17.07
CA LYS A 197 24.89 -10.75 -17.55
C LYS A 197 24.13 -11.88 -18.24
N PRO A 198 23.40 -11.59 -19.31
CA PRO A 198 22.68 -12.65 -20.02
C PRO A 198 23.62 -13.48 -20.89
N LYS A 199 23.14 -14.66 -21.24
CA LYS A 199 23.84 -15.49 -22.20
C LYS A 199 23.80 -14.78 -23.56
N PRO A 200 24.93 -14.67 -24.26
CA PRO A 200 24.91 -13.90 -25.52
C PRO A 200 23.76 -14.28 -26.45
N GLU A 201 23.31 -15.53 -26.41
CA GLU A 201 22.22 -15.95 -27.28
C GLU A 201 20.91 -15.24 -26.91
N GLU A 202 20.67 -15.04 -25.62
CA GLU A 202 19.46 -14.42 -25.14
C GLU A 202 19.68 -12.95 -24.77
N ALA A 203 20.79 -12.37 -25.19
CA ALA A 203 21.07 -10.97 -24.90
C ALA A 203 20.07 -10.09 -25.65
N PRO A 204 19.32 -9.23 -24.98
CA PRO A 204 18.27 -8.46 -25.69
C PRO A 204 18.83 -7.38 -26.59
N SER A 205 20.10 -6.99 -26.46
CA SER A 205 20.65 -5.97 -27.33
C SER A 205 22.17 -5.93 -27.19
N ASN A 206 22.78 -4.96 -27.84
CA ASN A 206 24.22 -4.70 -27.82
C ASN A 206 24.62 -3.77 -26.70
N LEU A 207 23.65 -3.17 -26.01
CA LEU A 207 23.87 -2.00 -25.17
C LEU A 207 24.07 -2.42 -23.73
N ALA A 208 25.27 -2.16 -23.21
CA ALA A 208 25.69 -2.66 -21.91
C ALA A 208 25.79 -1.52 -20.90
N ILE A 209 25.48 -1.83 -19.65
CA ILE A 209 25.44 -0.84 -18.58
C ILE A 209 26.87 -0.57 -18.09
N ILE A 210 27.22 0.71 -18.03
CA ILE A 210 28.44 1.21 -17.42
C ILE A 210 28.07 1.73 -16.04
N GLY A 211 29.03 1.68 -15.12
CA GLY A 211 28.74 2.02 -13.73
C GLY A 211 28.52 3.50 -13.44
N ARG A 212 27.47 4.08 -14.01
CA ARG A 212 27.08 5.45 -13.72
C ARG A 212 25.56 5.50 -13.76
N TYR A 213 24.93 5.93 -12.67
CA TYR A 213 23.48 5.96 -12.58
C TYR A 213 22.99 7.29 -12.03
N ILE A 214 21.75 7.63 -12.39
CA ILE A 214 20.96 8.64 -11.70
C ILE A 214 19.65 7.94 -11.31
N LEU A 215 19.33 7.97 -10.02
CA LEU A 215 18.21 7.19 -9.50
C LEU A 215 17.25 8.08 -8.73
N THR A 216 15.95 7.80 -8.85
CA THR A 216 14.92 8.43 -8.05
C THR A 216 14.70 7.64 -6.77
N PRO A 217 14.40 8.29 -5.65
CA PRO A 217 14.42 7.60 -4.35
C PRO A 217 13.44 6.43 -4.24
N ASP A 218 12.49 6.27 -5.17
CA ASP A 218 11.62 5.10 -5.12
C ASP A 218 12.36 3.82 -5.47
N ILE A 219 13.62 3.91 -5.92
CA ILE A 219 14.39 2.71 -6.21
C ILE A 219 14.69 1.96 -4.92
N PHE A 220 14.78 2.66 -3.79
CA PHE A 220 15.07 2.00 -2.53
C PHE A 220 14.01 0.94 -2.22
N ASP A 221 12.74 1.34 -2.20
CA ASP A 221 11.67 0.38 -1.94
C ASP A 221 11.58 -0.68 -3.04
N LEU A 222 12.08 -0.39 -4.23
CA LEU A 222 12.12 -1.41 -5.27
C LEU A 222 13.16 -2.47 -4.97
N ILE A 223 14.29 -2.07 -4.38
CA ILE A 223 15.36 -3.02 -4.10
C ILE A 223 14.91 -4.03 -3.04
N GLU A 224 14.13 -3.57 -2.06
CA GLU A 224 13.68 -4.49 -1.00
C GLU A 224 12.75 -5.56 -1.55
N GLN A 225 12.07 -5.28 -2.65
CA GLN A 225 11.17 -6.23 -3.29
C GLN A 225 11.88 -7.13 -4.29
N THR A 226 13.16 -6.91 -4.53
CA THR A 226 13.90 -7.66 -5.53
C THR A 226 14.45 -8.93 -4.93
N GLU A 227 14.26 -10.06 -5.62
CA GLU A 227 14.76 -11.34 -5.17
C GLU A 227 16.17 -11.57 -5.71
N PRO A 228 16.91 -12.50 -5.11
CA PRO A 228 18.26 -12.78 -5.60
C PRO A 228 18.29 -13.10 -7.08
N GLY A 229 19.22 -12.47 -7.80
CA GLY A 229 19.33 -12.65 -9.23
C GLY A 229 20.63 -13.34 -9.63
N LYS A 230 21.34 -12.76 -10.60
CA LYS A 230 22.57 -13.36 -11.07
C LYS A 230 23.53 -13.60 -9.91
N GLY A 231 24.00 -14.84 -9.79
CA GLY A 231 24.90 -15.18 -8.72
C GLY A 231 24.29 -15.11 -7.34
N GLY A 232 22.97 -15.13 -7.24
CA GLY A 232 22.32 -15.06 -5.94
C GLY A 232 22.40 -13.71 -5.27
N GLU A 233 22.94 -12.70 -5.94
CA GLU A 233 23.10 -11.38 -5.36
C GLU A 233 21.96 -10.48 -5.78
N ILE A 234 21.76 -9.42 -5.00
CA ILE A 234 20.70 -8.44 -5.27
C ILE A 234 21.24 -7.46 -6.29
N GLN A 235 20.67 -7.46 -7.49
CA GLN A 235 21.14 -6.64 -8.60
C GLN A 235 20.28 -5.39 -8.71
N ILE A 236 20.94 -4.22 -8.79
CA ILE A 236 20.20 -3.00 -9.09
C ILE A 236 19.59 -3.10 -10.48
N THR A 237 20.20 -3.89 -11.36
CA THR A 237 19.63 -4.11 -12.68
C THR A 237 18.21 -4.65 -12.57
N ASP A 238 17.98 -5.61 -11.68
CA ASP A 238 16.65 -6.17 -11.51
C ASP A 238 15.71 -5.17 -10.85
N ALA A 239 16.23 -4.36 -9.92
CA ALA A 239 15.41 -3.32 -9.32
C ALA A 239 15.06 -2.25 -10.34
N LEU A 240 16.03 -1.82 -11.15
CA LEU A 240 15.75 -0.82 -12.17
C LEU A 240 14.79 -1.35 -13.22
N MET A 241 14.75 -2.66 -13.38
CA MET A 241 13.76 -3.27 -14.26
C MET A 241 12.36 -2.96 -13.78
N LYS A 242 12.11 -3.18 -12.49
CA LYS A 242 10.82 -2.86 -11.90
C LYS A 242 10.46 -1.40 -12.12
N GLN A 243 11.45 -0.52 -12.07
CA GLN A 243 11.19 0.90 -12.28
C GLN A 243 10.81 1.18 -13.73
N ALA A 244 11.49 0.51 -14.67
CA ALA A 244 11.23 0.77 -16.08
C ALA A 244 9.82 0.35 -16.48
N GLN A 245 9.26 -0.66 -15.81
CA GLN A 245 7.92 -1.13 -16.15
C GLN A 245 6.86 -0.16 -15.65
N ASP A 246 6.97 0.25 -14.38
CA ASP A 246 6.00 1.13 -13.75
C ASP A 246 6.51 2.56 -13.64
N GLY A 247 7.53 2.92 -14.40
CA GLY A 247 8.01 4.29 -14.44
C GLY A 247 8.79 4.56 -15.70
N CYS A 248 9.72 5.52 -15.62
CA CYS A 248 10.55 5.93 -16.74
C CYS A 248 12.02 5.71 -16.38
N VAL A 249 12.71 4.94 -17.22
CA VAL A 249 14.15 4.71 -17.08
C VAL A 249 14.77 4.90 -18.46
N LEU A 250 15.77 5.77 -18.54
CA LEU A 250 16.43 6.08 -19.80
C LEU A 250 17.85 5.52 -19.81
N ALA A 251 18.23 4.94 -20.95
CA ALA A 251 19.60 4.54 -21.22
C ALA A 251 20.27 5.59 -22.09
N TYR A 252 21.52 5.92 -21.77
CA TYR A 252 22.21 7.03 -22.40
C TYR A 252 23.59 6.59 -22.88
N LYS A 253 23.79 6.60 -24.19
CA LYS A 253 25.11 6.39 -24.76
C LYS A 253 25.98 7.61 -24.46
N PHE A 254 26.71 7.57 -23.35
CA PHE A 254 27.52 8.69 -22.94
C PHE A 254 28.66 8.93 -23.92
N LYS A 255 29.15 10.16 -23.91
CA LYS A 255 30.32 10.56 -24.69
C LYS A 255 31.55 10.45 -23.79
N GLY A 256 32.55 9.69 -24.23
CA GLY A 256 33.76 9.52 -23.47
C GLY A 256 34.34 8.12 -23.56
N LYS A 257 35.52 7.93 -22.98
CA LYS A 257 36.21 6.65 -23.00
C LYS A 257 36.11 6.01 -21.62
N ARG A 258 35.77 4.72 -21.59
CA ARG A 258 35.61 3.97 -20.36
C ARG A 258 36.59 2.81 -20.33
N PHE A 259 37.25 2.64 -19.19
CA PHE A 259 38.18 1.53 -18.95
C PHE A 259 37.61 0.61 -17.89
N ASP A 260 37.57 -0.69 -18.19
CA ASP A 260 37.06 -1.68 -17.24
C ASP A 260 38.16 -2.04 -16.25
N CYS A 261 38.33 -1.18 -15.26
CA CYS A 261 39.34 -1.41 -14.23
C CYS A 261 38.92 -2.44 -13.20
N GLY A 262 37.70 -2.96 -13.27
CA GLY A 262 37.34 -4.12 -12.48
C GLY A 262 37.96 -5.41 -12.97
N SER A 263 38.60 -5.38 -14.14
CA SER A 263 39.35 -6.51 -14.67
C SER A 263 40.83 -6.11 -14.77
N ALA A 264 41.71 -7.10 -14.62
CA ALA A 264 43.14 -6.82 -14.64
C ALA A 264 43.54 -6.23 -15.99
N GLU A 265 43.04 -6.80 -17.10
CA GLU A 265 43.43 -6.30 -18.41
C GLU A 265 43.05 -4.83 -18.57
N GLY A 266 41.82 -4.46 -18.22
CA GLY A 266 41.41 -3.08 -18.32
C GLY A 266 42.15 -2.17 -17.37
N TYR A 267 42.59 -2.69 -16.23
CA TYR A 267 43.39 -1.91 -15.29
C TYR A 267 44.72 -1.51 -15.91
N ILE A 268 45.36 -2.44 -16.61
CA ILE A 268 46.62 -2.12 -17.28
C ILE A 268 46.39 -1.07 -18.37
N GLU A 269 45.32 -1.25 -19.15
CA GLU A 269 44.98 -0.29 -20.20
C GLU A 269 44.86 1.11 -19.63
N ALA A 270 44.16 1.26 -18.50
CA ALA A 270 43.99 2.57 -17.90
C ALA A 270 45.32 3.14 -17.41
N THR A 271 46.16 2.29 -16.80
CA THR A 271 47.45 2.76 -16.31
C THR A 271 48.29 3.33 -17.44
N ASN A 272 48.42 2.58 -18.54
CA ASN A 272 49.20 3.06 -19.68
C ASN A 272 48.58 4.31 -20.29
N PHE A 273 47.25 4.32 -20.47
CA PHE A 273 46.61 5.48 -21.06
C PHE A 273 46.83 6.73 -20.22
N CYS A 274 46.55 6.63 -18.91
CA CYS A 274 46.69 7.79 -18.05
C CYS A 274 48.14 8.19 -17.87
N TYR A 275 49.08 7.25 -18.04
CA TYR A 275 50.49 7.61 -17.93
C TYR A 275 50.91 8.51 -19.08
N GLU A 276 50.54 8.14 -20.31
CA GLU A 276 50.99 8.89 -21.48
C GLU A 276 50.31 10.24 -21.59
N ASN A 277 49.00 10.24 -21.36
CA ASN A 277 48.10 11.40 -21.60
C ASN A 277 47.86 12.28 -20.38
N LEU A 278 47.99 11.80 -19.16
CA LEU A 278 47.68 12.65 -17.99
C LEU A 278 48.89 12.96 -17.11
N TYR A 279 49.76 12.00 -16.81
CA TYR A 279 50.89 12.20 -15.89
C TYR A 279 51.87 13.23 -16.44
N LYS A 280 52.24 13.16 -17.71
CA LYS A 280 53.23 14.09 -18.32
C LYS A 280 52.55 15.40 -18.69
N THR A 281 51.57 15.37 -19.59
CA THR A 281 50.57 16.43 -19.85
C THR A 281 51.24 17.80 -20.00
N ALA B 1 -1.55 -27.19 -34.90
CA ALA B 1 -0.76 -26.25 -34.05
C ALA B 1 -1.58 -25.82 -32.85
N LEU B 2 -2.18 -26.79 -32.17
CA LEU B 2 -3.10 -26.54 -31.06
C LEU B 2 -2.72 -27.44 -29.90
N VAL B 3 -2.44 -26.84 -28.75
CA VAL B 3 -1.94 -27.55 -27.59
C VAL B 3 -3.14 -28.02 -26.75
N PRO B 4 -3.27 -29.31 -26.47
CA PRO B 4 -4.30 -29.76 -25.52
C PRO B 4 -3.93 -29.39 -24.10
N ARG B 5 -4.87 -28.78 -23.38
CA ARG B 5 -4.69 -28.42 -21.98
C ARG B 5 -5.85 -28.95 -21.14
N GLY B 6 -6.28 -30.17 -21.41
CA GLY B 6 -7.41 -30.76 -20.73
C GLY B 6 -7.07 -31.31 -19.36
N SER B 7 -7.90 -32.25 -18.91
CA SER B 7 -7.71 -32.85 -17.61
C SER B 7 -6.45 -33.70 -17.60
N ILE B 8 -5.73 -33.69 -16.46
CA ILE B 8 -4.52 -34.48 -16.30
C ILE B 8 -4.87 -35.80 -15.64
N LYS B 9 -4.47 -36.90 -16.25
CA LYS B 9 -4.72 -38.23 -15.71
C LYS B 9 -3.49 -39.13 -15.68
N LYS B 10 -2.42 -38.79 -16.39
CA LYS B 10 -1.26 -39.65 -16.52
C LYS B 10 -0.06 -39.04 -15.81
N CYS B 11 0.79 -39.90 -15.26
CA CYS B 11 2.02 -39.48 -14.60
C CYS B 11 3.15 -40.38 -15.08
N LEU B 12 4.28 -39.78 -15.46
CA LEU B 12 5.42 -40.48 -16.02
C LEU B 12 6.57 -40.47 -15.02
N PHE B 13 7.24 -41.62 -14.88
CA PHE B 13 8.33 -41.76 -13.92
C PHE B 13 9.60 -42.22 -14.62
N PRO B 14 10.54 -41.31 -14.90
CA PRO B 14 11.83 -41.75 -15.47
C PRO B 14 12.67 -42.43 -14.40
N ALA B 15 13.05 -43.67 -14.67
CA ALA B 15 13.84 -44.48 -13.74
C ALA B 15 14.90 -45.28 -14.50
N ALA B 16 15.54 -44.64 -15.47
CA ALA B 16 16.55 -45.30 -16.30
C ALA B 16 17.94 -44.70 -16.11
N GLY B 17 18.13 -43.91 -15.06
CA GLY B 17 19.43 -43.31 -14.83
C GLY B 17 20.47 -44.33 -14.45
N TYR B 18 21.74 -43.94 -14.61
CA TYR B 18 22.84 -44.83 -14.30
C TYR B 18 22.97 -45.07 -12.79
N GLY B 19 22.61 -44.09 -11.98
CA GLY B 19 22.68 -44.23 -10.54
C GLY B 19 24.05 -44.62 -10.04
N THR B 20 25.07 -43.88 -10.52
CA THR B 20 26.46 -44.21 -10.20
C THR B 20 26.79 -43.99 -8.73
N ARG B 21 26.08 -43.08 -8.06
CA ARG B 21 26.46 -42.72 -6.69
C ARG B 21 26.29 -43.88 -5.71
N PHE B 22 25.39 -44.83 -6.01
CA PHE B 22 25.16 -45.99 -5.16
C PHE B 22 25.43 -47.26 -5.96
N LEU B 23 26.57 -47.32 -6.59
CA LEU B 23 26.69 -48.19 -7.74
C LEU B 23 26.65 -49.68 -7.36
N PRO B 24 27.34 -50.13 -6.32
CA PRO B 24 27.25 -51.58 -6.00
C PRO B 24 25.81 -52.03 -5.85
N ALA B 25 25.04 -51.31 -5.03
CA ALA B 25 23.66 -51.71 -4.76
C ALA B 25 22.80 -51.63 -6.01
N THR B 26 23.05 -50.63 -6.86
CA THR B 26 22.20 -50.38 -8.02
C THR B 26 22.62 -51.17 -9.26
N LYS B 27 23.59 -52.07 -9.13
CA LYS B 27 24.00 -52.89 -10.26
C LYS B 27 22.81 -53.51 -10.97
N ALA B 28 21.85 -54.03 -10.20
CA ALA B 28 20.68 -54.69 -10.76
C ALA B 28 19.38 -54.09 -10.22
N MET B 29 19.42 -52.84 -9.81
CA MET B 29 18.30 -52.18 -9.16
C MET B 29 18.39 -50.70 -9.48
N PRO B 30 17.31 -50.05 -9.91
CA PRO B 30 17.37 -48.62 -10.18
C PRO B 30 17.53 -47.82 -8.89
N LYS B 31 18.24 -46.69 -9.01
CA LYS B 31 18.38 -45.80 -7.87
C LYS B 31 17.04 -45.47 -7.25
N GLU B 32 15.98 -45.44 -8.06
CA GLU B 32 14.65 -45.14 -7.58
C GLU B 32 14.00 -46.30 -6.81
N MET B 33 14.69 -47.37 -6.55
CA MET B 33 14.13 -48.48 -5.76
C MET B 33 14.84 -48.59 -4.42
N LEU B 34 15.75 -47.68 -4.10
CA LEU B 34 16.51 -47.79 -2.85
C LEU B 34 15.50 -47.62 -1.73
N PRO B 35 15.40 -48.50 -0.73
CA PRO B 35 14.41 -48.34 0.27
C PRO B 35 14.74 -47.22 1.25
N VAL B 36 13.82 -46.31 1.50
CA VAL B 36 14.00 -45.30 2.57
C VAL B 36 13.42 -45.99 3.79
N VAL B 37 14.25 -46.68 4.57
CA VAL B 37 13.90 -47.49 5.78
C VAL B 37 13.19 -48.78 5.30
N ASN B 38 12.00 -48.70 4.76
CA ASN B 38 11.29 -49.91 4.25
C ASN B 38 10.35 -49.67 3.07
N LYS B 39 10.37 -48.54 2.38
CA LYS B 39 9.43 -48.27 1.29
C LYS B 39 10.27 -47.80 0.13
N PRO B 40 10.27 -48.40 -1.07
CA PRO B 40 11.13 -47.90 -2.12
C PRO B 40 10.83 -46.45 -2.52
N LEU B 41 11.85 -45.68 -2.85
CA LEU B 41 11.75 -44.27 -3.28
C LEU B 41 10.61 -44.09 -4.27
N ILE B 42 10.45 -44.99 -5.23
CA ILE B 42 9.46 -44.77 -6.27
C ILE B 42 8.05 -45.06 -5.75
N GLN B 43 7.91 -45.92 -4.74
CA GLN B 43 6.58 -46.13 -4.16
C GLN B 43 6.07 -44.85 -3.52
N TYR B 44 6.93 -44.15 -2.77
CA TYR B 44 6.55 -42.84 -2.26
C TYR B 44 6.04 -41.96 -3.40
N ALA B 45 6.73 -41.98 -4.54
CA ALA B 45 6.37 -41.11 -5.65
C ALA B 45 5.02 -41.49 -6.24
N VAL B 46 4.78 -42.80 -6.43
CA VAL B 46 3.53 -43.22 -7.04
C VAL B 46 2.36 -42.95 -6.11
N GLU B 47 2.57 -43.10 -4.80
CA GLU B 47 1.53 -42.71 -3.84
C GLU B 47 1.26 -41.21 -3.95
N GLU B 48 2.31 -40.41 -4.19
CA GLU B 48 2.11 -38.99 -4.45
C GLU B 48 1.17 -38.78 -5.63
N ALA B 49 1.39 -39.53 -6.71
CA ALA B 49 0.54 -39.37 -7.90
C ALA B 49 -0.89 -39.79 -7.61
N LEU B 50 -1.08 -40.86 -6.83
CA LEU B 50 -2.44 -41.30 -6.54
C LEU B 50 -3.17 -40.27 -5.69
N GLU B 51 -2.48 -39.64 -4.74
CA GLU B 51 -3.12 -38.59 -3.94
C GLU B 51 -3.57 -37.44 -4.84
N ALA B 52 -2.79 -37.12 -5.87
CA ALA B 52 -3.14 -36.05 -6.79
C ALA B 52 -4.27 -36.43 -7.74
N GLY B 53 -4.68 -37.70 -7.75
CA GLY B 53 -5.73 -38.16 -8.64
C GLY B 53 -5.24 -38.78 -9.93
N LEU B 54 -3.94 -38.99 -10.07
CA LEU B 54 -3.35 -39.57 -11.27
C LEU B 54 -3.16 -41.06 -11.01
N SER B 55 -4.03 -41.88 -11.59
CA SER B 55 -3.97 -43.33 -11.43
C SER B 55 -3.38 -44.04 -12.63
N GLU B 56 -2.90 -43.30 -13.63
CA GLU B 56 -2.29 -43.87 -14.83
C GLU B 56 -0.80 -43.55 -14.79
N ILE B 57 0.00 -44.55 -14.47
CA ILE B 57 1.42 -44.37 -14.17
C ILE B 57 2.22 -45.09 -15.24
N GLY B 58 3.13 -44.35 -15.88
CA GLY B 58 4.06 -44.92 -16.84
C GLY B 58 5.49 -44.77 -16.33
N ILE B 59 6.24 -45.86 -16.43
CA ILE B 59 7.60 -45.92 -15.91
C ILE B 59 8.57 -46.19 -17.05
N VAL B 60 9.58 -45.34 -17.17
CA VAL B 60 10.64 -45.52 -18.16
C VAL B 60 11.76 -46.28 -17.47
N THR B 61 12.00 -47.50 -17.92
CA THR B 61 12.89 -48.44 -17.23
C THR B 61 14.25 -48.49 -17.91
N GLY B 62 15.23 -48.99 -17.16
CA GLY B 62 16.60 -49.07 -17.66
C GLY B 62 17.32 -50.34 -17.23
N ARG B 63 18.44 -50.18 -16.51
CA ARG B 63 19.27 -51.33 -16.20
C ARG B 63 18.53 -52.32 -15.30
N GLY B 64 18.11 -51.88 -14.12
CA GLY B 64 17.39 -52.74 -13.21
C GLY B 64 15.90 -52.65 -13.44
N LYS B 65 15.50 -52.63 -14.70
CA LYS B 65 14.09 -52.45 -15.08
C LYS B 65 13.17 -53.43 -14.34
N ARG B 66 13.72 -54.58 -13.92
CA ARG B 66 13.02 -55.79 -13.41
C ARG B 66 12.72 -55.57 -11.94
N SER B 67 13.54 -54.79 -11.27
CA SER B 67 13.19 -54.45 -9.90
C SER B 67 11.91 -53.59 -9.88
N LEU B 68 11.79 -52.65 -10.82
CA LEU B 68 10.58 -51.84 -10.92
C LEU B 68 9.36 -52.72 -11.15
N GLU B 69 9.40 -53.55 -12.19
CA GLU B 69 8.21 -54.30 -12.58
C GLU B 69 7.76 -55.24 -11.48
N ASP B 70 8.68 -55.95 -10.84
CA ASP B 70 8.30 -56.93 -9.84
C ASP B 70 7.68 -56.29 -8.62
N HIS B 71 8.05 -55.05 -8.31
CA HIS B 71 7.51 -54.41 -7.11
C HIS B 71 6.07 -53.95 -7.29
N PHE B 72 5.68 -53.57 -8.51
CA PHE B 72 4.34 -53.04 -8.76
C PHE B 72 3.41 -54.07 -9.41
N ASP B 73 3.89 -55.28 -9.68
CA ASP B 73 3.04 -56.33 -10.21
C ASP B 73 2.46 -57.16 -9.07
N ILE B 74 1.47 -57.99 -9.38
CA ILE B 74 0.79 -58.79 -8.37
C ILE B 74 1.65 -60.03 -8.14
N SER B 75 2.39 -60.03 -7.02
CA SER B 75 3.25 -61.15 -6.67
C SER B 75 2.42 -62.23 -6.01
N TYR B 76 2.21 -63.35 -6.71
CA TYR B 76 1.40 -64.42 -6.14
C TYR B 76 2.14 -65.18 -5.05
N GLU B 77 3.47 -65.17 -5.08
CA GLU B 77 4.24 -65.80 -4.01
C GLU B 77 4.04 -65.04 -2.69
N LEU B 78 4.13 -63.70 -2.76
CA LEU B 78 3.97 -62.91 -1.55
C LEU B 78 2.61 -63.16 -0.91
N GLU B 79 1.58 -63.32 -1.72
CA GLU B 79 0.26 -63.56 -1.16
C GLU B 79 0.18 -64.96 -0.55
N HIS B 80 0.87 -65.95 -1.12
CA HIS B 80 0.83 -67.29 -0.53
C HIS B 80 1.47 -67.33 0.85
N GLN B 81 2.61 -66.65 1.02
CA GLN B 81 3.31 -66.63 2.31
C GLN B 81 2.52 -65.92 3.40
N ILE B 82 1.37 -65.34 3.10
CA ILE B 82 0.50 -64.71 4.14
C ILE B 82 -0.93 -65.32 3.99
N ARG B 83 -1.93 -64.68 3.38
CA ARG B 83 -3.30 -65.26 3.21
C ARG B 83 -3.84 -65.93 4.46
N ASN B 84 -3.23 -65.56 5.58
CA ASN B 84 -3.57 -66.11 6.87
C ASN B 84 -3.73 -64.96 7.82
N ASP B 86 -2.22 -62.01 9.10
CA ASP B 86 -2.28 -60.86 8.20
C ASP B 86 -1.20 -59.86 8.57
N LYS B 87 -0.11 -59.83 7.81
CA LYS B 87 0.94 -58.91 8.08
C LYS B 87 0.86 -57.92 6.93
N GLU B 88 -0.37 -57.52 6.57
CA GLU B 88 -0.69 -56.61 5.55
C GLU B 88 -0.77 -55.21 6.13
N LYS B 89 -0.49 -55.00 7.39
CA LYS B 89 -0.26 -53.65 7.85
C LYS B 89 0.80 -52.96 6.99
N TYR B 90 1.81 -53.72 6.58
CA TYR B 90 2.88 -53.16 5.76
C TYR B 90 2.47 -52.98 4.31
N LEU B 91 1.55 -53.80 3.82
CA LEU B 91 1.19 -53.86 2.42
C LEU B 91 -0.04 -53.02 2.09
N VAL B 92 -0.48 -52.16 3.01
CA VAL B 92 -1.63 -51.32 2.73
C VAL B 92 -1.36 -50.42 1.54
N GLY B 93 -0.19 -49.76 1.53
CA GLY B 93 0.09 -48.79 0.50
C GLY B 93 0.29 -49.41 -0.87
N ILE B 94 1.08 -50.49 -0.93
CA ILE B 94 1.40 -51.06 -2.23
C ILE B 94 0.20 -51.80 -2.81
N ARG B 95 -0.59 -52.47 -1.96
CA ARG B 95 -1.78 -53.12 -2.47
C ARG B 95 -2.77 -52.10 -3.03
N ARG B 96 -2.89 -50.95 -2.36
CA ARG B 96 -3.71 -49.86 -2.89
C ARG B 96 -3.26 -49.48 -4.30
N LEU B 97 -1.96 -49.27 -4.48
CA LEU B 97 -1.45 -48.88 -5.79
C LEU B 97 -1.78 -49.92 -6.85
N ILE B 98 -1.65 -51.20 -6.51
CA ILE B 98 -1.89 -52.23 -7.50
C ILE B 98 -3.37 -52.33 -7.84
N ASP B 99 -4.25 -51.97 -6.90
CA ASP B 99 -5.68 -52.09 -7.13
C ASP B 99 -6.29 -50.84 -7.76
N GLU B 100 -5.68 -49.67 -7.54
CA GLU B 100 -6.26 -48.41 -7.99
C GLU B 100 -5.51 -47.76 -9.14
N CYS B 101 -4.36 -48.29 -9.55
CA CYS B 101 -3.59 -47.72 -10.64
C CYS B 101 -3.43 -48.72 -11.77
N THR B 102 -3.08 -48.20 -12.94
CA THR B 102 -2.66 -49.00 -14.08
C THR B 102 -1.21 -48.64 -14.38
N PHE B 103 -0.36 -49.65 -14.54
CA PHE B 103 1.05 -49.45 -14.78
C PHE B 103 1.41 -49.92 -16.19
N ALA B 104 2.16 -49.09 -16.91
CA ALA B 104 2.71 -49.43 -18.22
C ALA B 104 4.19 -49.10 -18.22
N TYR B 105 4.98 -49.94 -18.88
CA TYR B 105 6.43 -49.80 -18.88
C TYR B 105 6.96 -49.69 -20.30
N THR B 106 8.02 -48.90 -20.47
CA THR B 106 8.75 -48.81 -21.71
C THR B 106 10.21 -48.56 -21.38
N ARG B 107 11.10 -49.12 -22.18
CA ARG B 107 12.52 -49.07 -21.90
C ARG B 107 13.18 -47.91 -22.65
N GLN B 108 14.15 -47.28 -21.99
CA GLN B 108 15.02 -46.33 -22.65
C GLN B 108 16.28 -47.06 -23.09
N VAL B 109 16.51 -47.09 -24.40
CA VAL B 109 17.56 -47.93 -24.96
C VAL B 109 18.94 -47.39 -24.60
N GLU B 110 19.18 -46.12 -24.91
CA GLU B 110 20.44 -45.45 -24.61
C GLU B 110 20.16 -44.26 -23.70
N MET B 111 21.07 -44.01 -22.77
CA MET B 111 20.92 -42.89 -21.84
C MET B 111 21.44 -41.63 -22.50
N LYS B 112 20.52 -40.76 -22.92
CA LYS B 112 20.87 -39.47 -23.50
C LYS B 112 20.41 -38.31 -22.64
N GLY B 113 19.85 -38.56 -21.46
CA GLY B 113 19.45 -37.52 -20.54
C GLY B 113 17.99 -37.62 -20.14
N LEU B 114 17.62 -36.74 -19.20
CA LEU B 114 16.25 -36.74 -18.68
C LEU B 114 15.25 -36.33 -19.76
N GLY B 115 15.60 -35.34 -20.58
CA GLY B 115 14.71 -34.95 -21.66
C GLY B 115 14.45 -36.09 -22.63
N HIS B 116 15.51 -36.80 -23.03
CA HIS B 116 15.32 -37.98 -23.87
C HIS B 116 14.52 -39.06 -23.14
N ALA B 117 14.68 -39.17 -21.82
CA ALA B 117 13.90 -40.13 -21.07
C ALA B 117 12.41 -39.78 -21.11
N ILE B 118 12.08 -38.50 -20.94
CA ILE B 118 10.67 -38.11 -20.99
C ILE B 118 10.12 -38.33 -22.39
N LEU B 119 10.91 -38.02 -23.42
CA LEU B 119 10.48 -38.31 -24.78
C LEU B 119 10.30 -39.81 -24.99
N THR B 120 11.08 -40.64 -24.29
CA THR B 120 10.95 -42.08 -24.42
C THR B 120 9.57 -42.56 -23.99
N GLY B 121 8.95 -41.87 -23.04
CA GLY B 121 7.63 -42.22 -22.56
C GLY B 121 6.48 -41.68 -23.39
N ARG B 122 6.77 -41.05 -24.52
CA ARG B 122 5.72 -40.51 -25.37
C ARG B 122 4.69 -41.55 -25.78
N PRO B 123 5.05 -42.79 -26.17
CA PRO B 123 4.01 -43.76 -26.52
C PRO B 123 3.08 -44.08 -25.36
N LEU B 124 3.55 -43.92 -24.13
CA LEU B 124 2.71 -44.17 -22.97
C LEU B 124 1.76 -43.01 -22.66
N ILE B 125 2.06 -41.81 -23.20
CA ILE B 125 1.33 -40.60 -22.83
C ILE B 125 0.37 -40.18 -23.94
N GLY B 126 0.90 -39.90 -25.14
CA GLY B 126 0.06 -39.42 -26.22
C GLY B 126 0.00 -37.90 -26.26
N ASP B 127 -1.07 -37.40 -26.88
CA ASP B 127 -1.33 -35.96 -26.96
C ASP B 127 -2.18 -35.56 -25.75
N GLU B 128 -1.57 -35.68 -24.58
CA GLU B 128 -2.20 -35.41 -23.30
C GLU B 128 -1.28 -34.57 -22.43
N PRO B 129 -1.84 -33.73 -21.57
CA PRO B 129 -1.02 -33.15 -20.49
C PRO B 129 -0.70 -34.24 -19.48
N PHE B 130 0.52 -34.19 -18.94
CA PHE B 130 0.96 -35.24 -18.04
C PHE B 130 1.92 -34.66 -17.01
N ALA B 131 2.03 -35.35 -15.88
CA ALA B 131 2.98 -35.01 -14.84
C ALA B 131 4.19 -35.92 -14.92
N VAL B 132 5.34 -35.39 -14.51
CA VAL B 132 6.58 -36.14 -14.48
C VAL B 132 7.16 -36.04 -13.07
N VAL B 133 7.49 -37.19 -12.50
CA VAL B 133 8.03 -37.27 -11.14
C VAL B 133 9.39 -37.95 -11.21
N LEU B 134 10.39 -37.29 -10.63
CA LEU B 134 11.73 -37.86 -10.47
C LEU B 134 11.78 -38.43 -9.05
N ALA B 135 11.78 -39.76 -8.95
CA ALA B 135 11.63 -40.40 -7.65
C ALA B 135 12.83 -40.23 -6.74
N ASP B 136 13.99 -39.79 -7.25
CA ASP B 136 15.12 -39.52 -6.36
C ASP B 136 14.88 -38.29 -5.50
N ASP B 137 13.90 -37.45 -5.85
CA ASP B 137 13.48 -36.33 -5.02
C ASP B 137 12.33 -36.81 -4.14
N LEU B 138 12.64 -37.14 -2.89
CA LEU B 138 11.63 -37.56 -1.93
C LEU B 138 10.99 -36.31 -1.34
N CYS B 139 9.71 -36.11 -1.62
CA CYS B 139 8.97 -34.94 -1.15
C CYS B 139 7.89 -35.38 -0.17
N LEU B 140 7.89 -34.76 1.01
CA LEU B 140 6.90 -35.03 2.04
C LEU B 140 6.21 -33.75 2.45
N ASN B 141 4.89 -33.81 2.61
CA ASN B 141 4.10 -32.73 3.20
C ASN B 141 3.10 -33.40 4.14
N LEU B 142 3.52 -33.58 5.40
CA LEU B 142 2.68 -34.28 6.37
C LEU B 142 1.58 -33.41 6.93
N GLU B 143 1.75 -32.08 6.87
CA GLU B 143 0.73 -31.14 7.35
C GLU B 143 -0.16 -30.63 6.23
N GLY B 144 -0.12 -31.27 5.06
CA GLY B 144 -0.98 -30.86 3.97
C GLY B 144 -0.88 -31.71 2.73
N ASP B 145 -1.12 -31.08 1.59
CA ASP B 145 -1.19 -31.79 0.32
C ASP B 145 0.20 -32.13 -0.20
N SER B 146 0.28 -33.20 -0.98
CA SER B 146 1.54 -33.57 -1.58
C SER B 146 1.94 -32.54 -2.64
N VAL B 147 3.25 -32.48 -2.92
CA VAL B 147 3.77 -31.49 -3.85
C VAL B 147 3.04 -31.56 -5.18
N LEU B 148 2.84 -32.78 -5.69
CA LEU B 148 2.18 -32.91 -6.99
C LEU B 148 0.71 -32.50 -6.90
N LYS B 149 0.05 -32.81 -5.78
CA LYS B 149 -1.33 -32.38 -5.60
C LYS B 149 -1.44 -30.86 -5.66
N GLN B 150 -0.52 -30.16 -4.98
CA GLN B 150 -0.49 -28.70 -5.08
C GLN B 150 -0.33 -28.26 -6.53
N MET B 151 0.57 -28.91 -7.27
CA MET B 151 0.85 -28.50 -8.64
C MET B 151 -0.32 -28.78 -9.57
N VAL B 152 -1.05 -29.87 -9.34
CA VAL B 152 -2.22 -30.15 -10.17
C VAL B 152 -3.27 -29.06 -9.97
N LYS B 153 -3.49 -28.64 -8.73
CA LYS B 153 -4.45 -27.57 -8.46
C LYS B 153 -4.08 -26.31 -9.24
N LEU B 154 -2.77 -26.00 -9.29
CA LEU B 154 -2.34 -24.79 -9.99
C LEU B 154 -2.49 -24.93 -11.50
N TYR B 155 -2.24 -26.13 -12.02
CA TYR B 155 -2.44 -26.35 -13.45
C TYR B 155 -3.92 -26.20 -13.83
N ASN B 156 -4.81 -26.75 -13.00
CA ASN B 156 -6.23 -26.68 -13.31
C ASN B 156 -6.70 -25.24 -13.41
N GLN B 157 -6.01 -24.31 -12.74
CA GLN B 157 -6.41 -22.91 -12.73
C GLN B 157 -5.77 -22.14 -13.89
N PHE B 158 -4.47 -22.33 -14.11
CA PHE B 158 -3.74 -21.56 -15.10
C PHE B 158 -3.34 -22.35 -16.33
N ARG B 159 -3.36 -23.68 -16.26
CA ARG B 159 -3.22 -24.54 -17.44
C ARG B 159 -1.93 -24.26 -18.21
N CYS B 160 -0.84 -24.12 -17.47
CA CYS B 160 0.50 -24.00 -18.04
C CYS B 160 1.34 -25.19 -17.60
N SER B 161 2.54 -25.28 -18.15
CA SER B 161 3.54 -26.20 -17.60
C SER B 161 4.01 -25.68 -16.26
N ILE B 162 4.19 -26.59 -15.30
CA ILE B 162 4.55 -26.23 -13.94
C ILE B 162 5.83 -26.95 -13.57
N VAL B 163 6.77 -26.21 -12.98
CA VAL B 163 8.03 -26.77 -12.51
C VAL B 163 8.17 -26.43 -11.04
N ALA B 164 8.31 -27.46 -10.20
CA ALA B 164 8.49 -27.24 -8.77
C ALA B 164 9.89 -26.71 -8.51
N ILE B 165 9.97 -25.64 -7.70
CA ILE B 165 11.25 -25.03 -7.38
C ILE B 165 11.35 -24.84 -5.86
N GLN B 166 12.58 -24.59 -5.42
CA GLN B 166 12.86 -24.22 -4.04
C GLN B 166 14.12 -23.38 -4.04
N GLU B 167 14.22 -22.44 -3.10
CA GLU B 167 15.42 -21.65 -2.99
C GLU B 167 16.53 -22.44 -2.31
N VAL B 168 17.73 -22.34 -2.87
CA VAL B 168 18.89 -23.09 -2.38
C VAL B 168 20.07 -22.13 -2.26
N PRO B 169 21.08 -22.48 -1.46
CA PRO B 169 22.23 -21.59 -1.33
C PRO B 169 22.95 -21.43 -2.67
N PRO B 170 23.55 -20.27 -2.91
CA PRO B 170 24.15 -20.04 -4.24
C PRO B 170 25.28 -20.98 -4.58
N GLU B 171 25.94 -21.57 -3.58
CA GLU B 171 27.10 -22.42 -3.85
C GLU B 171 26.70 -23.79 -4.41
N GLU B 172 25.49 -24.25 -4.13
CA GLU B 172 25.01 -25.54 -4.59
C GLU B 172 24.30 -25.47 -5.93
N THR B 173 24.29 -24.29 -6.57
CA THR B 173 23.49 -24.10 -7.77
C THR B 173 23.94 -24.99 -8.92
N ASN B 174 25.16 -25.50 -8.89
CA ASN B 174 25.65 -26.34 -9.98
C ASN B 174 25.09 -27.75 -9.94
N LYS B 175 24.29 -28.10 -8.93
CA LYS B 175 23.68 -29.42 -8.85
C LYS B 175 22.28 -29.46 -9.46
N TYR B 176 21.68 -28.30 -9.70
CA TYR B 176 20.29 -28.21 -10.12
C TYR B 176 20.17 -27.46 -11.44
N GLY B 177 18.96 -27.51 -12.00
CA GLY B 177 18.55 -26.55 -13.01
C GLY B 177 17.95 -25.34 -12.32
N VAL B 178 18.24 -24.16 -12.85
CA VAL B 178 17.86 -22.90 -12.22
C VAL B 178 17.00 -22.10 -13.18
N ILE B 179 16.01 -21.40 -12.63
CA ILE B 179 15.09 -20.59 -13.41
C ILE B 179 15.20 -19.14 -12.97
N ALA B 180 14.67 -18.25 -13.80
CA ALA B 180 14.54 -16.84 -13.47
C ALA B 180 13.34 -16.31 -14.23
N GLY B 181 12.58 -15.43 -13.58
CA GLY B 181 11.38 -14.92 -14.23
C GLY B 181 10.67 -13.91 -13.35
N GLU B 182 9.52 -13.45 -13.87
CA GLU B 182 8.70 -12.48 -13.17
C GLU B 182 7.89 -13.17 -12.09
N MET B 183 7.86 -12.56 -10.90
CA MET B 183 7.15 -13.13 -9.76
C MET B 183 5.70 -12.65 -9.79
N ILE B 184 4.77 -13.58 -10.04
CA ILE B 184 3.36 -13.24 -10.02
C ILE B 184 2.87 -13.09 -8.59
N ARG B 185 3.19 -14.08 -7.75
CA ARG B 185 2.86 -14.05 -6.33
C ARG B 185 4.00 -14.77 -5.61
N ASP B 186 3.98 -14.73 -4.28
CA ASP B 186 5.17 -15.10 -3.53
C ASP B 186 5.70 -16.47 -3.92
N ASP B 187 4.84 -17.40 -4.30
CA ASP B 187 5.25 -18.76 -4.64
C ASP B 187 5.04 -19.11 -6.10
N ILE B 188 4.76 -18.13 -6.96
CA ILE B 188 4.54 -18.37 -8.38
C ILE B 188 5.40 -17.40 -9.19
N PHE B 189 6.16 -17.93 -10.15
CA PHE B 189 6.96 -17.13 -11.06
C PHE B 189 6.65 -17.53 -12.49
N ARG B 190 6.73 -16.55 -13.40
CA ARG B 190 6.61 -16.78 -14.84
C ARG B 190 8.02 -16.90 -15.40
N VAL B 191 8.38 -18.09 -15.86
CA VAL B 191 9.76 -18.37 -16.24
C VAL B 191 10.12 -17.65 -17.53
N ASN B 192 11.28 -16.98 -17.52
CA ASN B 192 11.88 -16.44 -18.74
C ASN B 192 13.06 -17.25 -19.22
N THR B 193 13.95 -17.67 -18.30
CA THR B 193 15.16 -18.36 -18.68
C THR B 193 15.41 -19.52 -17.73
N MET B 194 16.00 -20.58 -18.29
CA MET B 194 16.33 -21.78 -17.53
C MET B 194 17.64 -22.33 -18.05
N VAL B 195 18.56 -22.61 -17.13
CA VAL B 195 19.86 -23.17 -17.45
C VAL B 195 20.10 -24.36 -16.53
N GLU B 196 20.71 -25.41 -17.08
CA GLU B 196 20.94 -26.66 -16.35
C GLU B 196 22.32 -26.66 -15.74
N LYS B 197 22.38 -26.84 -14.42
CA LYS B 197 23.63 -26.93 -13.68
C LYS B 197 24.61 -25.85 -14.09
N PRO B 198 24.29 -24.58 -13.81
CA PRO B 198 25.22 -23.50 -14.14
C PRO B 198 26.26 -23.32 -13.04
N LYS B 199 27.37 -22.70 -13.43
CA LYS B 199 28.38 -22.34 -12.44
C LYS B 199 27.86 -21.21 -11.56
N PRO B 200 28.12 -21.24 -10.25
CA PRO B 200 27.47 -20.28 -9.36
C PRO B 200 27.54 -18.84 -9.81
N GLU B 201 28.59 -18.46 -10.55
CA GLU B 201 28.66 -17.09 -11.04
C GLU B 201 27.63 -16.83 -12.15
N GLU B 202 27.26 -17.86 -12.91
CA GLU B 202 26.38 -17.70 -14.06
C GLU B 202 24.95 -18.13 -13.77
N ALA B 203 24.56 -18.21 -12.51
CA ALA B 203 23.22 -18.70 -12.19
C ALA B 203 22.20 -17.57 -12.30
N PRO B 204 21.07 -17.80 -12.97
CA PRO B 204 20.08 -16.72 -13.07
C PRO B 204 19.49 -16.30 -11.74
N SER B 205 19.36 -17.22 -10.79
CA SER B 205 18.83 -16.92 -9.48
C SER B 205 19.26 -18.04 -8.53
N ASN B 206 18.64 -18.08 -7.35
CA ASN B 206 18.83 -19.18 -6.41
C ASN B 206 17.64 -20.13 -6.41
N LEU B 207 16.84 -20.14 -7.46
CA LEU B 207 15.62 -20.93 -7.55
C LEU B 207 15.91 -22.20 -8.36
N ALA B 208 15.95 -23.33 -7.67
CA ALA B 208 16.40 -24.59 -8.25
C ALA B 208 15.21 -25.51 -8.54
N ILE B 209 15.27 -26.19 -9.67
CA ILE B 209 14.20 -27.11 -10.08
C ILE B 209 14.31 -28.40 -9.27
N ILE B 210 13.20 -28.81 -8.68
CA ILE B 210 13.09 -30.12 -8.04
C ILE B 210 12.22 -31.00 -8.94
N GLY B 211 12.47 -32.31 -8.89
CA GLY B 211 11.89 -33.23 -9.83
C GLY B 211 10.39 -33.44 -9.76
N ARG B 212 9.63 -32.37 -9.99
CA ARG B 212 8.17 -32.45 -10.10
C ARG B 212 7.75 -31.51 -11.23
N TYR B 213 7.09 -32.06 -12.25
CA TYR B 213 6.72 -31.29 -13.42
C TYR B 213 5.26 -31.52 -13.78
N ILE B 214 4.64 -30.50 -14.36
CA ILE B 214 3.40 -30.61 -15.10
C ILE B 214 3.71 -30.09 -16.50
N LEU B 215 3.46 -30.91 -17.52
CA LEU B 215 3.88 -30.59 -18.87
C LEU B 215 2.73 -30.75 -19.86
N THR B 216 2.65 -29.80 -20.82
CA THR B 216 1.75 -29.95 -21.95
C THR B 216 2.44 -30.73 -23.07
N PRO B 217 1.67 -31.45 -23.89
CA PRO B 217 2.30 -32.41 -24.83
C PRO B 217 3.15 -31.80 -25.92
N ASP B 218 3.14 -30.48 -26.10
CA ASP B 218 4.04 -29.90 -27.10
C ASP B 218 5.50 -29.93 -26.65
N ILE B 219 5.77 -30.34 -25.40
CA ILE B 219 7.15 -30.49 -24.96
C ILE B 219 7.84 -31.61 -25.72
N PHE B 220 7.07 -32.62 -26.16
CA PHE B 220 7.66 -33.71 -26.94
C PHE B 220 8.30 -33.18 -28.22
N ASP B 221 7.55 -32.41 -29.01
CA ASP B 221 8.12 -31.82 -30.22
C ASP B 221 9.28 -30.89 -29.88
N LEU B 222 9.25 -30.27 -28.70
CA LEU B 222 10.35 -29.40 -28.30
C LEU B 222 11.57 -30.19 -27.86
N ILE B 223 11.38 -31.34 -27.23
CA ILE B 223 12.53 -32.17 -26.87
C ILE B 223 13.23 -32.68 -28.12
N GLU B 224 12.46 -33.03 -29.15
CA GLU B 224 13.04 -33.50 -30.39
C GLU B 224 13.86 -32.41 -31.09
N GLN B 225 13.57 -31.13 -30.82
CA GLN B 225 14.31 -30.02 -31.39
C GLN B 225 15.45 -29.56 -30.49
N THR B 226 15.62 -30.16 -29.33
CA THR B 226 16.60 -29.72 -28.35
C THR B 226 17.96 -30.34 -28.66
N GLU B 227 19.01 -29.52 -28.61
CA GLU B 227 20.35 -30.01 -28.85
C GLU B 227 20.99 -30.46 -27.54
N PRO B 228 21.87 -31.45 -27.58
CA PRO B 228 22.55 -31.91 -26.36
C PRO B 228 23.18 -30.76 -25.60
N GLY B 229 22.95 -30.74 -24.28
CA GLY B 229 23.46 -29.68 -23.43
C GLY B 229 24.50 -30.16 -22.44
N LYS B 230 24.29 -29.84 -21.16
CA LYS B 230 25.27 -30.18 -20.12
C LYS B 230 25.62 -31.65 -20.16
N GLY B 231 26.90 -31.95 -20.41
CA GLY B 231 27.36 -33.32 -20.47
C GLY B 231 26.98 -34.06 -21.74
N GLY B 232 26.53 -33.36 -22.77
CA GLY B 232 26.10 -34.01 -23.99
C GLY B 232 24.76 -34.71 -23.90
N GLU B 233 24.02 -34.49 -22.81
CA GLU B 233 22.70 -35.08 -22.65
C GLU B 233 21.63 -34.11 -23.13
N ILE B 234 20.43 -34.64 -23.37
CA ILE B 234 19.27 -33.85 -23.74
C ILE B 234 18.52 -33.53 -22.45
N GLN B 235 18.53 -32.26 -22.05
CA GLN B 235 17.96 -31.84 -20.77
C GLN B 235 16.53 -31.37 -20.96
N ILE B 236 15.65 -31.79 -20.04
CA ILE B 236 14.28 -31.27 -20.05
C ILE B 236 14.28 -29.79 -19.77
N THR B 237 15.29 -29.31 -19.01
CA THR B 237 15.41 -27.88 -18.75
C THR B 237 15.51 -27.09 -20.05
N ASP B 238 16.28 -27.60 -21.02
CA ASP B 238 16.49 -26.85 -22.25
C ASP B 238 15.27 -26.87 -23.15
N ALA B 239 14.51 -27.96 -23.14
CA ALA B 239 13.25 -27.97 -23.88
C ALA B 239 12.22 -27.07 -23.21
N LEU B 240 12.15 -27.10 -21.87
CA LEU B 240 11.25 -26.21 -21.16
C LEU B 240 11.62 -24.75 -21.37
N MET B 241 12.91 -24.46 -21.58
CA MET B 241 13.31 -23.11 -21.93
C MET B 241 12.60 -22.64 -23.19
N LYS B 242 12.60 -23.47 -24.24
CA LYS B 242 11.90 -23.12 -25.46
C LYS B 242 10.43 -22.87 -25.19
N GLN B 243 9.80 -23.76 -24.42
CA GLN B 243 8.38 -23.60 -24.12
C GLN B 243 8.11 -22.32 -23.33
N ALA B 244 9.07 -21.90 -22.49
CA ALA B 244 8.89 -20.68 -21.72
C ALA B 244 8.91 -19.44 -22.58
N GLN B 245 9.48 -19.51 -23.78
CA GLN B 245 9.60 -18.34 -24.64
C GLN B 245 8.25 -17.91 -25.19
N ASP B 246 7.66 -18.73 -26.06
CA ASP B 246 6.40 -18.37 -26.72
C ASP B 246 5.22 -19.09 -26.11
N GLY B 247 5.39 -19.64 -24.89
CA GLY B 247 4.32 -20.19 -24.11
C GLY B 247 4.40 -19.80 -22.65
N CYS B 248 3.66 -20.49 -21.80
CA CYS B 248 3.58 -20.19 -20.37
C CYS B 248 4.18 -21.35 -19.58
N VAL B 249 5.25 -21.07 -18.84
CA VAL B 249 5.86 -22.03 -17.93
C VAL B 249 5.96 -21.35 -16.57
N LEU B 250 5.38 -21.97 -15.54
CA LEU B 250 5.36 -21.41 -14.21
C LEU B 250 6.27 -22.21 -13.28
N ALA B 251 7.03 -21.49 -12.45
CA ALA B 251 7.82 -22.08 -11.38
C ALA B 251 7.06 -21.91 -10.07
N TYR B 252 6.99 -22.96 -9.27
CA TYR B 252 6.15 -23.00 -8.08
C TYR B 252 6.98 -23.35 -6.87
N LYS B 253 7.05 -22.43 -5.90
CA LYS B 253 7.72 -22.68 -4.63
C LYS B 253 6.80 -23.53 -3.77
N PHE B 254 6.98 -24.85 -3.84
CA PHE B 254 6.07 -25.76 -3.19
C PHE B 254 6.19 -25.68 -1.67
N LYS B 255 5.13 -26.11 -1.00
CA LYS B 255 5.11 -26.25 0.45
C LYS B 255 5.40 -27.70 0.81
N GLY B 256 6.40 -27.91 1.66
CA GLY B 256 6.77 -29.24 2.07
C GLY B 256 8.27 -29.41 2.17
N LYS B 257 8.70 -30.55 2.69
CA LYS B 257 10.10 -30.86 2.87
C LYS B 257 10.57 -31.78 1.75
N ARG B 258 11.74 -31.49 1.19
CA ARG B 258 12.32 -32.25 0.10
C ARG B 258 13.68 -32.79 0.50
N PHE B 259 13.93 -34.05 0.17
CA PHE B 259 15.20 -34.72 0.43
C PHE B 259 15.87 -35.07 -0.89
N ASP B 260 17.19 -34.83 -0.97
CA ASP B 260 17.95 -35.12 -2.19
C ASP B 260 18.50 -36.54 -2.09
N CYS B 261 17.65 -37.51 -2.36
CA CYS B 261 18.03 -38.91 -2.29
C CYS B 261 18.81 -39.39 -3.51
N GLY B 262 19.07 -38.51 -4.48
CA GLY B 262 20.04 -38.80 -5.51
C GLY B 262 21.47 -38.66 -5.05
N SER B 263 21.68 -38.04 -3.90
CA SER B 263 22.98 -37.94 -3.26
C SER B 263 22.99 -38.82 -2.02
N ALA B 264 24.17 -39.36 -1.70
CA ALA B 264 24.27 -40.20 -0.51
C ALA B 264 23.82 -39.41 0.73
N GLU B 265 24.28 -38.17 0.85
CA GLU B 265 23.97 -37.38 2.05
C GLU B 265 22.46 -37.24 2.25
N GLY B 266 21.74 -36.88 1.18
CA GLY B 266 20.30 -36.75 1.30
C GLY B 266 19.61 -38.07 1.55
N TYR B 267 20.15 -39.16 1.02
CA TYR B 267 19.59 -40.48 1.27
C TYR B 267 19.66 -40.81 2.75
N ILE B 268 20.81 -40.56 3.38
CA ILE B 268 20.94 -40.80 4.81
C ILE B 268 20.00 -39.89 5.58
N GLU B 269 19.92 -38.62 5.18
CA GLU B 269 19.06 -37.67 5.87
C GLU B 269 17.60 -38.10 5.78
N ALA B 270 17.17 -38.53 4.60
CA ALA B 270 15.80 -38.99 4.44
C ALA B 270 15.54 -40.25 5.27
N THR B 271 16.51 -41.15 5.31
CA THR B 271 16.35 -42.38 6.08
C THR B 271 16.05 -42.07 7.55
N ASN B 272 16.88 -41.22 8.17
CA ASN B 272 16.68 -40.92 9.58
C ASN B 272 15.38 -40.18 9.81
N PHE B 273 15.03 -39.25 8.93
CA PHE B 273 13.78 -38.50 9.11
C PHE B 273 12.59 -39.45 9.05
N CYS B 274 12.50 -40.25 8.00
CA CYS B 274 11.35 -41.13 7.85
C CYS B 274 11.36 -42.22 8.92
N TYR B 275 12.53 -42.61 9.41
CA TYR B 275 12.56 -43.61 10.48
C TYR B 275 11.92 -43.08 11.75
N GLU B 276 12.23 -41.84 12.12
CA GLU B 276 11.76 -41.29 13.39
C GLU B 276 10.32 -40.79 13.28
N ASN B 277 9.96 -40.20 12.14
CA ASN B 277 8.67 -39.54 11.99
C ASN B 277 7.62 -40.37 11.26
N LEU B 278 8.02 -41.47 10.63
CA LEU B 278 7.08 -42.27 9.85
C LEU B 278 7.06 -43.74 10.23
N TYR B 279 8.21 -44.42 10.36
CA TYR B 279 8.35 -45.85 10.71
C TYR B 279 7.84 -46.21 12.12
N LYS B 280 8.08 -45.42 13.17
CA LYS B 280 7.66 -45.82 14.54
C LYS B 280 6.31 -45.16 14.78
N THR B 281 5.31 -45.44 13.91
CA THR B 281 4.03 -44.75 13.79
C THR B 281 3.01 -45.65 13.09
N SER C 7 2.11 13.12 -19.51
CA SER C 7 0.84 13.84 -19.57
C SER C 7 1.07 15.35 -19.46
N ILE C 8 0.59 16.08 -20.46
CA ILE C 8 0.74 17.57 -20.49
C ILE C 8 -0.67 18.19 -20.51
N LYS C 9 -1.01 19.10 -19.58
CA LYS C 9 -2.36 19.73 -19.54
C LYS C 9 -2.32 21.25 -19.54
N LYS C 10 -1.18 21.91 -19.74
CA LYS C 10 -1.12 23.38 -19.68
C LYS C 10 -0.64 23.94 -21.01
N CYS C 11 -1.18 25.09 -21.44
CA CYS C 11 -0.78 25.75 -22.68
C CYS C 11 -0.67 27.24 -22.43
N LEU C 12 0.44 27.82 -22.85
CA LEU C 12 0.73 29.24 -22.62
C LEU C 12 0.60 30.02 -23.92
N PHE C 13 0.02 31.21 -23.83
CA PHE C 13 -0.22 32.06 -24.98
C PHE C 13 0.43 33.43 -24.78
N PRO C 14 1.58 33.70 -25.40
CA PRO C 14 2.14 35.06 -25.38
C PRO C 14 1.35 35.97 -26.31
N ALA C 15 0.77 37.03 -25.73
CA ALA C 15 -0.06 37.97 -26.48
C ALA C 15 0.20 39.39 -25.99
N ALA C 16 1.47 39.73 -25.77
CA ALA C 16 1.86 41.03 -25.26
C ALA C 16 2.87 41.71 -26.18
N GLY C 17 2.77 41.45 -27.48
CA GLY C 17 3.64 42.08 -28.44
C GLY C 17 3.18 43.47 -28.79
N TYR C 18 3.99 44.14 -29.62
CA TYR C 18 3.65 45.49 -30.06
C TYR C 18 2.66 45.47 -31.23
N GLY C 19 2.69 44.42 -32.05
CA GLY C 19 1.76 44.35 -33.17
C GLY C 19 1.77 45.58 -34.04
N THR C 20 2.94 46.18 -34.23
CA THR C 20 3.03 47.44 -34.96
C THR C 20 2.36 47.34 -36.32
N ARG C 21 2.53 46.22 -37.02
CA ARG C 21 2.10 46.14 -38.41
C ARG C 21 0.59 46.32 -38.56
N PHE C 22 -0.18 46.13 -37.50
CA PHE C 22 -1.63 46.19 -37.57
C PHE C 22 -2.20 47.40 -36.82
N LEU C 23 -1.39 48.42 -36.60
CA LEU C 23 -1.91 49.69 -36.13
C LEU C 23 -2.70 50.38 -37.24
N PRO C 24 -3.68 51.22 -36.90
CA PRO C 24 -4.08 51.59 -35.54
C PRO C 24 -5.14 50.68 -34.92
N ALA C 25 -5.60 49.68 -35.67
CA ALA C 25 -6.62 48.78 -35.13
C ALA C 25 -6.13 48.07 -33.87
N THR C 26 -4.83 47.83 -33.77
CA THR C 26 -4.23 47.15 -32.63
C THR C 26 -3.95 48.08 -31.46
N LYS C 27 -4.47 49.30 -31.49
CA LYS C 27 -4.15 50.23 -30.42
C LYS C 27 -4.68 49.72 -29.07
N ALA C 28 -5.89 49.16 -29.06
CA ALA C 28 -6.52 48.72 -27.83
C ALA C 28 -6.84 47.22 -27.83
N MET C 29 -6.27 46.46 -28.75
CA MET C 29 -6.44 45.00 -28.75
C MET C 29 -5.20 44.38 -29.36
N PRO C 30 -4.71 43.26 -28.84
CA PRO C 30 -3.48 42.67 -29.39
C PRO C 30 -3.72 42.07 -30.77
N LYS C 31 -2.62 41.91 -31.51
CA LYS C 31 -2.71 41.35 -32.85
C LYS C 31 -3.27 39.93 -32.83
N GLU C 32 -3.16 39.24 -31.70
CA GLU C 32 -3.72 37.89 -31.58
C GLU C 32 -5.24 37.91 -31.45
N MET C 33 -5.84 39.07 -31.27
CA MET C 33 -7.29 39.21 -31.21
C MET C 33 -7.90 39.56 -32.56
N LEU C 34 -7.09 39.78 -33.59
CA LEU C 34 -7.63 40.12 -34.90
C LEU C 34 -8.55 39.00 -35.39
N PRO C 35 -9.70 39.33 -35.95
CA PRO C 35 -10.61 38.28 -36.43
C PRO C 35 -10.27 37.83 -37.85
N VAL C 36 -10.20 36.53 -38.04
CA VAL C 36 -10.18 35.95 -39.39
C VAL C 36 -11.64 35.73 -39.77
N VAL C 37 -12.11 36.54 -40.73
CA VAL C 37 -13.53 36.75 -41.04
C VAL C 37 -14.36 36.99 -39.78
N ASN C 38 -14.52 35.97 -38.93
CA ASN C 38 -15.39 36.16 -37.76
C ASN C 38 -14.88 35.55 -36.47
N LYS C 39 -13.68 34.98 -36.44
CA LYS C 39 -13.15 34.33 -35.25
C LYS C 39 -11.79 34.92 -34.93
N PRO C 40 -11.56 35.40 -33.71
CA PRO C 40 -10.23 35.94 -33.37
C PRO C 40 -9.15 34.88 -33.55
N LEU C 41 -7.97 35.34 -33.96
CA LEU C 41 -6.85 34.42 -34.15
C LEU C 41 -6.61 33.56 -32.92
N ILE C 42 -6.67 34.16 -31.74
CA ILE C 42 -6.35 33.40 -30.53
C ILE C 42 -7.43 32.37 -30.22
N GLN C 43 -8.66 32.62 -30.65
CA GLN C 43 -9.71 31.62 -30.42
C GLN C 43 -9.46 30.37 -31.25
N TYR C 44 -9.01 30.54 -32.51
CA TYR C 44 -8.56 29.39 -33.28
C TYR C 44 -7.50 28.61 -32.51
N ALA C 45 -6.56 29.32 -31.89
CA ALA C 45 -5.43 28.66 -31.24
C ALA C 45 -5.87 27.96 -29.96
N VAL C 46 -6.79 28.55 -29.21
CA VAL C 46 -7.23 27.92 -27.96
C VAL C 46 -8.09 26.69 -28.27
N GLU C 47 -8.93 26.77 -29.30
CA GLU C 47 -9.64 25.58 -29.77
C GLU C 47 -8.65 24.49 -30.17
N GLU C 48 -7.55 24.89 -30.82
CA GLU C 48 -6.50 23.95 -31.15
C GLU C 48 -5.94 23.28 -29.90
N ALA C 49 -5.78 24.06 -28.82
CA ALA C 49 -5.20 23.51 -27.60
C ALA C 49 -6.16 22.54 -26.91
N LEU C 50 -7.45 22.86 -26.91
CA LEU C 50 -8.42 21.97 -26.27
C LEU C 50 -8.54 20.65 -27.01
N GLU C 51 -8.40 20.66 -28.34
CA GLU C 51 -8.41 19.41 -29.10
C GLU C 51 -7.24 18.53 -28.72
N ALA C 52 -6.14 19.11 -28.27
CA ALA C 52 -4.98 18.38 -27.83
C ALA C 52 -5.03 18.02 -26.35
N GLY C 53 -6.15 18.30 -25.68
CA GLY C 53 -6.31 17.97 -24.28
C GLY C 53 -5.77 19.00 -23.31
N LEU C 54 -5.28 20.13 -23.81
CA LEU C 54 -4.73 21.18 -22.95
C LEU C 54 -5.87 22.11 -22.55
N SER C 55 -6.44 21.88 -21.37
CA SER C 55 -7.58 22.63 -20.90
C SER C 55 -7.22 23.71 -19.87
N GLU C 56 -5.94 23.89 -19.58
CA GLU C 56 -5.47 24.89 -18.62
C GLU C 56 -4.72 25.96 -19.40
N ILE C 57 -5.43 27.01 -19.79
CA ILE C 57 -4.91 28.04 -20.68
C ILE C 57 -4.32 29.17 -19.85
N GLY C 58 -3.12 29.59 -20.21
CA GLY C 58 -2.50 30.75 -19.59
C GLY C 58 -2.13 31.78 -20.64
N ILE C 59 -2.44 33.04 -20.40
CA ILE C 59 -2.25 34.11 -21.37
C ILE C 59 -1.39 35.19 -20.74
N VAL C 60 -0.29 35.53 -21.39
CA VAL C 60 0.56 36.64 -20.98
C VAL C 60 0.12 37.87 -21.77
N THR C 61 -0.38 38.87 -21.07
CA THR C 61 -1.10 39.98 -21.70
C THR C 61 -0.25 41.25 -21.70
N GLY C 62 -0.69 42.21 -22.52
CA GLY C 62 0.04 43.45 -22.68
C GLY C 62 -0.86 44.66 -22.89
N ARG C 63 -0.70 45.34 -24.01
CA ARG C 63 -1.39 46.61 -24.22
C ARG C 63 -2.90 46.42 -24.28
N GLY C 64 -3.37 45.64 -25.24
CA GLY C 64 -4.79 45.38 -25.36
C GLY C 64 -5.23 44.20 -24.51
N LYS C 65 -4.58 44.03 -23.37
CA LYS C 65 -4.82 42.92 -22.41
C LYS C 65 -6.30 42.75 -22.10
N ARG C 66 -7.15 43.67 -22.50
CA ARG C 66 -8.57 43.69 -22.01
C ARG C 66 -9.52 43.09 -23.03
N SER C 67 -9.19 43.14 -24.31
CA SER C 67 -9.99 42.41 -25.28
C SER C 67 -9.82 40.91 -25.12
N LEU C 68 -8.59 40.47 -24.80
CA LEU C 68 -8.35 39.07 -24.48
C LEU C 68 -9.27 38.60 -23.37
N GLU C 69 -9.25 39.31 -22.23
CA GLU C 69 -10.01 38.88 -21.08
C GLU C 69 -11.51 38.92 -21.35
N ASP C 70 -11.99 40.00 -21.98
CA ASP C 70 -13.41 40.12 -22.26
C ASP C 70 -13.90 39.02 -23.18
N HIS C 71 -13.07 38.58 -24.13
CA HIS C 71 -13.54 37.60 -25.10
C HIS C 71 -13.70 36.22 -24.50
N PHE C 72 -12.81 35.84 -23.58
CA PHE C 72 -12.82 34.51 -22.99
C PHE C 72 -13.56 34.44 -21.66
N ASP C 73 -14.22 35.51 -21.26
CA ASP C 73 -15.03 35.52 -20.05
C ASP C 73 -16.51 35.35 -20.41
N ILE C 74 -17.32 35.21 -19.35
CA ILE C 74 -18.77 34.94 -19.43
C ILE C 74 -19.49 35.89 -20.40
N SER C 75 -19.41 37.21 -20.14
CA SER C 75 -20.22 38.22 -20.82
C SER C 75 -21.75 38.15 -20.74
N TYR C 76 -22.30 38.43 -19.55
CA TYR C 76 -23.74 38.30 -19.37
C TYR C 76 -24.63 39.15 -20.28
N GLU C 77 -24.11 40.24 -20.83
CA GLU C 77 -24.91 41.04 -21.75
C GLU C 77 -25.22 40.24 -23.01
N LEU C 78 -24.25 39.49 -23.53
CA LEU C 78 -24.48 38.71 -24.74
C LEU C 78 -25.55 37.65 -24.51
N GLU C 79 -25.52 36.98 -23.35
CA GLU C 79 -26.53 35.98 -23.06
C GLU C 79 -27.93 36.61 -22.97
N HIS C 80 -28.00 37.86 -22.48
CA HIS C 80 -29.28 38.56 -22.43
C HIS C 80 -29.75 38.96 -23.82
N GLN C 81 -28.85 39.51 -24.63
CA GLN C 81 -29.25 40.06 -25.92
C GLN C 81 -29.84 38.99 -26.83
N ILE C 82 -29.25 37.80 -26.85
CA ILE C 82 -29.78 36.69 -27.64
C ILE C 82 -30.37 35.67 -26.66
N ARG C 83 -31.38 36.10 -25.91
CA ARG C 83 -32.07 35.28 -24.92
C ARG C 83 -32.50 33.94 -25.52
N THR C 85 -32.28 30.31 -27.04
CA THR C 85 -31.15 29.78 -27.79
C THR C 85 -31.33 30.00 -29.29
N ASP C 86 -31.73 31.21 -29.66
CA ASP C 86 -32.01 31.51 -31.06
C ASP C 86 -30.75 31.43 -31.91
N LYS C 87 -29.75 32.26 -31.61
CA LYS C 87 -28.58 32.40 -32.46
C LYS C 87 -27.30 31.87 -31.80
N GLU C 88 -27.43 30.99 -30.82
CA GLU C 88 -26.26 30.50 -30.11
C GLU C 88 -25.47 29.47 -30.91
N LYS C 89 -25.91 29.14 -32.11
CA LYS C 89 -25.17 28.27 -33.00
C LYS C 89 -24.13 29.02 -33.81
N TYR C 90 -23.89 30.29 -33.44
CA TYR C 90 -22.66 30.99 -33.76
C TYR C 90 -21.63 30.91 -32.64
N LEU C 91 -22.06 30.52 -31.43
CA LEU C 91 -21.24 30.59 -30.23
C LEU C 91 -20.83 29.22 -29.71
N VAL C 92 -20.99 28.16 -30.52
CA VAL C 92 -20.70 26.82 -30.04
C VAL C 92 -19.23 26.70 -29.66
N GLY C 93 -18.34 27.28 -30.48
CA GLY C 93 -16.92 27.15 -30.21
C GLY C 93 -16.49 27.88 -28.96
N ILE C 94 -16.91 29.15 -28.82
CA ILE C 94 -16.42 29.96 -27.72
C ILE C 94 -16.98 29.47 -26.39
N ARG C 95 -18.23 29.02 -26.37
CA ARG C 95 -18.81 28.54 -25.13
C ARG C 95 -18.11 27.28 -24.64
N ARG C 96 -17.87 26.34 -25.54
CA ARG C 96 -17.14 25.13 -25.17
C ARG C 96 -15.81 25.48 -24.52
N LEU C 97 -15.10 26.47 -25.06
CA LEU C 97 -13.88 26.93 -24.43
C LEU C 97 -14.15 27.38 -23.00
N ILE C 98 -15.24 28.11 -22.78
CA ILE C 98 -15.51 28.67 -21.46
C ILE C 98 -15.97 27.59 -20.50
N ASP C 99 -16.60 26.53 -21.00
CA ASP C 99 -17.08 25.46 -20.13
C ASP C 99 -16.02 24.41 -19.84
N GLU C 100 -15.11 24.15 -20.79
CA GLU C 100 -14.15 23.07 -20.66
C GLU C 100 -12.74 23.55 -20.31
N CYS C 101 -12.47 24.85 -20.38
CA CYS C 101 -11.15 25.38 -20.10
C CYS C 101 -11.20 26.29 -18.87
N THR C 102 -10.02 26.52 -18.30
CA THR C 102 -9.82 27.53 -17.27
C THR C 102 -8.74 28.49 -17.74
N PHE C 103 -8.98 29.79 -17.56
CA PHE C 103 -8.10 30.83 -18.08
C PHE C 103 -7.44 31.59 -16.94
N ALA C 104 -6.13 31.73 -17.02
CA ALA C 104 -5.35 32.52 -16.07
C ALA C 104 -4.51 33.52 -16.85
N TYR C 105 -4.49 34.77 -16.36
CA TYR C 105 -3.81 35.86 -17.04
C TYR C 105 -2.74 36.46 -16.13
N THR C 106 -1.64 36.89 -16.75
CA THR C 106 -0.59 37.62 -16.05
C THR C 106 0.06 38.57 -17.05
N ARG C 107 0.50 39.72 -16.55
CA ARG C 107 0.97 40.79 -17.42
C ARG C 107 2.48 40.73 -17.60
N GLN C 108 2.93 41.13 -18.79
CA GLN C 108 4.33 41.38 -19.06
C GLN C 108 4.54 42.89 -19.10
N VAL C 109 5.22 43.42 -18.09
CA VAL C 109 5.32 44.86 -17.92
C VAL C 109 6.19 45.47 -19.02
N GLU C 110 7.26 44.78 -19.41
CA GLU C 110 8.26 45.32 -20.31
C GLU C 110 8.54 44.32 -21.42
N MET C 111 8.52 44.79 -22.66
CA MET C 111 8.66 43.92 -23.83
C MET C 111 10.14 43.61 -24.04
N LYS C 112 10.57 42.44 -23.57
CA LYS C 112 11.95 42.02 -23.69
C LYS C 112 12.15 40.84 -24.63
N GLY C 113 11.11 40.44 -25.37
CA GLY C 113 11.20 39.37 -26.33
C GLY C 113 10.31 38.19 -25.99
N LEU C 114 10.16 37.31 -26.98
CA LEU C 114 9.33 36.13 -26.79
C LEU C 114 9.83 35.30 -25.61
N GLY C 115 11.15 35.09 -25.53
CA GLY C 115 11.70 34.33 -24.41
C GLY C 115 11.31 34.91 -23.07
N HIS C 116 11.40 36.24 -22.92
CA HIS C 116 11.00 36.86 -21.66
C HIS C 116 9.51 36.71 -21.42
N ALA C 117 8.70 36.75 -22.48
CA ALA C 117 7.26 36.55 -22.32
C ALA C 117 6.95 35.16 -21.80
N ILE C 118 7.67 34.14 -22.29
CA ILE C 118 7.42 32.78 -21.84
C ILE C 118 7.89 32.62 -20.40
N LEU C 119 9.04 33.22 -20.05
CA LEU C 119 9.46 33.21 -18.66
C LEU C 119 8.47 33.95 -17.77
N THR C 120 7.78 34.96 -18.32
CA THR C 120 6.83 35.72 -17.53
C THR C 120 5.67 34.85 -17.05
N GLY C 121 5.32 33.81 -17.81
CA GLY C 121 4.25 32.91 -17.45
C GLY C 121 4.62 31.82 -16.48
N ARG C 122 5.84 31.86 -15.94
CA ARG C 122 6.27 30.83 -15.00
C ARG C 122 5.33 30.69 -13.82
N PRO C 123 4.84 31.76 -13.19
CA PRO C 123 3.84 31.58 -12.12
C PRO C 123 2.61 30.80 -12.54
N LEU C 124 2.21 30.93 -13.81
CA LEU C 124 1.04 30.21 -14.29
C LEU C 124 1.32 28.72 -14.47
N ILE C 125 2.55 28.36 -14.84
CA ILE C 125 2.85 26.99 -15.25
C ILE C 125 3.42 26.20 -14.07
N GLY C 126 4.50 26.70 -13.48
CA GLY C 126 5.15 25.97 -12.43
C GLY C 126 6.11 24.93 -12.97
N ASP C 127 6.22 23.80 -12.30
CA ASP C 127 7.20 22.77 -12.65
C ASP C 127 6.50 21.60 -13.34
N GLU C 128 6.11 21.83 -14.59
CA GLU C 128 5.50 20.80 -15.41
C GLU C 128 5.69 21.16 -16.87
N PRO C 129 5.63 20.18 -17.76
CA PRO C 129 5.73 20.48 -19.20
C PRO C 129 4.51 21.23 -19.68
N PHE C 130 4.71 22.00 -20.76
CA PHE C 130 3.64 22.84 -21.27
C PHE C 130 3.90 23.14 -22.73
N ALA C 131 2.83 23.48 -23.43
CA ALA C 131 2.91 23.93 -24.81
C ALA C 131 2.85 25.45 -24.85
N VAL C 132 3.45 26.02 -25.90
CA VAL C 132 3.43 27.46 -26.15
C VAL C 132 2.93 27.67 -27.57
N VAL C 133 1.92 28.52 -27.73
CA VAL C 133 1.31 28.79 -29.02
C VAL C 133 1.44 30.28 -29.32
N LEU C 134 1.95 30.60 -30.50
CA LEU C 134 1.97 31.96 -31.03
C LEU C 134 0.76 32.11 -31.94
N ALA C 135 -0.28 32.78 -31.43
CA ALA C 135 -1.57 32.79 -32.11
C ALA C 135 -1.54 33.47 -33.46
N ASP C 136 -0.52 34.29 -33.74
CA ASP C 136 -0.42 34.93 -35.05
C ASP C 136 0.02 33.97 -36.14
N ASP C 137 0.40 32.74 -35.79
CA ASP C 137 0.62 31.67 -36.76
C ASP C 137 -0.65 30.83 -36.77
N LEU C 138 -1.54 31.11 -37.72
CA LEU C 138 -2.79 30.36 -37.83
C LEU C 138 -2.50 29.03 -38.51
N CYS C 139 -2.73 27.94 -37.77
CA CYS C 139 -2.48 26.58 -38.27
C CYS C 139 -3.79 25.84 -38.37
N LEU C 140 -4.14 25.43 -39.59
CA LEU C 140 -5.34 24.63 -39.85
C LEU C 140 -4.94 23.25 -40.35
N ASN C 141 -5.60 22.23 -39.80
CA ASN C 141 -5.38 20.83 -40.18
C ASN C 141 -6.74 20.15 -40.21
N LEU C 142 -7.47 20.39 -41.30
CA LEU C 142 -8.82 19.87 -41.44
C LEU C 142 -8.81 18.39 -41.83
N GLU C 143 -7.76 17.95 -42.51
CA GLU C 143 -7.64 16.56 -42.92
C GLU C 143 -7.07 15.66 -41.83
N GLY C 144 -6.93 16.16 -40.61
CA GLY C 144 -6.43 15.32 -39.53
C GLY C 144 -6.35 16.02 -38.20
N ASP C 145 -5.33 15.67 -37.40
CA ASP C 145 -5.15 16.26 -36.09
C ASP C 145 -4.52 17.64 -36.20
N SER C 146 -4.82 18.48 -35.23
CA SER C 146 -4.22 19.81 -35.19
C SER C 146 -2.73 19.70 -34.84
N VAL C 147 -1.97 20.69 -35.32
CA VAL C 147 -0.52 20.69 -35.11
C VAL C 147 -0.18 20.48 -33.65
N LEU C 148 -0.93 21.14 -32.76
CA LEU C 148 -0.65 21.02 -31.35
C LEU C 148 -0.98 19.62 -30.85
N LYS C 149 -2.04 19.01 -31.39
CA LYS C 149 -2.33 17.62 -31.05
C LYS C 149 -1.25 16.68 -31.57
N GLN C 150 -0.73 16.97 -32.77
CA GLN C 150 0.38 16.17 -33.30
C GLN C 150 1.59 16.23 -32.38
N MET C 151 1.88 17.42 -31.84
CA MET C 151 3.06 17.57 -31.00
C MET C 151 2.86 16.90 -29.65
N VAL C 152 1.68 17.05 -29.04
CA VAL C 152 1.44 16.42 -27.76
C VAL C 152 1.57 14.90 -27.88
N LYS C 153 1.08 14.35 -28.99
CA LYS C 153 1.26 12.91 -29.22
C LYS C 153 2.73 12.56 -29.32
N LEU C 154 3.54 13.43 -29.93
CA LEU C 154 4.96 13.16 -30.00
C LEU C 154 5.62 13.35 -28.64
N TYR C 155 5.19 14.36 -27.87
CA TYR C 155 5.78 14.56 -26.55
C TYR C 155 5.53 13.35 -25.65
N ASN C 156 4.35 12.74 -25.79
CA ASN C 156 4.01 11.60 -24.94
C ASN C 156 4.95 10.41 -25.16
N GLN C 157 5.64 10.36 -26.29
CA GLN C 157 6.61 9.30 -26.57
C GLN C 157 8.03 9.73 -26.23
N PHE C 158 8.52 10.79 -26.87
CA PHE C 158 9.93 11.16 -26.77
C PHE C 158 10.24 11.91 -25.48
N ARG C 159 9.25 12.58 -24.90
CA ARG C 159 9.33 13.18 -23.57
C ARG C 159 10.31 14.34 -23.48
N CYS C 160 10.81 14.87 -24.60
CA CYS C 160 11.61 16.08 -24.58
C CYS C 160 10.89 17.20 -25.33
N SER C 161 11.56 18.35 -25.44
CA SER C 161 10.95 19.52 -26.05
C SER C 161 10.84 19.35 -27.56
N ILE C 162 9.73 19.84 -28.11
CA ILE C 162 9.43 19.71 -29.53
C ILE C 162 9.15 21.10 -30.09
N VAL C 163 9.64 21.36 -31.29
CA VAL C 163 9.47 22.65 -31.96
C VAL C 163 8.90 22.39 -33.34
N ALA C 164 7.90 23.19 -33.73
CA ALA C 164 7.30 23.06 -35.04
C ALA C 164 8.20 23.67 -36.10
N ILE C 165 8.35 22.99 -37.22
CA ILE C 165 9.17 23.49 -38.32
C ILE C 165 8.44 23.28 -39.65
N GLN C 166 8.97 23.94 -40.67
CA GLN C 166 8.36 23.98 -41.99
C GLN C 166 9.44 24.42 -42.97
N GLU C 167 9.53 23.73 -44.10
CA GLU C 167 10.52 24.11 -45.10
C GLU C 167 10.07 25.38 -45.81
N VAL C 168 10.95 26.37 -45.86
CA VAL C 168 10.61 27.67 -46.46
C VAL C 168 11.71 28.04 -47.46
N PRO C 169 11.38 28.91 -48.41
CA PRO C 169 12.40 29.30 -49.40
C PRO C 169 13.58 29.95 -48.71
N PRO C 170 14.79 29.77 -49.27
CA PRO C 170 15.99 30.29 -48.60
C PRO C 170 16.03 31.81 -48.50
N GLU C 171 15.34 32.53 -49.37
CA GLU C 171 15.33 33.99 -49.31
C GLU C 171 14.56 34.51 -48.10
N GLU C 172 13.63 33.71 -47.56
CA GLU C 172 12.77 34.14 -46.47
C GLU C 172 13.22 33.62 -45.12
N THR C 173 14.42 33.06 -45.01
CA THR C 173 14.86 32.49 -43.74
C THR C 173 15.23 33.56 -42.71
N ASN C 174 15.43 34.81 -43.14
CA ASN C 174 15.70 35.88 -42.21
C ASN C 174 14.46 36.37 -41.46
N LYS C 175 13.30 35.79 -41.74
CA LYS C 175 12.08 36.12 -41.03
C LYS C 175 11.78 35.17 -39.88
N TYR C 176 12.47 34.04 -39.79
CA TYR C 176 12.15 32.99 -38.85
C TYR C 176 13.37 32.64 -38.00
N GLY C 177 13.12 31.82 -36.98
CA GLY C 177 14.17 31.06 -36.35
C GLY C 177 14.37 29.77 -37.12
N VAL C 178 15.63 29.36 -37.26
CA VAL C 178 15.98 28.24 -38.12
C VAL C 178 16.72 27.19 -37.30
N ILE C 179 16.51 25.93 -37.66
CA ILE C 179 17.15 24.80 -37.01
C ILE C 179 17.99 24.06 -38.02
N ALA C 180 18.91 23.25 -37.51
CA ALA C 180 19.66 22.29 -38.31
C ALA C 180 20.04 21.14 -37.40
N GLY C 181 20.01 19.93 -37.95
CA GLY C 181 20.40 18.77 -37.18
C GLY C 181 20.22 17.51 -37.98
N GLU C 182 20.63 16.40 -37.36
CA GLU C 182 20.47 15.09 -37.95
C GLU C 182 19.00 14.69 -37.92
N MET C 183 18.57 13.97 -38.95
CA MET C 183 17.18 13.56 -39.07
C MET C 183 16.98 12.21 -38.38
N ILE C 184 16.14 12.18 -37.35
CA ILE C 184 15.79 10.92 -36.70
C ILE C 184 14.79 10.14 -37.54
N ARG C 185 13.74 10.83 -38.00
CA ARG C 185 12.68 10.20 -38.77
C ARG C 185 12.29 11.14 -39.89
N ASP C 186 11.59 10.59 -40.88
CA ASP C 186 11.05 11.35 -42.01
C ASP C 186 10.86 12.80 -41.56
N ASP C 187 10.08 13.02 -40.50
CA ASP C 187 9.61 14.34 -40.14
C ASP C 187 10.08 14.81 -38.76
N ILE C 188 10.81 13.99 -38.01
CA ILE C 188 11.30 14.36 -36.69
C ILE C 188 12.80 14.48 -36.77
N PHE C 189 13.33 15.59 -36.24
CA PHE C 189 14.73 15.90 -36.36
C PHE C 189 15.34 16.15 -34.99
N ARG C 190 16.62 15.93 -34.93
CA ARG C 190 17.45 16.11 -33.75
C ARG C 190 18.07 17.50 -33.85
N VAL C 191 17.60 18.43 -33.04
CA VAL C 191 18.07 19.80 -33.18
C VAL C 191 19.48 19.91 -32.59
N ASN C 192 20.40 20.45 -33.37
CA ASN C 192 21.76 20.71 -32.91
C ASN C 192 22.12 22.17 -32.86
N THR C 193 21.58 23.00 -33.76
CA THR C 193 21.85 24.42 -33.76
C THR C 193 20.57 25.18 -34.11
N MET C 194 20.37 26.31 -33.42
CA MET C 194 19.20 27.16 -33.62
C MET C 194 19.67 28.60 -33.65
N VAL C 195 19.32 29.31 -34.72
CA VAL C 195 19.66 30.72 -34.87
C VAL C 195 18.38 31.50 -35.17
N GLU C 196 18.27 32.72 -34.69
CA GLU C 196 17.06 33.52 -34.90
C GLU C 196 17.31 34.56 -35.99
N LYS C 197 16.53 34.53 -37.08
CA LYS C 197 16.47 35.53 -38.18
C LYS C 197 17.87 35.96 -38.59
N PRO C 198 18.76 35.04 -39.32
CA PRO C 198 20.29 35.24 -40.00
C PRO C 198 20.11 35.93 -41.35
N LYS C 199 21.23 36.47 -41.87
CA LYS C 199 21.37 37.01 -43.26
C LYS C 199 21.29 35.72 -44.07
N PRO C 200 20.33 35.46 -45.23
CA PRO C 200 19.92 34.19 -45.85
C PRO C 200 20.99 33.14 -46.16
N GLU C 201 22.27 33.56 -46.32
CA GLU C 201 23.56 32.76 -46.43
C GLU C 201 24.25 33.17 -45.11
N GLU C 202 24.60 32.16 -44.30
CA GLU C 202 24.85 32.08 -42.83
C GLU C 202 23.60 31.40 -42.20
N ALA C 203 22.65 30.85 -42.99
CA ALA C 203 21.44 30.12 -42.53
C ALA C 203 21.74 28.63 -42.41
N PRO C 204 21.76 28.03 -41.20
CA PRO C 204 22.03 26.61 -41.06
C PRO C 204 21.24 25.65 -41.97
N SER C 205 19.97 25.94 -42.24
CA SER C 205 19.12 25.14 -43.11
C SER C 205 17.97 26.02 -43.59
N ASN C 206 17.04 25.42 -44.32
CA ASN C 206 15.81 26.08 -44.75
C ASN C 206 14.61 25.59 -43.96
N LEU C 207 14.83 25.08 -42.74
CA LEU C 207 13.77 24.59 -41.87
C LEU C 207 13.48 25.68 -40.83
N ALA C 208 12.48 26.51 -41.12
CA ALA C 208 12.12 27.65 -40.25
C ALA C 208 11.21 27.14 -39.16
N ILE C 209 11.24 27.73 -37.99
CA ILE C 209 10.45 27.24 -36.83
C ILE C 209 9.10 27.96 -36.91
N ILE C 210 8.05 27.37 -36.40
CA ILE C 210 6.67 27.89 -36.50
C ILE C 210 6.15 27.96 -35.08
N GLY C 211 5.23 28.82 -34.73
CA GLY C 211 5.01 29.08 -33.30
C GLY C 211 4.07 28.07 -32.70
N ARG C 212 4.49 26.83 -32.53
CA ARG C 212 3.80 25.74 -31.85
C ARG C 212 4.98 25.06 -31.16
N TYR C 213 5.04 25.06 -29.84
CA TYR C 213 6.16 24.45 -29.09
C TYR C 213 5.64 23.66 -27.90
N ILE C 214 6.35 22.62 -27.49
CA ILE C 214 6.12 21.90 -26.25
C ILE C 214 7.43 21.92 -25.48
N LEU C 215 7.42 22.54 -24.30
CA LEU C 215 8.64 22.81 -23.55
C LEU C 215 8.64 22.06 -22.22
N THR C 216 9.81 21.55 -21.84
CA THR C 216 10.00 20.98 -20.53
C THR C 216 10.39 22.07 -19.54
N PRO C 217 9.95 21.97 -18.28
CA PRO C 217 10.06 23.12 -17.36
C PRO C 217 11.47 23.62 -17.10
N ASP C 218 12.51 22.86 -17.45
CA ASP C 218 13.87 23.37 -17.23
C ASP C 218 14.22 24.51 -18.18
N ILE C 219 13.34 24.81 -19.15
CA ILE C 219 13.62 25.90 -20.08
C ILE C 219 13.57 27.24 -19.35
N PHE C 220 12.80 27.33 -18.27
CA PHE C 220 12.71 28.58 -17.53
C PHE C 220 14.08 29.03 -17.03
N ASP C 221 14.78 28.15 -16.31
CA ASP C 221 16.11 28.51 -15.81
C ASP C 221 17.08 28.78 -16.96
N LEU C 222 16.84 28.20 -18.13
CA LEU C 222 17.67 28.49 -19.29
C LEU C 222 17.35 29.85 -19.90
N ILE C 223 16.08 30.26 -19.89
CA ILE C 223 15.73 31.61 -20.33
C ILE C 223 16.41 32.64 -19.44
N GLU C 224 16.47 32.38 -18.13
CA GLU C 224 17.08 33.30 -17.21
C GLU C 224 18.58 33.46 -17.45
N GLN C 225 19.21 32.46 -18.08
CA GLN C 225 20.63 32.53 -18.43
C GLN C 225 20.86 33.10 -19.83
N THR C 226 19.81 33.29 -20.62
CA THR C 226 19.96 33.81 -21.97
C THR C 226 20.14 35.32 -21.93
N GLU C 227 21.10 35.81 -22.68
CA GLU C 227 21.39 37.22 -22.78
C GLU C 227 20.73 37.80 -24.02
N PRO C 228 20.39 39.09 -24.02
CA PRO C 228 19.70 39.67 -25.18
C PRO C 228 20.41 39.35 -26.48
N GLY C 229 19.63 38.93 -27.48
CA GLY C 229 20.16 38.58 -28.78
C GLY C 229 19.65 39.46 -29.89
N LYS C 230 19.10 38.86 -30.95
CA LYS C 230 18.60 39.60 -32.10
C LYS C 230 17.63 40.68 -31.66
N GLY C 231 17.92 41.92 -32.03
CA GLY C 231 17.04 43.03 -31.72
C GLY C 231 17.05 43.46 -30.27
N GLY C 232 18.05 43.05 -29.49
CA GLY C 232 18.07 43.37 -28.08
C GLY C 232 17.07 42.62 -27.25
N GLU C 233 16.40 41.62 -27.80
CA GLU C 233 15.38 40.85 -27.11
C GLU C 233 15.97 39.53 -26.61
N ILE C 234 15.26 38.93 -25.64
CA ILE C 234 15.59 37.61 -25.13
C ILE C 234 14.80 36.60 -25.96
N GLN C 235 15.51 35.84 -26.79
CA GLN C 235 14.88 34.93 -27.73
C GLN C 235 14.73 33.55 -27.09
N ILE C 236 13.52 32.99 -27.15
CA ILE C 236 13.34 31.60 -26.75
C ILE C 236 14.15 30.69 -27.67
N THR C 237 14.44 31.15 -28.89
CA THR C 237 15.28 30.37 -29.79
C THR C 237 16.68 30.20 -29.23
N ASP C 238 17.21 31.25 -28.58
CA ASP C 238 18.54 31.16 -27.99
C ASP C 238 18.54 30.26 -26.76
N ALA C 239 17.49 30.35 -25.93
CA ALA C 239 17.38 29.46 -24.78
C ALA C 239 17.16 28.03 -25.23
N LEU C 240 16.39 27.83 -26.30
CA LEU C 240 16.18 26.48 -26.83
C LEU C 240 17.48 25.89 -27.35
N MET C 241 18.42 26.74 -27.78
CA MET C 241 19.74 26.25 -28.19
C MET C 241 20.48 25.64 -27.01
N LYS C 242 20.49 26.34 -25.87
CA LYS C 242 21.08 25.78 -24.67
C LYS C 242 20.48 24.41 -24.35
N GLN C 243 19.16 24.28 -24.47
CA GLN C 243 18.52 23.00 -24.19
C GLN C 243 18.88 21.95 -25.22
N ALA C 244 19.17 22.36 -26.46
CA ALA C 244 19.60 21.40 -27.46
C ALA C 244 21.01 20.89 -27.18
N GLN C 245 21.85 21.70 -26.54
CA GLN C 245 23.21 21.27 -26.24
C GLN C 245 23.24 20.31 -25.06
N ASP C 246 22.60 20.68 -23.95
CA ASP C 246 22.64 19.88 -22.73
C ASP C 246 21.49 18.88 -22.63
N GLY C 247 20.56 18.87 -23.57
CA GLY C 247 19.37 18.05 -23.46
C GLY C 247 18.87 17.55 -24.81
N CYS C 248 17.55 17.34 -24.88
CA CYS C 248 16.89 16.85 -26.08
C CYS C 248 15.92 17.92 -26.57
N VAL C 249 16.10 18.37 -27.81
CA VAL C 249 15.17 19.26 -28.48
C VAL C 249 14.93 18.70 -29.87
N LEU C 250 13.69 18.40 -30.20
CA LEU C 250 13.32 17.77 -31.46
C LEU C 250 12.52 18.74 -32.32
N ALA C 251 12.86 18.81 -33.60
CA ALA C 251 12.11 19.58 -34.57
C ALA C 251 11.20 18.64 -35.35
N TYR C 252 10.02 19.14 -35.73
CA TYR C 252 8.96 18.29 -36.26
C TYR C 252 8.29 18.98 -37.43
N LYS C 253 8.49 18.43 -38.64
CA LYS C 253 7.72 18.83 -39.80
C LYS C 253 6.26 18.47 -39.50
N PHE C 254 5.44 19.46 -39.18
CA PHE C 254 4.04 19.20 -38.90
C PHE C 254 3.29 19.10 -40.22
N LYS C 255 2.21 18.33 -40.21
CA LYS C 255 1.31 18.24 -41.36
C LYS C 255 0.20 19.27 -41.17
N GLY C 256 -0.04 20.07 -42.21
CA GLY C 256 -1.07 21.09 -42.15
C GLY C 256 -0.70 22.37 -42.86
N LYS C 257 -1.62 23.33 -42.87
CA LYS C 257 -1.42 24.62 -43.52
C LYS C 257 -1.22 25.69 -42.45
N ARG C 258 -0.22 26.55 -42.66
CA ARG C 258 0.07 27.65 -41.75
C ARG C 258 0.05 28.97 -42.50
N PHE C 259 -0.60 29.97 -41.92
CA PHE C 259 -0.63 31.32 -42.45
C PHE C 259 0.10 32.25 -41.49
N ASP C 260 0.96 33.11 -42.04
CA ASP C 260 1.71 34.07 -41.25
C ASP C 260 0.84 35.30 -41.00
N CYS C 261 -0.10 35.15 -40.07
CA CYS C 261 -1.02 36.24 -39.76
C CYS C 261 -0.36 37.37 -38.99
N GLY C 262 0.92 37.25 -38.64
CA GLY C 262 1.68 38.40 -38.17
C GLY C 262 2.07 39.36 -39.26
N SER C 263 1.84 38.99 -40.51
CA SER C 263 2.08 39.83 -41.67
C SER C 263 0.75 40.22 -42.30
N ALA C 264 0.74 41.37 -42.97
CA ALA C 264 -0.48 41.78 -43.67
C ALA C 264 -0.83 40.80 -44.78
N GLU C 265 0.17 40.34 -45.54
CA GLU C 265 -0.11 39.41 -46.63
C GLU C 265 -0.67 38.10 -46.10
N GLY C 266 -0.05 37.54 -45.05
CA GLY C 266 -0.54 36.30 -44.50
C GLY C 266 -1.92 36.42 -43.89
N TYR C 267 -2.21 37.57 -43.27
CA TYR C 267 -3.54 37.80 -42.74
C TYR C 267 -4.59 37.76 -43.84
N ILE C 268 -4.29 38.36 -44.98
CA ILE C 268 -5.25 38.38 -46.09
C ILE C 268 -5.47 36.95 -46.62
N GLU C 269 -4.38 36.21 -46.81
CA GLU C 269 -4.50 34.82 -47.26
C GLU C 269 -5.40 34.03 -46.32
N ALA C 270 -5.20 34.19 -45.01
CA ALA C 270 -6.01 33.47 -44.04
C ALA C 270 -7.47 33.90 -44.11
N THR C 271 -7.72 35.19 -44.28
CA THR C 271 -9.11 35.67 -44.33
C THR C 271 -9.83 35.09 -45.54
N ASN C 272 -9.17 35.13 -46.71
CA ASN C 272 -9.79 34.59 -47.92
C ASN C 272 -9.95 33.07 -47.81
N PHE C 273 -8.93 32.38 -47.30
CA PHE C 273 -9.00 30.93 -47.21
C PHE C 273 -10.16 30.49 -46.31
N CYS C 274 -10.22 31.03 -45.10
CA CYS C 274 -11.24 30.60 -44.16
C CYS C 274 -12.65 30.95 -44.64
N TYR C 275 -12.80 32.07 -45.35
CA TYR C 275 -14.11 32.43 -45.85
C TYR C 275 -14.66 31.35 -46.76
N GLU C 276 -13.88 30.94 -47.76
CA GLU C 276 -14.37 30.02 -48.78
C GLU C 276 -14.47 28.59 -48.26
N ASN C 277 -13.55 28.17 -47.40
CA ASN C 277 -13.49 26.78 -46.97
C ASN C 277 -14.11 26.52 -45.61
N LEU C 278 -14.25 27.54 -44.76
CA LEU C 278 -14.77 27.34 -43.41
C LEU C 278 -16.05 28.13 -43.12
N TYR C 279 -16.15 29.37 -43.59
CA TYR C 279 -17.37 30.14 -43.32
C TYR C 279 -18.54 29.59 -44.12
N LYS C 280 -18.34 29.37 -45.42
CA LYS C 280 -19.40 28.84 -46.28
C LYS C 280 -19.63 27.40 -45.84
N THR C 281 -20.61 27.21 -44.97
CA THR C 281 -20.95 25.87 -44.47
C THR C 281 -22.46 25.72 -44.33
N SER D 7 -6.88 -4.92 0.20
CA SER D 7 -7.88 -4.05 -0.47
C SER D 7 -9.25 -4.72 -0.46
N ILE D 8 -10.29 -3.89 -0.36
CA ILE D 8 -11.68 -4.37 -0.25
C ILE D 8 -12.57 -3.38 -0.97
N LYS D 9 -13.50 -3.90 -1.79
CA LYS D 9 -14.33 -3.03 -2.62
C LYS D 9 -15.80 -3.39 -2.66
N LYS D 10 -16.22 -4.52 -2.11
CA LYS D 10 -17.59 -5.00 -2.24
C LYS D 10 -18.35 -4.85 -0.94
N CYS D 11 -19.64 -4.51 -1.05
CA CYS D 11 -20.55 -4.48 0.09
C CYS D 11 -21.83 -5.19 -0.31
N LEU D 12 -22.33 -6.05 0.56
CA LEU D 12 -23.53 -6.84 0.32
C LEU D 12 -24.62 -6.39 1.27
N PHE D 13 -25.83 -6.18 0.74
CA PHE D 13 -26.95 -5.65 1.52
C PHE D 13 -28.11 -6.63 1.53
N PRO D 14 -28.31 -7.36 2.63
CA PRO D 14 -29.51 -8.21 2.74
C PRO D 14 -30.75 -7.35 2.97
N ALA D 15 -31.72 -7.47 2.06
CA ALA D 15 -32.95 -6.70 2.13
C ALA D 15 -34.14 -7.57 1.73
N ALA D 16 -34.16 -8.82 2.20
CA ALA D 16 -35.19 -9.78 1.85
C ALA D 16 -35.98 -10.24 3.07
N GLY D 17 -35.95 -9.47 4.16
CA GLY D 17 -36.65 -9.86 5.35
C GLY D 17 -38.15 -9.64 5.26
N TYR D 18 -38.86 -10.23 6.22
CA TYR D 18 -40.32 -10.10 6.24
C TYR D 18 -40.73 -8.68 6.60
N GLY D 19 -40.01 -8.03 7.51
CA GLY D 19 -40.37 -6.69 7.94
C GLY D 19 -41.76 -6.61 8.55
N THR D 20 -42.19 -7.68 9.23
CA THR D 20 -43.55 -7.74 9.75
C THR D 20 -43.92 -6.51 10.57
N ARG D 21 -42.95 -5.92 11.26
CA ARG D 21 -43.26 -4.86 12.22
C ARG D 21 -43.83 -3.62 11.55
N PHE D 22 -43.40 -3.31 10.32
CA PHE D 22 -43.77 -2.09 9.63
C PHE D 22 -44.86 -2.35 8.59
N LEU D 23 -45.72 -3.30 8.85
CA LEU D 23 -46.87 -3.55 8.02
C LEU D 23 -48.01 -2.62 8.41
N PRO D 24 -48.85 -2.20 7.45
CA PRO D 24 -48.88 -2.63 6.05
C PRO D 24 -47.98 -1.85 5.09
N ALA D 25 -47.26 -0.84 5.60
CA ALA D 25 -46.41 -0.05 4.72
C ALA D 25 -45.38 -0.91 4.02
N THR D 26 -44.97 -2.01 4.65
CA THR D 26 -43.95 -2.90 4.13
C THR D 26 -44.52 -3.94 3.17
N LYS D 27 -45.77 -3.79 2.75
CA LYS D 27 -46.36 -4.81 1.89
C LYS D 27 -45.67 -4.89 0.54
N ALA D 28 -45.38 -3.74 -0.06
CA ALA D 28 -44.72 -3.70 -1.36
C ALA D 28 -43.38 -3.00 -1.30
N MET D 29 -42.75 -2.98 -0.13
CA MET D 29 -41.56 -2.18 0.14
C MET D 29 -40.79 -2.77 1.32
N PRO D 30 -39.50 -3.07 1.16
CA PRO D 30 -38.76 -3.67 2.27
C PRO D 30 -38.62 -2.70 3.43
N LYS D 31 -38.39 -3.25 4.62
CA LYS D 31 -38.18 -2.39 5.78
C LYS D 31 -36.90 -1.56 5.62
N GLU D 32 -35.93 -2.08 4.87
CA GLU D 32 -34.70 -1.33 4.62
C GLU D 32 -34.91 -0.14 3.70
N MET D 33 -36.10 -0.02 3.10
CA MET D 33 -36.43 1.08 2.21
C MET D 33 -37.26 2.16 2.88
N LEU D 34 -37.64 1.96 4.14
CA LEU D 34 -38.42 2.98 4.83
C LEU D 34 -37.61 4.27 4.91
N PRO D 35 -38.24 5.43 4.75
CA PRO D 35 -37.50 6.69 4.84
C PRO D 35 -37.36 7.19 6.26
N VAL D 36 -36.16 7.64 6.59
CA VAL D 36 -35.92 8.43 7.78
C VAL D 36 -36.06 9.89 7.36
N VAL D 37 -37.17 10.54 7.74
CA VAL D 37 -37.55 11.95 7.42
C VAL D 37 -37.64 12.10 5.89
N ASN D 38 -36.62 11.79 5.08
CA ASN D 38 -36.71 11.93 3.63
C ASN D 38 -35.67 11.09 2.89
N LYS D 39 -34.90 10.25 3.57
CA LYS D 39 -33.91 9.41 2.95
C LYS D 39 -34.19 7.96 3.32
N PRO D 40 -34.24 7.03 2.36
CA PRO D 40 -34.45 5.62 2.71
C PRO D 40 -33.33 5.10 3.59
N LEU D 41 -33.68 4.20 4.50
CA LEU D 41 -32.68 3.60 5.38
C LEU D 41 -31.50 3.07 4.59
N ILE D 42 -31.77 2.36 3.50
CA ILE D 42 -30.70 1.73 2.75
C ILE D 42 -29.82 2.75 2.03
N GLN D 43 -30.32 3.96 1.79
CA GLN D 43 -29.47 4.97 1.15
C GLN D 43 -28.42 5.48 2.12
N TYR D 44 -28.77 5.67 3.39
CA TYR D 44 -27.76 6.00 4.39
C TYR D 44 -26.63 4.98 4.35
N ALA D 45 -26.99 3.69 4.32
CA ALA D 45 -25.98 2.64 4.39
C ALA D 45 -25.12 2.60 3.13
N VAL D 46 -25.70 2.89 1.97
CA VAL D 46 -24.92 2.85 0.74
C VAL D 46 -23.96 4.03 0.67
N GLU D 47 -24.41 5.20 1.12
CA GLU D 47 -23.48 6.33 1.26
C GLU D 47 -22.37 5.99 2.24
N GLU D 48 -22.70 5.24 3.29
CA GLU D 48 -21.70 4.80 4.25
C GLU D 48 -20.64 3.94 3.58
N ALA D 49 -21.05 3.00 2.73
CA ALA D 49 -20.11 2.10 2.07
C ALA D 49 -19.26 2.83 1.05
N LEU D 50 -19.81 3.83 0.37
CA LEU D 50 -19.01 4.62 -0.57
C LEU D 50 -17.91 5.36 0.16
N GLU D 51 -18.18 5.85 1.36
CA GLU D 51 -17.16 6.53 2.15
C GLU D 51 -16.02 5.60 2.50
N ALA D 52 -16.31 4.32 2.70
CA ALA D 52 -15.28 3.33 3.02
C ALA D 52 -14.57 2.80 1.79
N GLY D 53 -14.84 3.33 0.61
CA GLY D 53 -14.20 2.89 -0.60
C GLY D 53 -14.85 1.71 -1.29
N LEU D 54 -16.01 1.28 -0.82
CA LEU D 54 -16.72 0.14 -1.41
C LEU D 54 -17.70 0.67 -2.45
N SER D 55 -17.36 0.49 -3.72
CA SER D 55 -18.18 0.99 -4.82
C SER D 55 -18.93 -0.11 -5.55
N GLU D 56 -18.85 -1.35 -5.07
CA GLU D 56 -19.51 -2.49 -5.72
C GLU D 56 -20.61 -2.97 -4.78
N ILE D 57 -21.83 -2.52 -5.03
CA ILE D 57 -22.96 -2.77 -4.15
C ILE D 57 -23.71 -4.00 -4.65
N GLY D 58 -24.04 -4.89 -3.72
CA GLY D 58 -24.87 -6.04 -4.02
C GLY D 58 -26.04 -6.12 -3.07
N ILE D 59 -27.24 -6.26 -3.59
CA ILE D 59 -28.47 -6.26 -2.79
C ILE D 59 -29.18 -7.59 -3.01
N VAL D 60 -29.31 -8.37 -1.94
CA VAL D 60 -30.14 -9.57 -1.95
C VAL D 60 -31.56 -9.14 -1.64
N THR D 61 -32.49 -9.39 -2.56
CA THR D 61 -33.83 -8.84 -2.49
C THR D 61 -34.86 -9.95 -2.26
N GLY D 62 -36.01 -9.54 -1.71
CA GLY D 62 -37.13 -10.43 -1.47
C GLY D 62 -38.45 -9.83 -1.91
N ARG D 63 -39.43 -9.76 -1.01
CA ARG D 63 -40.66 -9.04 -1.31
C ARG D 63 -40.39 -7.55 -1.31
N GLY D 64 -41.08 -6.83 -2.19
CA GLY D 64 -40.76 -5.42 -2.38
C GLY D 64 -39.48 -5.23 -3.13
N LYS D 65 -39.00 -6.25 -3.85
CA LYS D 65 -37.74 -6.28 -4.64
C LYS D 65 -37.60 -5.03 -5.50
N ARG D 66 -38.72 -4.57 -5.99
CA ARG D 66 -38.85 -3.48 -6.98
C ARG D 66 -38.54 -2.11 -6.39
N SER D 67 -38.76 -1.90 -5.10
CA SER D 67 -38.52 -0.59 -4.50
C SER D 67 -37.02 -0.30 -4.43
N LEU D 68 -36.20 -1.31 -4.13
CA LEU D 68 -34.76 -1.14 -4.20
C LEU D 68 -34.35 -0.68 -5.60
N GLU D 69 -34.68 -1.49 -6.61
CA GLU D 69 -34.18 -1.26 -7.95
C GLU D 69 -34.57 0.11 -8.47
N ASP D 70 -35.84 0.48 -8.31
CA ASP D 70 -36.30 1.76 -8.83
C ASP D 70 -35.56 2.91 -8.16
N HIS D 71 -35.23 2.79 -6.88
CA HIS D 71 -34.60 3.89 -6.18
C HIS D 71 -33.17 4.11 -6.66
N PHE D 72 -32.44 3.04 -6.95
CA PHE D 72 -31.03 3.11 -7.31
C PHE D 72 -30.80 3.08 -8.82
N ASP D 73 -31.87 3.23 -9.60
CA ASP D 73 -31.83 3.27 -11.08
C ASP D 73 -31.79 4.74 -11.52
N ILE D 74 -31.71 5.01 -12.82
CA ILE D 74 -31.49 6.37 -13.31
C ILE D 74 -32.74 7.23 -13.13
N SER D 75 -33.92 6.68 -13.42
CA SER D 75 -35.18 7.41 -13.35
C SER D 75 -35.30 8.65 -14.24
N TYR D 76 -35.36 8.44 -15.55
CA TYR D 76 -35.49 9.55 -16.49
C TYR D 76 -36.70 10.45 -16.28
N GLU D 77 -37.74 9.98 -15.60
CA GLU D 77 -38.85 10.88 -15.27
C GLU D 77 -38.41 11.92 -14.25
N LEU D 78 -37.55 11.54 -13.31
CA LEU D 78 -37.07 12.50 -12.32
C LEU D 78 -36.14 13.52 -12.95
N GLU D 79 -35.29 13.09 -13.89
CA GLU D 79 -34.39 14.03 -14.55
C GLU D 79 -35.16 15.11 -15.29
N HIS D 80 -36.31 14.76 -15.87
CA HIS D 80 -37.08 15.71 -16.65
C HIS D 80 -37.91 16.65 -15.78
N GLN D 81 -38.32 16.21 -14.60
CA GLN D 81 -39.20 16.99 -13.75
C GLN D 81 -38.47 18.01 -12.87
N ILE D 82 -37.15 17.95 -12.79
CA ILE D 82 -36.41 18.82 -11.88
C ILE D 82 -35.35 19.59 -12.65
N ASP D 86 -33.33 21.93 -10.94
CA ASP D 86 -32.56 22.84 -10.08
C ASP D 86 -32.66 22.40 -8.62
N LYS D 87 -33.81 21.83 -8.24
CA LYS D 87 -33.98 21.35 -6.87
C LYS D 87 -33.32 19.98 -6.75
N GLU D 88 -32.12 19.85 -7.31
CA GLU D 88 -31.31 18.65 -7.13
C GLU D 88 -30.38 18.88 -5.94
N LYS D 89 -30.67 19.91 -5.14
CA LYS D 89 -30.10 20.05 -3.81
C LYS D 89 -30.44 18.86 -2.94
N TYR D 90 -31.55 18.18 -3.24
CA TYR D 90 -31.95 16.99 -2.52
C TYR D 90 -31.35 15.72 -3.12
N LEU D 91 -30.90 15.76 -4.37
CA LEU D 91 -30.46 14.58 -5.09
C LEU D 91 -28.95 14.42 -5.11
N VAL D 92 -28.21 15.31 -4.44
CA VAL D 92 -26.76 15.19 -4.40
C VAL D 92 -26.35 13.80 -3.94
N GLY D 93 -26.95 13.33 -2.83
CA GLY D 93 -26.53 12.06 -2.28
C GLY D 93 -26.79 10.89 -3.21
N ILE D 94 -28.00 10.83 -3.77
CA ILE D 94 -28.36 9.69 -4.60
C ILE D 94 -27.66 9.77 -5.96
N ARG D 95 -27.48 10.98 -6.50
CA ARG D 95 -26.79 11.12 -7.78
C ARG D 95 -25.35 10.66 -7.69
N ARG D 96 -24.70 10.95 -6.55
CA ARG D 96 -23.36 10.42 -6.31
C ARG D 96 -23.33 8.90 -6.42
N LEU D 97 -24.27 8.23 -5.76
CA LEU D 97 -24.25 6.77 -5.71
C LEU D 97 -24.35 6.17 -7.10
N ILE D 98 -25.33 6.61 -7.90
CA ILE D 98 -25.50 6.01 -9.22
C ILE D 98 -24.31 6.32 -10.11
N ASP D 99 -23.60 7.42 -9.86
CA ASP D 99 -22.47 7.78 -10.72
C ASP D 99 -21.20 7.03 -10.34
N GLU D 100 -21.03 6.71 -9.06
CA GLU D 100 -19.77 6.14 -8.57
C GLU D 100 -19.90 4.71 -8.07
N CYS D 101 -21.10 4.14 -8.06
CA CYS D 101 -21.30 2.79 -7.57
C CYS D 101 -21.82 1.89 -8.67
N THR D 102 -21.64 0.59 -8.45
CA THR D 102 -22.20 -0.45 -9.29
C THR D 102 -23.19 -1.25 -8.44
N PHE D 103 -24.37 -1.49 -8.99
CA PHE D 103 -25.42 -2.22 -8.29
C PHE D 103 -25.72 -3.52 -9.02
N ALA D 104 -25.70 -4.62 -8.27
CA ALA D 104 -26.02 -5.95 -8.76
C ALA D 104 -27.03 -6.57 -7.81
N TYR D 105 -28.04 -7.22 -8.37
CA TYR D 105 -29.12 -7.79 -7.58
C TYR D 105 -29.22 -9.29 -7.79
N THR D 106 -29.59 -9.99 -6.73
CA THR D 106 -29.97 -11.39 -6.81
C THR D 106 -31.03 -11.64 -5.77
N ARG D 107 -31.90 -12.59 -6.06
CA ARG D 107 -33.08 -12.87 -5.24
C ARG D 107 -32.84 -14.07 -4.33
N GLN D 108 -33.25 -13.97 -3.07
CA GLN D 108 -33.23 -15.08 -2.12
C GLN D 108 -34.68 -15.52 -1.94
N VAL D 109 -35.11 -16.48 -2.76
CA VAL D 109 -36.50 -16.93 -2.79
C VAL D 109 -36.72 -18.06 -1.80
N GLU D 110 -36.79 -17.70 -0.53
CA GLU D 110 -37.03 -18.54 0.63
C GLU D 110 -36.44 -17.58 1.66
N MET D 111 -36.90 -17.57 2.90
CA MET D 111 -36.37 -16.67 3.90
C MET D 111 -35.94 -17.62 5.02
N LYS D 112 -34.72 -18.14 4.91
CA LYS D 112 -34.19 -19.10 5.87
C LYS D 112 -33.23 -18.49 6.87
N GLY D 113 -33.01 -17.18 6.84
CA GLY D 113 -32.19 -16.52 7.83
C GLY D 113 -31.17 -15.58 7.22
N LEU D 114 -30.57 -14.77 8.09
CA LEU D 114 -29.54 -13.82 7.65
C LEU D 114 -28.34 -14.55 7.06
N GLY D 115 -27.89 -15.63 7.71
CA GLY D 115 -26.78 -16.39 7.16
C GLY D 115 -27.09 -16.92 5.77
N HIS D 116 -28.30 -17.42 5.56
CA HIS D 116 -28.68 -17.92 4.25
C HIS D 116 -28.72 -16.79 3.22
N ALA D 117 -29.18 -15.60 3.62
CA ALA D 117 -29.17 -14.47 2.71
C ALA D 117 -27.74 -14.12 2.30
N ILE D 118 -26.81 -14.12 3.25
CA ILE D 118 -25.42 -13.81 2.93
C ILE D 118 -24.87 -14.85 1.96
N LEU D 119 -25.23 -16.12 2.17
CA LEU D 119 -24.81 -17.17 1.24
C LEU D 119 -25.44 -16.98 -0.13
N THR D 120 -26.62 -16.38 -0.19
CA THR D 120 -27.29 -16.18 -1.48
C THR D 120 -26.48 -15.24 -2.37
N GLY D 121 -25.73 -14.32 -1.79
CA GLY D 121 -24.99 -13.35 -2.55
C GLY D 121 -23.64 -13.79 -3.05
N ARG D 122 -23.22 -15.03 -2.79
CA ARG D 122 -21.88 -15.44 -3.20
C ARG D 122 -21.63 -15.24 -4.70
N PRO D 123 -22.58 -15.49 -5.60
CA PRO D 123 -22.34 -15.18 -7.02
C PRO D 123 -21.91 -13.75 -7.26
N LEU D 124 -22.32 -12.82 -6.38
CA LEU D 124 -21.97 -11.43 -6.52
C LEU D 124 -20.60 -11.10 -5.94
N ILE D 125 -20.10 -11.92 -5.02
CA ILE D 125 -18.88 -11.60 -4.29
C ILE D 125 -17.71 -12.39 -4.84
N GLY D 126 -17.78 -13.71 -4.73
CA GLY D 126 -16.69 -14.55 -5.20
C GLY D 126 -15.63 -14.76 -4.15
N ASP D 127 -14.37 -14.85 -4.58
CA ASP D 127 -13.27 -15.17 -3.68
C ASP D 127 -12.50 -13.90 -3.32
N GLU D 128 -13.13 -13.09 -2.48
CA GLU D 128 -12.53 -11.85 -2.01
C GLU D 128 -13.27 -11.39 -0.76
N PRO D 129 -12.65 -10.56 0.06
CA PRO D 129 -13.33 -10.07 1.26
C PRO D 129 -14.40 -9.05 0.91
N PHE D 130 -15.40 -8.96 1.79
CA PHE D 130 -16.54 -8.11 1.52
C PHE D 130 -17.17 -7.68 2.83
N ALA D 131 -17.83 -6.52 2.80
CA ALA D 131 -18.61 -6.03 3.92
C ALA D 131 -20.07 -6.41 3.73
N VAL D 132 -20.75 -6.64 4.85
CA VAL D 132 -22.19 -6.89 4.87
C VAL D 132 -22.82 -5.85 5.78
N VAL D 133 -23.84 -5.17 5.27
CA VAL D 133 -24.51 -4.09 6.00
C VAL D 133 -25.99 -4.44 6.12
N LEU D 134 -26.49 -4.41 7.35
CA LEU D 134 -27.92 -4.54 7.63
C LEU D 134 -28.48 -3.13 7.79
N ALA D 135 -29.16 -2.62 6.74
CA ALA D 135 -29.73 -1.28 6.83
C ALA D 135 -30.70 -1.15 7.99
N ASP D 136 -31.09 -2.25 8.63
CA ASP D 136 -32.04 -2.18 9.77
C ASP D 136 -31.34 -1.39 10.88
N ASP D 137 -29.99 -1.33 10.91
CA ASP D 137 -29.27 -0.54 11.91
C ASP D 137 -28.79 0.75 11.25
N LEU D 138 -29.46 1.85 11.56
CA LEU D 138 -29.05 3.17 11.06
C LEU D 138 -27.89 3.65 11.92
N CYS D 139 -26.70 3.73 11.32
CA CYS D 139 -25.49 4.14 12.03
C CYS D 139 -25.05 5.50 11.51
N LEU D 140 -24.98 6.47 12.40
CA LEU D 140 -24.60 7.84 12.06
C LEU D 140 -23.42 8.26 12.91
N ASN D 141 -22.40 8.82 12.25
CA ASN D 141 -21.17 9.25 12.90
C ASN D 141 -20.83 10.62 12.32
N LEU D 142 -21.41 11.65 12.92
CA LEU D 142 -21.24 13.01 12.42
C LEU D 142 -19.88 13.60 12.75
N GLU D 143 -19.22 13.11 13.80
CA GLU D 143 -17.95 13.67 14.24
C GLU D 143 -16.75 13.03 13.55
N GLY D 144 -16.95 12.11 12.62
CA GLY D 144 -15.82 11.49 11.94
C GLY D 144 -16.17 10.49 10.87
N ASP D 145 -15.40 9.40 10.80
CA ASP D 145 -15.60 8.37 9.80
C ASP D 145 -16.81 7.50 10.15
N SER D 146 -17.48 7.03 9.11
CA SER D 146 -18.63 6.17 9.34
C SER D 146 -18.18 4.81 9.87
N VAL D 147 -19.12 4.11 10.52
CA VAL D 147 -18.80 2.83 11.15
C VAL D 147 -18.12 1.90 10.17
N LEU D 148 -18.60 1.87 8.93
CA LEU D 148 -18.01 0.99 7.93
C LEU D 148 -16.60 1.44 7.58
N LYS D 149 -16.37 2.74 7.48
CA LYS D 149 -15.02 3.25 7.24
C LYS D 149 -14.08 2.84 8.37
N GLN D 150 -14.55 2.94 9.62
CA GLN D 150 -13.74 2.52 10.75
C GLN D 150 -13.32 1.07 10.62
N MET D 151 -14.24 0.21 10.17
CA MET D 151 -13.95 -1.23 10.11
C MET D 151 -13.03 -1.56 8.94
N VAL D 152 -13.19 -0.88 7.80
CA VAL D 152 -12.32 -1.17 6.66
C VAL D 152 -10.87 -0.82 7.00
N LYS D 153 -10.66 0.30 7.69
CA LYS D 153 -9.32 0.62 8.18
C LYS D 153 -8.82 -0.46 9.12
N LEU D 154 -9.72 -1.03 9.93
CA LEU D 154 -9.32 -2.09 10.85
C LEU D 154 -9.01 -3.38 10.11
N TYR D 155 -9.69 -3.65 8.99
CA TYR D 155 -9.38 -4.84 8.22
C TYR D 155 -8.04 -4.71 7.53
N ASN D 156 -7.75 -3.53 6.97
CA ASN D 156 -6.47 -3.30 6.32
C ASN D 156 -5.29 -3.59 7.24
N GLN D 157 -5.54 -3.66 8.55
CA GLN D 157 -4.49 -3.85 9.55
C GLN D 157 -4.40 -5.30 10.04
N PHE D 158 -5.53 -5.89 10.44
CA PHE D 158 -5.54 -7.23 11.02
C PHE D 158 -5.88 -8.33 10.02
N ARG D 159 -6.60 -7.99 8.95
CA ARG D 159 -6.98 -8.92 7.88
C ARG D 159 -7.65 -10.18 8.40
N CYS D 160 -8.65 -9.99 9.26
CA CYS D 160 -9.57 -11.07 9.58
C CYS D 160 -10.95 -10.46 9.73
N SER D 161 -11.94 -11.32 9.97
CA SER D 161 -13.32 -10.86 9.99
C SER D 161 -13.57 -9.92 11.15
N ILE D 162 -14.36 -8.88 10.91
CA ILE D 162 -14.70 -7.88 11.91
C ILE D 162 -16.21 -7.82 12.04
N VAL D 163 -16.68 -7.73 13.28
CA VAL D 163 -18.10 -7.58 13.58
C VAL D 163 -18.26 -6.40 14.52
N ALA D 164 -19.12 -5.45 14.15
CA ALA D 164 -19.35 -4.29 15.00
C ALA D 164 -20.16 -4.69 16.22
N ILE D 165 -19.81 -4.13 17.38
CA ILE D 165 -20.46 -4.46 18.64
C ILE D 165 -20.79 -3.19 19.39
N GLN D 166 -21.60 -3.34 20.44
CA GLN D 166 -22.10 -2.21 21.20
C GLN D 166 -22.55 -2.71 22.57
N GLU D 167 -22.27 -1.92 23.60
CA GLU D 167 -22.66 -2.26 24.96
C GLU D 167 -24.15 -1.96 25.15
N VAL D 168 -24.90 -2.97 25.58
CA VAL D 168 -26.35 -2.83 25.71
C VAL D 168 -26.76 -3.27 27.11
N PRO D 169 -27.94 -2.84 27.56
CA PRO D 169 -28.42 -3.32 28.86
C PRO D 169 -28.55 -4.82 28.87
N PRO D 170 -28.32 -5.47 30.02
CA PRO D 170 -28.36 -6.94 30.04
C PRO D 170 -29.74 -7.52 29.78
N GLU D 171 -30.81 -6.76 30.02
CA GLU D 171 -32.16 -7.27 29.75
C GLU D 171 -32.47 -7.34 28.26
N GLU D 172 -31.68 -6.66 27.44
CA GLU D 172 -31.92 -6.58 26.00
C GLU D 172 -30.91 -7.41 25.21
N THR D 173 -30.20 -8.32 25.87
CA THR D 173 -29.32 -9.22 25.14
C THR D 173 -30.09 -10.25 24.35
N ASN D 174 -31.38 -10.48 24.65
CA ASN D 174 -32.10 -11.48 23.88
C ASN D 174 -32.49 -10.97 22.49
N LYS D 175 -32.35 -9.66 22.23
CA LYS D 175 -32.68 -9.14 20.91
C LYS D 175 -31.56 -9.31 19.91
N TYR D 176 -30.32 -9.08 20.33
CA TYR D 176 -29.15 -9.15 19.46
C TYR D 176 -28.32 -10.33 19.70
N GLY D 177 -27.31 -10.70 18.83
CA GLY D 177 -26.27 -11.68 19.06
C GLY D 177 -25.14 -11.09 19.87
N VAL D 178 -24.61 -11.88 20.81
CA VAL D 178 -23.67 -11.39 21.80
C VAL D 178 -22.37 -12.17 21.68
N ILE D 179 -21.25 -11.49 21.86
CA ILE D 179 -19.93 -12.09 21.78
C ILE D 179 -19.24 -11.98 23.14
N ALA D 180 -18.18 -12.78 23.29
CA ALA D 180 -17.27 -12.65 24.42
C ALA D 180 -15.90 -13.09 23.91
N GLY D 181 -14.86 -12.36 24.33
CA GLY D 181 -13.53 -12.67 23.87
C GLY D 181 -12.48 -11.96 24.68
N GLU D 182 -11.23 -12.36 24.45
CA GLU D 182 -10.09 -11.75 25.13
C GLU D 182 -9.86 -10.36 24.57
N MET D 183 -9.90 -9.36 25.45
CA MET D 183 -9.76 -7.97 25.04
C MET D 183 -8.31 -7.71 24.64
N ILE D 184 -8.08 -7.35 23.37
CA ILE D 184 -6.74 -7.00 22.92
C ILE D 184 -6.52 -5.48 22.92
N ARG D 185 -7.59 -4.69 22.84
CA ARG D 185 -7.47 -3.24 23.01
C ARG D 185 -8.77 -2.73 23.61
N ASP D 186 -8.78 -1.43 23.92
CA ASP D 186 -9.94 -0.83 24.56
C ASP D 186 -11.22 -1.09 23.80
N ASP D 187 -11.14 -1.19 22.47
CA ASP D 187 -12.33 -1.32 21.64
C ASP D 187 -12.30 -2.52 20.71
N ILE D 188 -11.26 -3.35 20.77
CA ILE D 188 -11.10 -4.49 19.88
C ILE D 188 -11.03 -5.74 20.73
N PHE D 189 -11.77 -6.77 20.34
CA PHE D 189 -11.85 -8.02 21.08
C PHE D 189 -11.55 -9.19 20.17
N ARG D 190 -10.83 -10.19 20.72
CA ARG D 190 -10.55 -11.44 20.02
C ARG D 190 -11.65 -12.43 20.37
N VAL D 191 -12.59 -12.63 19.45
CA VAL D 191 -13.81 -13.36 19.77
C VAL D 191 -13.52 -14.85 19.93
N ASN D 192 -13.97 -15.45 21.05
CA ASN D 192 -13.94 -16.91 21.26
C ASN D 192 -15.30 -17.45 21.69
N THR D 193 -16.35 -16.63 21.82
CA THR D 193 -17.70 -17.10 22.11
C THR D 193 -18.71 -16.21 21.39
N MET D 194 -19.74 -16.85 20.83
CA MET D 194 -20.82 -16.13 20.15
C MET D 194 -22.11 -16.89 20.38
N VAL D 195 -23.14 -16.19 20.82
CA VAL D 195 -24.49 -16.75 20.93
C VAL D 195 -25.47 -15.75 20.33
N GLU D 196 -26.45 -16.27 19.59
CA GLU D 196 -27.44 -15.47 18.90
C GLU D 196 -28.74 -15.47 19.71
N LYS D 197 -29.23 -14.28 20.03
CA LYS D 197 -30.47 -14.12 20.79
C LYS D 197 -30.47 -15.01 22.04
N PRO D 198 -29.54 -14.79 22.96
CA PRO D 198 -29.45 -15.66 24.13
C PRO D 198 -30.40 -15.27 25.24
N LYS D 199 -30.78 -16.28 26.02
CA LYS D 199 -31.51 -16.06 27.25
C LYS D 199 -30.56 -15.50 28.29
N PRO D 200 -31.09 -14.81 29.30
CA PRO D 200 -30.19 -14.17 30.30
C PRO D 200 -29.16 -15.12 30.90
N GLU D 201 -29.49 -16.41 30.99
CA GLU D 201 -28.51 -17.37 31.53
C GLU D 201 -27.44 -17.70 30.52
N GLU D 202 -27.83 -17.96 29.27
CA GLU D 202 -26.88 -18.29 28.22
C GLU D 202 -26.19 -17.05 27.66
N ALA D 203 -26.26 -15.92 28.35
CA ALA D 203 -25.70 -14.68 27.83
C ALA D 203 -24.21 -14.62 28.13
N PRO D 204 -23.34 -14.60 27.10
CA PRO D 204 -21.90 -14.50 27.39
C PRO D 204 -21.50 -13.15 27.97
N SER D 205 -22.06 -12.05 27.48
CA SER D 205 -21.69 -10.74 27.97
C SER D 205 -22.82 -9.76 27.65
N ASN D 206 -22.52 -8.46 27.69
CA ASN D 206 -23.43 -7.41 27.27
C ASN D 206 -22.97 -6.74 25.99
N LEU D 207 -22.14 -7.43 25.20
CA LEU D 207 -21.54 -6.89 23.98
C LEU D 207 -22.31 -7.45 22.79
N ALA D 208 -23.14 -6.61 22.19
CA ALA D 208 -24.11 -7.03 21.19
C ALA D 208 -23.62 -6.69 19.78
N ILE D 209 -23.96 -7.55 18.83
CA ILE D 209 -23.56 -7.37 17.44
C ILE D 209 -24.44 -6.32 16.79
N ILE D 210 -23.81 -5.37 16.09
CA ILE D 210 -24.53 -4.39 15.27
C ILE D 210 -24.40 -4.80 13.81
N GLY D 211 -25.43 -4.50 13.03
CA GLY D 211 -25.49 -4.96 11.65
C GLY D 211 -24.44 -4.31 10.77
N ARG D 212 -23.17 -4.62 11.02
CA ARG D 212 -22.06 -4.18 10.17
C ARG D 212 -20.98 -5.23 10.29
N TYR D 213 -20.56 -5.80 9.16
CA TYR D 213 -19.61 -6.89 9.16
C TYR D 213 -18.53 -6.66 8.11
N ILE D 214 -17.36 -7.23 8.35
CA ILE D 214 -16.35 -7.48 7.32
C ILE D 214 -16.05 -8.97 7.38
N LEU D 215 -16.26 -9.65 6.26
CA LEU D 215 -16.13 -11.10 6.21
C LEU D 215 -15.11 -11.51 5.17
N THR D 216 -14.39 -12.56 5.47
CA THR D 216 -13.50 -13.18 4.49
C THR D 216 -14.24 -14.31 3.78
N PRO D 217 -13.83 -14.63 2.55
CA PRO D 217 -14.66 -15.52 1.71
C PRO D 217 -14.79 -16.95 2.22
N ASP D 218 -13.98 -17.38 3.20
CA ASP D 218 -14.23 -18.71 3.75
C ASP D 218 -15.52 -18.78 4.56
N ILE D 219 -16.15 -17.64 4.88
CA ILE D 219 -17.41 -17.68 5.62
C ILE D 219 -18.47 -18.42 4.81
N PHE D 220 -18.40 -18.32 3.48
CA PHE D 220 -19.37 -19.03 2.63
C PHE D 220 -19.32 -20.53 2.89
N ASP D 221 -18.12 -21.12 2.79
CA ASP D 221 -17.98 -22.53 3.10
C ASP D 221 -18.47 -22.85 4.51
N LEU D 222 -18.33 -21.90 5.43
CA LEU D 222 -18.77 -22.11 6.80
C LEU D 222 -20.29 -22.02 6.95
N ILE D 223 -20.93 -21.19 6.13
CA ILE D 223 -22.39 -21.11 6.19
C ILE D 223 -23.01 -22.41 5.70
N GLU D 224 -22.47 -22.97 4.62
CA GLU D 224 -22.97 -24.25 4.11
C GLU D 224 -22.83 -25.36 5.15
N GLN D 225 -21.92 -25.21 6.12
CA GLN D 225 -21.74 -26.18 7.18
C GLN D 225 -22.59 -25.89 8.41
N THR D 226 -23.17 -24.70 8.50
CA THR D 226 -23.87 -24.31 9.71
C THR D 226 -25.24 -24.96 9.77
N GLU D 227 -25.63 -25.35 10.96
CA GLU D 227 -26.90 -26.00 11.23
C GLU D 227 -27.95 -24.95 11.59
N PRO D 228 -29.23 -25.20 11.28
CA PRO D 228 -30.26 -24.25 11.70
C PRO D 228 -30.23 -23.99 13.20
N GLY D 229 -30.26 -22.71 13.58
CA GLY D 229 -30.17 -22.31 14.97
C GLY D 229 -31.43 -21.68 15.52
N LYS D 230 -31.28 -20.54 16.20
CA LYS D 230 -32.42 -19.84 16.79
C LYS D 230 -33.51 -19.63 15.76
N GLY D 231 -34.71 -20.16 16.05
CA GLY D 231 -35.82 -19.98 15.16
C GLY D 231 -35.80 -20.83 13.91
N GLY D 232 -34.99 -21.88 13.89
CA GLY D 232 -34.89 -22.73 12.72
C GLY D 232 -34.20 -22.10 11.53
N GLU D 233 -33.57 -20.94 11.71
CA GLU D 233 -32.91 -20.22 10.64
C GLU D 233 -31.39 -20.42 10.72
N ILE D 234 -30.73 -20.14 9.60
CA ILE D 234 -29.28 -20.24 9.50
C ILE D 234 -28.70 -18.87 9.87
N GLN D 235 -28.01 -18.82 11.00
CA GLN D 235 -27.49 -17.57 11.54
C GLN D 235 -26.04 -17.37 11.09
N ILE D 236 -25.74 -16.15 10.63
CA ILE D 236 -24.35 -15.82 10.35
C ILE D 236 -23.54 -15.82 11.64
N THR D 237 -24.21 -15.58 12.77
CA THR D 237 -23.51 -15.64 14.06
C THR D 237 -22.93 -17.03 14.30
N ASP D 238 -23.69 -18.08 13.97
CA ASP D 238 -23.20 -19.44 14.16
C ASP D 238 -22.09 -19.76 13.15
N ALA D 239 -22.20 -19.26 11.92
CA ALA D 239 -21.13 -19.43 10.96
C ALA D 239 -19.89 -18.64 11.39
N LEU D 240 -20.09 -17.44 11.94
CA LEU D 240 -18.97 -16.65 12.43
C LEU D 240 -18.31 -17.33 13.64
N MET D 241 -19.09 -18.07 14.43
CA MET D 241 -18.52 -18.81 15.55
C MET D 241 -17.49 -19.83 15.05
N LYS D 242 -17.87 -20.63 14.06
CA LYS D 242 -16.92 -21.59 13.49
C LYS D 242 -15.66 -20.90 13.00
N GLN D 243 -15.81 -19.69 12.44
CA GLN D 243 -14.63 -18.96 12.00
C GLN D 243 -13.82 -18.44 13.19
N ALA D 244 -14.45 -18.24 14.34
CA ALA D 244 -13.75 -17.72 15.50
C ALA D 244 -12.86 -18.77 16.15
N GLN D 245 -13.25 -20.05 16.07
CA GLN D 245 -12.44 -21.11 16.67
C GLN D 245 -11.16 -21.32 15.89
N ASP D 246 -11.30 -21.66 14.60
CA ASP D 246 -10.17 -22.02 13.76
C ASP D 246 -9.67 -20.87 12.92
N GLY D 247 -10.05 -19.63 13.29
CA GLY D 247 -9.58 -18.44 12.61
C GLY D 247 -9.56 -17.21 13.50
N CYS D 248 -9.63 -16.04 12.87
CA CYS D 248 -9.57 -14.75 13.57
C CYS D 248 -10.88 -14.02 13.33
N VAL D 249 -11.56 -13.66 14.43
CA VAL D 249 -12.79 -12.89 14.39
C VAL D 249 -12.67 -11.79 15.43
N LEU D 250 -12.74 -10.53 15.00
CA LEU D 250 -12.57 -9.39 15.87
C LEU D 250 -13.90 -8.66 16.06
N ALA D 251 -14.21 -8.35 17.30
CA ALA D 251 -15.35 -7.48 17.63
C ALA D 251 -14.82 -6.07 17.88
N TYR D 252 -15.56 -5.08 17.38
CA TYR D 252 -15.09 -3.70 17.37
C TYR D 252 -16.14 -2.79 17.98
N LYS D 253 -15.78 -2.14 19.09
CA LYS D 253 -16.63 -1.09 19.66
C LYS D 253 -16.55 0.15 18.79
N PHE D 254 -17.48 0.30 17.84
CA PHE D 254 -17.46 1.44 16.96
C PHE D 254 -17.81 2.72 17.72
N LYS D 255 -17.31 3.84 17.22
CA LYS D 255 -17.59 5.15 17.77
C LYS D 255 -18.69 5.81 16.94
N GLY D 256 -19.81 6.13 17.57
CA GLY D 256 -20.94 6.71 16.87
C GLY D 256 -22.25 6.23 17.46
N LYS D 257 -23.33 6.82 16.96
CA LYS D 257 -24.68 6.52 17.43
C LYS D 257 -25.35 5.59 16.43
N ARG D 258 -25.99 4.52 16.93
CA ARG D 258 -26.68 3.54 16.10
C ARG D 258 -28.13 3.48 16.59
N PHE D 259 -29.10 3.62 15.70
CA PHE D 259 -30.53 3.52 15.99
C PHE D 259 -31.07 2.20 15.47
N ASP D 260 -31.86 1.51 16.29
CA ASP D 260 -32.46 0.23 15.91
C ASP D 260 -33.74 0.50 15.12
N CYS D 261 -33.56 0.73 13.82
CA CYS D 261 -34.70 1.01 12.96
C CYS D 261 -35.42 -0.25 12.50
N GLY D 262 -34.94 -1.43 12.89
CA GLY D 262 -35.78 -2.62 12.81
C GLY D 262 -36.87 -2.67 13.86
N SER D 263 -36.88 -1.70 14.77
CA SER D 263 -37.89 -1.56 15.80
C SER D 263 -38.69 -0.29 15.58
N ALA D 264 -39.95 -0.31 16.01
CA ALA D 264 -40.79 0.88 15.88
C ALA D 264 -40.25 2.03 16.72
N GLU D 265 -39.84 1.74 17.95
CA GLU D 265 -39.34 2.81 18.82
C GLU D 265 -38.06 3.42 18.25
N GLY D 266 -37.12 2.57 17.83
CA GLY D 266 -35.89 3.08 17.25
C GLY D 266 -36.11 3.81 15.94
N TYR D 267 -37.11 3.39 15.16
CA TYR D 267 -37.38 4.05 13.89
C TYR D 267 -37.79 5.50 14.08
N ILE D 268 -38.71 5.74 15.02
CA ILE D 268 -39.09 7.12 15.30
C ILE D 268 -37.95 7.86 15.99
N GLU D 269 -37.23 7.16 16.88
CA GLU D 269 -36.05 7.76 17.50
C GLU D 269 -35.09 8.27 16.42
N ALA D 270 -34.85 7.46 15.39
CA ALA D 270 -34.02 7.91 14.28
C ALA D 270 -34.69 9.06 13.53
N THR D 271 -36.01 8.96 13.31
CA THR D 271 -36.71 10.00 12.58
C THR D 271 -36.56 11.35 13.28
N ASN D 272 -36.80 11.39 14.59
CA ASN D 272 -36.69 12.64 15.32
C ASN D 272 -35.25 13.14 15.34
N PHE D 273 -34.31 12.25 15.60
CA PHE D 273 -32.89 12.65 15.62
C PHE D 273 -32.50 13.28 14.29
N CYS D 274 -32.76 12.59 13.18
CA CYS D 274 -32.33 13.09 11.89
C CYS D 274 -33.07 14.38 11.51
N TYR D 275 -34.30 14.57 11.98
CA TYR D 275 -34.99 15.81 11.64
C TYR D 275 -34.29 17.01 12.27
N GLU D 276 -34.01 16.93 13.58
CA GLU D 276 -33.43 18.07 14.27
C GLU D 276 -32.03 18.36 13.74
N ASN D 277 -31.22 17.32 13.60
CA ASN D 277 -29.79 17.45 13.35
C ASN D 277 -29.39 17.38 11.89
N LEU D 278 -30.23 16.84 11.02
CA LEU D 278 -29.83 16.60 9.65
C LEU D 278 -30.71 17.29 8.63
N TYR D 279 -32.03 17.26 8.80
CA TYR D 279 -32.91 17.83 7.79
C TYR D 279 -32.89 19.35 7.83
N LYS D 280 -33.08 19.94 9.02
CA LYS D 280 -33.08 21.39 9.16
C LYS D 280 -31.73 22.01 8.88
N THR D 281 -30.75 21.21 8.48
CA THR D 281 -29.42 21.71 8.16
C THR D 281 -29.05 21.36 6.71
N ALA E 1 -1.47 -10.73 -13.75
CA ALA E 1 -0.50 -11.05 -14.84
C ALA E 1 -0.73 -12.46 -15.37
N LEU E 2 -1.52 -13.25 -14.65
CA LEU E 2 -1.89 -14.60 -15.05
C LEU E 2 -3.37 -14.67 -15.36
N VAL E 3 -3.71 -15.45 -16.38
CA VAL E 3 -5.09 -15.54 -16.88
C VAL E 3 -5.70 -16.83 -16.34
N PRO E 4 -6.76 -16.77 -15.53
CA PRO E 4 -7.43 -18.00 -15.10
C PRO E 4 -8.11 -18.70 -16.28
N ARG E 5 -7.74 -19.92 -16.57
CA ARG E 5 -8.40 -20.70 -17.61
C ARG E 5 -8.98 -21.92 -16.93
N GLY E 6 -9.61 -21.87 -15.73
CA GLY E 6 -10.18 -22.98 -14.99
C GLY E 6 -11.56 -23.38 -15.46
N SER E 7 -12.29 -24.05 -14.56
CA SER E 7 -13.64 -24.48 -14.86
C SER E 7 -14.53 -23.28 -15.17
N ILE E 8 -15.46 -23.47 -16.10
CA ILE E 8 -16.39 -22.43 -16.52
C ILE E 8 -17.77 -22.78 -15.97
N LYS E 9 -18.40 -21.80 -15.32
CA LYS E 9 -19.70 -22.03 -14.70
C LYS E 9 -20.63 -20.84 -14.78
N LYS E 10 -20.19 -19.70 -15.33
CA LYS E 10 -21.00 -18.51 -15.46
C LYS E 10 -21.29 -18.23 -16.92
N CYS E 11 -22.50 -17.75 -17.20
CA CYS E 11 -22.89 -17.32 -18.54
C CYS E 11 -23.54 -15.95 -18.42
N LEU E 12 -23.15 -15.02 -19.30
CA LEU E 12 -23.65 -13.66 -19.30
C LEU E 12 -24.58 -13.44 -20.49
N PHE E 13 -25.65 -12.67 -20.28
CA PHE E 13 -26.65 -12.41 -21.31
C PHE E 13 -26.88 -10.92 -21.45
N PRO E 14 -26.29 -10.28 -22.47
CA PRO E 14 -26.58 -8.85 -22.68
C PRO E 14 -27.98 -8.64 -23.24
N ALA E 15 -28.76 -7.80 -22.59
CA ALA E 15 -30.13 -7.51 -22.99
C ALA E 15 -30.45 -6.04 -22.77
N ALA E 16 -29.56 -5.17 -23.26
CA ALA E 16 -29.72 -3.73 -23.13
C ALA E 16 -29.68 -3.03 -24.49
N GLY E 17 -30.08 -3.73 -25.55
CA GLY E 17 -30.00 -3.19 -26.89
C GLY E 17 -31.13 -2.21 -27.18
N TYR E 18 -31.05 -1.59 -28.36
CA TYR E 18 -32.09 -0.67 -28.78
C TYR E 18 -33.29 -1.40 -29.36
N GLY E 19 -33.08 -2.54 -30.03
CA GLY E 19 -34.17 -3.27 -30.63
C GLY E 19 -35.06 -2.40 -31.50
N THR E 20 -34.46 -1.35 -32.08
CA THR E 20 -35.22 -0.41 -32.89
C THR E 20 -36.07 -1.11 -33.94
N ARG E 21 -35.59 -2.24 -34.47
CA ARG E 21 -36.31 -2.91 -35.55
C ARG E 21 -37.65 -3.46 -35.10
N PHE E 22 -37.87 -3.59 -33.79
CA PHE E 22 -39.06 -4.22 -33.25
C PHE E 22 -39.89 -3.27 -32.40
N LEU E 23 -39.71 -1.96 -32.59
CA LEU E 23 -40.64 -1.00 -32.03
C LEU E 23 -41.96 -1.04 -32.80
N PRO E 24 -43.09 -0.79 -32.12
CA PRO E 24 -43.21 -0.40 -30.72
C PRO E 24 -43.31 -1.56 -29.71
N ALA E 25 -43.40 -2.80 -30.18
CA ALA E 25 -43.49 -3.92 -29.25
C ALA E 25 -42.32 -3.93 -28.27
N THR E 26 -41.17 -3.41 -28.70
CA THR E 26 -39.95 -3.38 -27.90
C THR E 26 -39.89 -2.14 -27.00
N LYS E 27 -40.97 -1.38 -26.90
CA LYS E 27 -40.95 -0.13 -26.15
C LYS E 27 -40.67 -0.38 -24.68
N ALA E 28 -41.41 -1.30 -24.06
CA ALA E 28 -41.26 -1.61 -22.65
C ALA E 28 -40.75 -3.03 -22.43
N MET E 29 -40.11 -3.62 -23.44
CA MET E 29 -39.57 -4.97 -23.30
C MET E 29 -38.41 -5.12 -24.26
N PRO E 30 -37.35 -5.82 -23.87
CA PRO E 30 -36.17 -5.89 -24.72
C PRO E 30 -36.37 -6.81 -25.92
N LYS E 31 -35.50 -6.64 -26.91
CA LYS E 31 -35.53 -7.40 -28.16
C LYS E 31 -35.39 -8.88 -27.83
N GLU E 32 -34.73 -9.21 -26.74
CA GLU E 32 -34.48 -10.60 -26.37
C GLU E 32 -35.67 -11.27 -25.69
N MET E 33 -36.68 -10.50 -25.29
CA MET E 33 -37.86 -11.08 -24.64
C MET E 33 -38.96 -11.43 -25.64
N LEU E 34 -38.77 -11.15 -26.93
CA LEU E 34 -39.80 -11.45 -27.90
C LEU E 34 -40.07 -12.95 -27.93
N PRO E 35 -41.34 -13.37 -28.01
CA PRO E 35 -41.63 -14.81 -28.03
C PRO E 35 -41.52 -15.40 -29.42
N VAL E 36 -40.85 -16.54 -29.52
CA VAL E 36 -40.87 -17.35 -30.73
C VAL E 36 -42.01 -18.34 -30.55
N VAL E 37 -43.19 -18.05 -31.13
CA VAL E 37 -44.48 -18.81 -30.96
C VAL E 37 -44.91 -18.66 -29.49
N ASN E 38 -44.26 -19.30 -28.50
CA ASN E 38 -44.69 -19.10 -27.13
C ASN E 38 -43.56 -19.12 -26.11
N LYS E 39 -42.30 -19.04 -26.56
CA LYS E 39 -41.16 -19.05 -25.66
C LYS E 39 -40.29 -17.84 -25.95
N PRO E 40 -39.91 -17.06 -24.93
CA PRO E 40 -39.02 -15.91 -25.19
C PRO E 40 -37.69 -16.38 -25.75
N LEU E 41 -37.12 -15.57 -26.64
CA LEU E 41 -35.81 -15.86 -27.19
C LEU E 41 -34.81 -16.17 -26.07
N ILE E 42 -34.82 -15.35 -25.02
CA ILE E 42 -33.82 -15.49 -23.97
C ILE E 42 -34.06 -16.74 -23.13
N GLN E 43 -35.28 -17.28 -23.11
CA GLN E 43 -35.49 -18.53 -22.39
C GLN E 43 -34.80 -19.69 -23.11
N TYR E 44 -34.88 -19.71 -24.45
CA TYR E 44 -34.10 -20.67 -25.21
C TYR E 44 -32.62 -20.58 -24.85
N ALA E 45 -32.11 -19.36 -24.71
CA ALA E 45 -30.68 -19.16 -24.50
C ALA E 45 -30.25 -19.62 -23.11
N VAL E 46 -31.09 -19.38 -22.09
CA VAL E 46 -30.74 -19.83 -20.74
C VAL E 46 -30.84 -21.34 -20.64
N GLU E 47 -31.89 -21.93 -21.23
CA GLU E 47 -31.98 -23.38 -21.28
C GLU E 47 -30.77 -23.97 -21.98
N GLU E 48 -30.24 -23.27 -22.99
CA GLU E 48 -29.02 -23.71 -23.65
C GLU E 48 -27.83 -23.68 -22.70
N ALA E 49 -27.74 -22.63 -21.87
CA ALA E 49 -26.62 -22.51 -20.95
C ALA E 49 -26.69 -23.54 -19.85
N LEU E 50 -27.90 -23.87 -19.39
CA LEU E 50 -28.04 -24.92 -18.38
C LEU E 50 -27.72 -26.28 -18.97
N GLU E 51 -28.04 -26.52 -20.24
CA GLU E 51 -27.67 -27.77 -20.89
C GLU E 51 -26.15 -27.92 -20.95
N ALA E 52 -25.42 -26.82 -21.09
CA ALA E 52 -23.97 -26.85 -21.13
C ALA E 52 -23.34 -26.92 -19.74
N GLY E 53 -24.16 -27.00 -18.68
CA GLY E 53 -23.66 -27.07 -17.33
C GLY E 53 -23.45 -25.74 -16.65
N LEU E 54 -23.78 -24.63 -17.31
CA LEU E 54 -23.59 -23.29 -16.75
C LEU E 54 -24.90 -22.89 -16.06
N SER E 55 -24.90 -22.94 -14.73
CA SER E 55 -26.08 -22.66 -13.93
C SER E 55 -26.03 -21.31 -13.24
N GLU E 56 -24.98 -20.52 -13.45
CA GLU E 56 -24.85 -19.21 -12.84
C GLU E 56 -25.11 -18.18 -13.94
N ILE E 57 -26.35 -17.67 -13.97
CA ILE E 57 -26.83 -16.82 -15.05
C ILE E 57 -26.72 -15.36 -14.62
N GLY E 58 -26.10 -14.54 -15.46
CA GLY E 58 -26.03 -13.11 -15.23
C GLY E 58 -26.56 -12.35 -16.43
N ILE E 59 -27.44 -11.38 -16.19
CA ILE E 59 -28.12 -10.65 -17.25
C ILE E 59 -27.82 -9.16 -17.08
N VAL E 60 -27.30 -8.56 -18.14
CA VAL E 60 -27.08 -7.11 -18.20
C VAL E 60 -28.33 -6.50 -18.81
N THR E 61 -29.03 -5.69 -18.04
CA THR E 61 -30.35 -5.20 -18.41
C THR E 61 -30.29 -3.77 -18.92
N GLY E 62 -31.36 -3.37 -19.60
CA GLY E 62 -31.48 -2.02 -20.13
C GLY E 62 -32.88 -1.45 -19.98
N ARG E 63 -33.52 -1.10 -21.09
CA ARG E 63 -34.81 -0.44 -21.03
C ARG E 63 -35.89 -1.34 -20.43
N GLY E 64 -36.25 -2.41 -21.14
CA GLY E 64 -37.28 -3.30 -20.65
C GLY E 64 -36.73 -4.31 -19.66
N LYS E 65 -35.86 -3.84 -18.76
CA LYS E 65 -35.27 -4.75 -17.77
C LYS E 65 -36.35 -5.46 -16.99
N ARG E 66 -37.55 -4.86 -16.88
CA ARG E 66 -38.65 -5.32 -16.00
C ARG E 66 -39.22 -6.60 -16.53
N SER E 67 -39.31 -6.70 -17.84
CA SER E 67 -39.86 -7.91 -18.46
C SER E 67 -38.94 -9.10 -18.21
N LEU E 68 -37.63 -8.88 -18.29
CA LEU E 68 -36.67 -9.93 -18.03
C LEU E 68 -36.79 -10.45 -16.60
N GLU E 69 -36.59 -9.57 -15.63
CA GLU E 69 -36.58 -10.00 -14.23
C GLU E 69 -37.87 -10.73 -13.87
N ASP E 70 -39.00 -10.26 -14.39
CA ASP E 70 -40.28 -10.87 -14.05
C ASP E 70 -40.38 -12.29 -14.61
N HIS E 71 -39.70 -12.58 -15.72
CA HIS E 71 -39.82 -13.87 -16.36
C HIS E 71 -38.98 -14.94 -15.66
N PHE E 72 -37.86 -14.55 -15.04
CA PHE E 72 -36.97 -15.48 -14.38
C PHE E 72 -37.06 -15.45 -12.86
N ASP E 73 -38.06 -14.76 -12.34
CA ASP E 73 -38.37 -14.70 -10.90
C ASP E 73 -39.52 -15.64 -10.62
N ILE E 74 -39.74 -15.96 -9.36
CA ILE E 74 -40.89 -16.77 -8.98
C ILE E 74 -42.14 -15.91 -9.09
N SER E 75 -43.18 -16.46 -9.74
CA SER E 75 -44.46 -15.78 -9.90
C SER E 75 -45.45 -16.45 -8.96
N TYR E 76 -45.62 -15.87 -7.76
CA TYR E 76 -46.60 -16.41 -6.83
C TYR E 76 -48.01 -16.24 -7.34
N GLU E 77 -48.25 -15.22 -8.18
CA GLU E 77 -49.54 -15.11 -8.83
C GLU E 77 -49.78 -16.27 -9.78
N LEU E 78 -48.85 -16.49 -10.72
CA LEU E 78 -48.99 -17.61 -11.65
C LEU E 78 -49.17 -18.92 -10.88
N GLU E 79 -48.41 -19.10 -9.80
CA GLU E 79 -48.54 -20.29 -8.97
C GLU E 79 -49.96 -20.45 -8.46
N HIS E 80 -50.56 -19.35 -8.00
CA HIS E 80 -51.94 -19.39 -7.50
C HIS E 80 -52.93 -19.58 -8.65
N GLN E 81 -52.75 -18.82 -9.75
CA GLN E 81 -53.68 -18.92 -10.87
C GLN E 81 -53.78 -20.36 -11.35
N ILE E 82 -52.66 -21.05 -11.46
CA ILE E 82 -52.61 -22.46 -11.81
C ILE E 82 -52.21 -23.24 -10.56
N ARG E 83 -53.19 -23.66 -9.77
CA ARG E 83 -52.97 -24.21 -8.43
C ARG E 83 -52.00 -25.38 -8.30
N ASN E 84 -52.35 -26.56 -8.84
CA ASN E 84 -51.42 -27.66 -9.06
C ASN E 84 -51.54 -28.16 -10.50
N THR E 85 -52.00 -27.30 -11.39
CA THR E 85 -52.75 -27.67 -12.57
C THR E 85 -51.99 -28.60 -13.51
N ASP E 86 -52.78 -29.35 -14.30
CA ASP E 86 -52.25 -30.11 -15.43
C ASP E 86 -51.36 -29.25 -16.32
N LYS E 87 -51.67 -27.97 -16.43
CA LYS E 87 -50.92 -27.03 -17.26
C LYS E 87 -49.45 -26.91 -16.89
N GLU E 88 -48.93 -27.84 -16.10
CA GLU E 88 -47.48 -27.93 -15.93
C GLU E 88 -46.79 -28.33 -17.23
N LYS E 89 -47.55 -28.82 -18.21
CA LYS E 89 -47.06 -29.22 -19.52
C LYS E 89 -46.59 -28.05 -20.38
N TYR E 90 -46.77 -26.81 -19.91
CA TYR E 90 -46.25 -25.64 -20.59
C TYR E 90 -45.04 -25.03 -19.90
N LEU E 91 -44.89 -25.25 -18.59
CA LEU E 91 -43.90 -24.56 -17.79
C LEU E 91 -42.77 -25.46 -17.32
N VAL E 92 -42.64 -26.67 -17.87
CA VAL E 92 -41.62 -27.59 -17.41
C VAL E 92 -40.24 -26.94 -17.51
N GLY E 93 -39.99 -26.21 -18.59
CA GLY E 93 -38.65 -25.68 -18.83
C GLY E 93 -38.31 -24.51 -17.92
N ILE E 94 -39.25 -23.58 -17.74
CA ILE E 94 -38.96 -22.38 -16.97
C ILE E 94 -38.81 -22.70 -15.50
N ARG E 95 -39.61 -23.65 -14.98
CA ARG E 95 -39.46 -24.04 -13.59
C ARG E 95 -38.12 -24.73 -13.36
N ARG E 96 -37.68 -25.55 -14.33
CA ARG E 96 -36.35 -26.13 -14.26
C ARG E 96 -35.29 -25.05 -14.16
N LEU E 97 -35.44 -23.96 -14.92
CA LEU E 97 -34.49 -22.87 -14.85
C LEU E 97 -34.49 -22.24 -13.46
N ILE E 98 -35.67 -22.02 -12.89
CA ILE E 98 -35.75 -21.30 -11.62
C ILE E 98 -35.11 -22.11 -10.49
N ASP E 99 -35.31 -23.44 -10.53
CA ASP E 99 -34.85 -24.29 -9.43
C ASP E 99 -33.40 -24.75 -9.58
N GLU E 100 -32.83 -24.68 -10.79
CA GLU E 100 -31.47 -25.13 -11.02
C GLU E 100 -30.49 -24.00 -11.30
N CYS E 101 -30.97 -22.76 -11.46
CA CYS E 101 -30.10 -21.65 -11.83
C CYS E 101 -30.06 -20.60 -10.73
N THR E 102 -29.07 -19.71 -10.86
CA THR E 102 -28.96 -18.49 -10.07
C THR E 102 -28.97 -17.32 -11.04
N PHE E 103 -29.81 -16.32 -10.76
CA PHE E 103 -29.94 -15.15 -11.62
C PHE E 103 -29.44 -13.91 -10.89
N ALA E 104 -28.53 -13.19 -11.52
CA ALA E 104 -28.04 -11.91 -11.04
C ALA E 104 -28.21 -10.88 -12.14
N TYR E 105 -28.64 -9.67 -11.76
CA TYR E 105 -28.93 -8.61 -12.71
C TYR E 105 -28.09 -7.39 -12.41
N THR E 106 -27.63 -6.73 -13.46
CA THR E 106 -26.97 -5.43 -13.37
C THR E 106 -27.38 -4.63 -14.61
N ARG E 107 -27.62 -3.34 -14.43
CA ARG E 107 -28.14 -2.53 -15.53
C ARG E 107 -27.01 -1.78 -16.22
N GLN E 108 -27.11 -1.61 -17.56
CA GLN E 108 -26.19 -0.84 -18.40
C GLN E 108 -26.88 0.51 -18.63
N VAL E 109 -26.34 1.62 -18.12
CA VAL E 109 -27.02 2.92 -18.15
C VAL E 109 -26.94 3.60 -19.51
N GLU E 110 -25.96 3.26 -20.33
CA GLU E 110 -25.75 3.95 -21.60
C GLU E 110 -25.30 2.95 -22.64
N MET E 111 -25.98 2.96 -23.79
CA MET E 111 -25.68 2.01 -24.86
C MET E 111 -24.42 2.46 -25.57
N LYS E 112 -23.30 1.81 -25.25
CA LYS E 112 -22.02 2.10 -25.89
C LYS E 112 -21.50 0.91 -26.67
N GLY E 113 -22.32 -0.11 -26.90
CA GLY E 113 -21.93 -1.24 -27.71
C GLY E 113 -21.86 -2.54 -26.94
N LEU E 114 -21.84 -3.65 -27.67
CA LEU E 114 -21.75 -4.96 -27.02
C LEU E 114 -20.52 -5.05 -26.13
N GLY E 115 -19.36 -4.62 -26.63
CA GLY E 115 -18.15 -4.64 -25.81
C GLY E 115 -18.37 -4.00 -24.46
N HIS E 116 -18.99 -2.82 -24.43
CA HIS E 116 -19.22 -2.13 -23.16
C HIS E 116 -20.26 -2.86 -22.32
N ALA E 117 -21.24 -3.50 -22.95
CA ALA E 117 -22.23 -4.26 -22.19
C ALA E 117 -21.58 -5.41 -21.43
N ILE E 118 -20.63 -6.11 -22.07
CA ILE E 118 -19.96 -7.22 -21.41
C ILE E 118 -19.10 -6.71 -20.27
N LEU E 119 -18.42 -5.58 -20.47
CA LEU E 119 -17.66 -4.97 -19.38
C LEU E 119 -18.57 -4.56 -18.24
N THR E 120 -19.83 -4.25 -18.56
CA THR E 120 -20.79 -3.87 -17.52
C THR E 120 -21.11 -5.03 -16.59
N GLY E 121 -21.08 -6.26 -17.11
CA GLY E 121 -21.37 -7.44 -16.32
C GLY E 121 -20.23 -7.97 -15.49
N ARG E 122 -19.08 -7.30 -15.53
CA ARG E 122 -17.90 -7.73 -14.76
C ARG E 122 -18.20 -8.00 -13.29
N PRO E 123 -18.93 -7.14 -12.57
CA PRO E 123 -19.26 -7.46 -11.17
C PRO E 123 -19.97 -8.80 -11.01
N LEU E 124 -20.72 -9.23 -12.03
CA LEU E 124 -21.40 -10.52 -11.97
C LEU E 124 -20.50 -11.70 -12.33
N ILE E 125 -19.34 -11.44 -12.91
CA ILE E 125 -18.45 -12.48 -13.40
C ILE E 125 -17.23 -12.65 -12.49
N GLY E 126 -16.45 -11.59 -12.32
CA GLY E 126 -15.24 -11.67 -11.53
C GLY E 126 -14.06 -12.14 -12.35
N ASP E 127 -13.09 -12.75 -11.70
CA ASP E 127 -11.90 -13.26 -12.37
C ASP E 127 -12.06 -14.74 -12.69
N GLU E 128 -13.05 -15.02 -13.54
CA GLU E 128 -13.41 -16.36 -13.95
C GLU E 128 -13.61 -16.39 -15.46
N PRO E 129 -13.38 -17.52 -16.10
CA PRO E 129 -13.82 -17.67 -17.49
C PRO E 129 -15.33 -17.80 -17.55
N PHE E 130 -15.92 -17.28 -18.61
CA PHE E 130 -17.36 -17.21 -18.71
C PHE E 130 -17.80 -17.26 -20.16
N ALA E 131 -19.06 -17.65 -20.36
CA ALA E 131 -19.70 -17.65 -21.66
C ALA E 131 -20.56 -16.40 -21.80
N VAL E 132 -20.67 -15.92 -23.04
CA VAL E 132 -21.56 -14.82 -23.38
C VAL E 132 -22.50 -15.33 -24.48
N VAL E 133 -23.79 -15.11 -24.30
CA VAL E 133 -24.81 -15.55 -25.26
C VAL E 133 -25.64 -14.34 -25.66
N LEU E 134 -25.73 -14.10 -26.97
CA LEU E 134 -26.59 -13.06 -27.52
C LEU E 134 -27.91 -13.72 -27.90
N ALA E 135 -28.97 -13.43 -27.15
CA ALA E 135 -30.22 -14.16 -27.32
C ALA E 135 -30.90 -13.88 -28.66
N ASP E 136 -30.53 -12.78 -29.34
CA ASP E 136 -31.14 -12.49 -30.64
C ASP E 136 -30.70 -13.49 -31.71
N ASP E 137 -29.67 -14.28 -31.44
CA ASP E 137 -29.25 -15.37 -32.33
C ASP E 137 -29.79 -16.67 -31.76
N LEU E 138 -30.95 -17.11 -32.26
CA LEU E 138 -31.56 -18.35 -31.82
C LEU E 138 -30.85 -19.51 -32.51
N CYS E 139 -30.17 -20.35 -31.72
CA CYS E 139 -29.43 -21.49 -32.23
C CYS E 139 -30.12 -22.77 -31.76
N LEU E 140 -30.35 -23.69 -32.70
CA LEU E 140 -30.99 -24.97 -32.40
C LEU E 140 -30.17 -26.09 -33.00
N ASN E 141 -29.97 -27.15 -32.23
CA ASN E 141 -29.43 -28.42 -32.72
C ASN E 141 -30.31 -29.51 -32.12
N LEU E 142 -31.34 -29.91 -32.87
CA LEU E 142 -32.29 -30.89 -32.39
C LEU E 142 -31.75 -32.32 -32.44
N GLU E 143 -30.66 -32.55 -33.15
CA GLU E 143 -30.11 -33.90 -33.29
C GLU E 143 -28.92 -34.15 -32.37
N GLY E 144 -28.49 -33.15 -31.60
CA GLY E 144 -27.32 -33.32 -30.76
C GLY E 144 -27.14 -32.23 -29.73
N ASP E 145 -25.88 -31.89 -29.45
CA ASP E 145 -25.55 -30.94 -28.40
C ASP E 145 -25.79 -29.52 -28.86
N SER E 146 -26.16 -28.67 -27.90
CA SER E 146 -26.35 -27.26 -28.19
C SER E 146 -25.02 -26.60 -28.55
N VAL E 147 -25.11 -25.56 -29.39
CA VAL E 147 -23.89 -24.88 -29.85
C VAL E 147 -23.01 -24.49 -28.67
N LEU E 148 -23.61 -23.98 -27.60
CA LEU E 148 -22.80 -23.58 -26.44
C LEU E 148 -22.17 -24.80 -25.79
N LYS E 149 -22.92 -25.90 -25.67
CA LYS E 149 -22.33 -27.13 -25.13
C LYS E 149 -21.14 -27.57 -25.97
N GLN E 150 -21.27 -27.50 -27.30
CA GLN E 150 -20.13 -27.77 -28.16
C GLN E 150 -18.95 -26.89 -27.77
N MET E 151 -19.21 -25.60 -27.55
CA MET E 151 -18.13 -24.66 -27.30
C MET E 151 -17.51 -24.89 -25.93
N VAL E 152 -18.30 -25.30 -24.93
CA VAL E 152 -17.72 -25.62 -23.64
C VAL E 152 -16.81 -26.84 -23.75
N LYS E 153 -17.25 -27.86 -24.48
CA LYS E 153 -16.41 -29.03 -24.69
C LYS E 153 -15.09 -28.67 -25.34
N LEU E 154 -15.13 -27.71 -26.27
CA LEU E 154 -13.89 -27.30 -26.93
C LEU E 154 -13.02 -26.49 -25.99
N TYR E 155 -13.63 -25.67 -25.13
CA TYR E 155 -12.84 -24.88 -24.18
C TYR E 155 -12.12 -25.77 -23.18
N ASN E 156 -12.81 -26.79 -22.66
CA ASN E 156 -12.18 -27.67 -21.68
C ASN E 156 -10.94 -28.35 -22.24
N GLN E 157 -10.81 -28.46 -23.56
CA GLN E 157 -9.67 -29.11 -24.18
C GLN E 157 -8.51 -28.14 -24.41
N PHE E 158 -8.79 -26.97 -25.00
CA PHE E 158 -7.74 -26.04 -25.39
C PHE E 158 -7.66 -24.80 -24.52
N ARG E 159 -8.75 -24.45 -23.82
CA ARG E 159 -8.71 -23.43 -22.77
C ARG E 159 -8.34 -22.06 -23.31
N CYS E 160 -8.87 -21.74 -24.49
CA CYS E 160 -8.81 -20.42 -25.10
C CYS E 160 -10.20 -19.80 -25.14
N SER E 161 -10.25 -18.54 -25.57
CA SER E 161 -11.51 -17.94 -25.96
C SER E 161 -11.99 -18.55 -27.26
N ILE E 162 -13.29 -18.84 -27.33
CA ILE E 162 -13.92 -19.43 -28.51
C ILE E 162 -15.07 -18.53 -28.93
N VAL E 163 -15.16 -18.23 -30.22
CA VAL E 163 -16.28 -17.50 -30.79
C VAL E 163 -16.92 -18.39 -31.85
N ALA E 164 -18.24 -18.54 -31.77
CA ALA E 164 -18.96 -19.31 -32.77
C ALA E 164 -19.02 -18.52 -34.07
N ILE E 165 -18.77 -19.20 -35.20
CA ILE E 165 -18.79 -18.58 -36.50
C ILE E 165 -19.62 -19.43 -37.47
N GLN E 166 -19.89 -18.85 -38.62
CA GLN E 166 -20.76 -19.44 -39.63
C GLN E 166 -20.41 -18.78 -40.96
N GLU E 167 -20.33 -19.57 -42.02
CA GLU E 167 -20.06 -19.00 -43.33
C GLU E 167 -21.33 -18.34 -43.87
N VAL E 168 -21.21 -17.08 -44.27
CA VAL E 168 -22.32 -16.32 -44.83
C VAL E 168 -21.90 -15.74 -46.17
N PRO E 169 -22.79 -15.64 -47.16
CA PRO E 169 -22.39 -15.14 -48.48
C PRO E 169 -21.76 -13.76 -48.37
N PRO E 170 -20.92 -13.38 -49.34
CA PRO E 170 -20.08 -12.18 -49.15
C PRO E 170 -20.86 -10.87 -49.07
N GLU E 171 -22.09 -10.82 -49.58
CA GLU E 171 -22.83 -9.56 -49.54
C GLU E 171 -23.35 -9.24 -48.15
N GLU E 172 -23.52 -10.26 -47.30
CA GLU E 172 -23.99 -10.08 -45.93
C GLU E 172 -22.85 -9.88 -44.95
N THR E 173 -21.64 -9.60 -45.44
CA THR E 173 -20.48 -9.52 -44.57
C THR E 173 -20.48 -8.23 -43.76
N ASN E 174 -21.08 -7.16 -44.28
CA ASN E 174 -21.16 -5.91 -43.55
C ASN E 174 -22.15 -5.95 -42.40
N LYS E 175 -22.92 -7.04 -42.28
CA LYS E 175 -23.93 -7.19 -41.23
C LYS E 175 -23.42 -7.97 -40.03
N TYR E 176 -22.20 -8.50 -40.10
CA TYR E 176 -21.62 -9.30 -39.03
C TYR E 176 -20.20 -8.82 -38.74
N GLY E 177 -19.59 -9.42 -37.72
CA GLY E 177 -18.16 -9.34 -37.50
C GLY E 177 -17.50 -10.57 -38.11
N VAL E 178 -16.38 -10.36 -38.78
CA VAL E 178 -15.74 -11.43 -39.54
C VAL E 178 -14.36 -11.70 -38.98
N ILE E 179 -13.92 -12.95 -39.11
CA ILE E 179 -12.62 -13.40 -38.62
C ILE E 179 -11.83 -13.97 -39.79
N ALA E 180 -10.52 -14.06 -39.58
CA ALA E 180 -9.63 -14.74 -40.52
C ALA E 180 -8.45 -15.29 -39.74
N GLY E 181 -8.04 -16.50 -40.08
CA GLY E 181 -6.92 -17.13 -39.38
C GLY E 181 -6.60 -18.48 -39.98
N GLU E 182 -5.55 -19.09 -39.43
CA GLU E 182 -5.11 -20.39 -39.91
C GLU E 182 -6.10 -21.47 -39.51
N MET E 183 -6.49 -22.30 -40.47
CA MET E 183 -7.39 -23.41 -40.19
C MET E 183 -6.65 -24.52 -39.45
N ILE E 184 -7.16 -24.90 -38.29
CA ILE E 184 -6.62 -26.05 -37.56
C ILE E 184 -7.36 -27.33 -37.95
N ARG E 185 -8.67 -27.22 -38.12
CA ARG E 185 -9.52 -28.35 -38.46
C ARG E 185 -10.66 -27.80 -39.31
N ASP E 186 -11.44 -28.69 -39.93
CA ASP E 186 -12.47 -28.23 -40.85
C ASP E 186 -13.38 -27.19 -40.20
N ASP E 187 -13.50 -27.22 -38.88
CA ASP E 187 -14.42 -26.33 -38.17
C ASP E 187 -13.74 -25.49 -37.08
N ILE E 188 -12.42 -25.56 -36.97
CA ILE E 188 -11.68 -24.81 -35.95
C ILE E 188 -10.64 -23.95 -36.65
N PHE E 189 -10.64 -22.66 -36.32
CA PHE E 189 -9.71 -21.71 -36.90
C PHE E 189 -9.00 -20.93 -35.80
N ARG E 190 -7.69 -20.76 -35.93
CA ARG E 190 -6.91 -19.93 -35.02
C ARG E 190 -6.96 -18.51 -35.53
N VAL E 191 -7.75 -17.66 -34.86
CA VAL E 191 -8.00 -16.32 -35.36
C VAL E 191 -6.75 -15.46 -35.22
N ASN E 192 -6.47 -14.69 -36.26
CA ASN E 192 -5.47 -13.62 -36.22
C ASN E 192 -6.04 -12.25 -36.51
N THR E 193 -7.15 -12.17 -37.26
CA THR E 193 -7.76 -10.87 -37.56
C THR E 193 -9.27 -10.95 -37.42
N MET E 194 -9.83 -9.89 -36.83
CA MET E 194 -11.27 -9.75 -36.62
C MET E 194 -11.64 -8.30 -36.89
N VAL E 195 -12.69 -8.07 -37.66
CA VAL E 195 -13.24 -6.74 -37.87
C VAL E 195 -14.75 -6.82 -37.76
N GLU E 196 -15.35 -5.78 -37.18
CA GLU E 196 -16.78 -5.72 -36.93
C GLU E 196 -17.45 -4.96 -38.06
N LYS E 197 -18.45 -5.58 -38.69
CA LYS E 197 -19.23 -4.96 -39.75
C LYS E 197 -18.31 -4.31 -40.80
N PRO E 198 -17.49 -5.10 -41.48
CA PRO E 198 -16.54 -4.53 -42.43
C PRO E 198 -17.20 -4.20 -43.76
N LYS E 199 -16.56 -3.29 -44.49
CA LYS E 199 -16.96 -3.04 -45.86
C LYS E 199 -16.64 -4.27 -46.70
N PRO E 200 -17.61 -4.84 -47.43
CA PRO E 200 -17.34 -6.11 -48.13
C PRO E 200 -16.05 -6.13 -48.93
N GLU E 201 -15.60 -4.97 -49.41
CA GLU E 201 -14.31 -4.90 -50.08
C GLU E 201 -13.17 -5.17 -49.11
N GLU E 202 -13.24 -4.60 -47.91
CA GLU E 202 -12.21 -4.74 -46.90
C GLU E 202 -12.42 -5.95 -46.01
N ALA E 203 -13.12 -6.98 -46.49
CA ALA E 203 -13.46 -8.13 -45.67
C ALA E 203 -12.36 -9.18 -45.78
N PRO E 204 -11.65 -9.50 -44.70
CA PRO E 204 -10.60 -10.53 -44.79
C PRO E 204 -11.14 -11.93 -45.02
N SER E 205 -12.42 -12.18 -44.84
CA SER E 205 -13.02 -13.49 -45.06
C SER E 205 -14.53 -13.31 -45.17
N ASN E 206 -15.24 -14.43 -45.34
CA ASN E 206 -16.70 -14.45 -45.23
C ASN E 206 -17.11 -15.51 -44.21
N LEU E 207 -16.33 -15.60 -43.12
CA LEU E 207 -16.69 -16.38 -41.94
C LEU E 207 -17.15 -15.40 -40.87
N ALA E 208 -18.45 -15.32 -40.61
CA ALA E 208 -19.03 -14.32 -39.70
C ALA E 208 -19.28 -14.95 -38.34
N ILE E 209 -19.16 -14.18 -37.26
CA ILE E 209 -19.34 -14.65 -35.87
C ILE E 209 -20.84 -14.71 -35.57
N ILE E 210 -21.37 -15.85 -35.14
CA ILE E 210 -22.70 -16.02 -34.51
C ILE E 210 -22.59 -15.63 -33.03
N GLY E 211 -23.68 -15.33 -32.35
CA GLY E 211 -23.64 -14.78 -30.99
C GLY E 211 -23.52 -15.76 -29.85
N ARG E 212 -22.44 -16.52 -29.80
CA ARG E 212 -22.08 -17.43 -28.69
C ARG E 212 -20.61 -17.20 -28.48
N TYR E 213 -20.15 -16.93 -27.28
CA TYR E 213 -18.71 -16.70 -27.05
C TYR E 213 -18.28 -17.35 -25.75
N ILE E 214 -17.04 -17.79 -25.67
CA ILE E 214 -16.38 -18.26 -24.45
C ILE E 214 -15.19 -17.34 -24.24
N LEU E 215 -15.14 -16.65 -23.11
CA LEU E 215 -14.15 -15.61 -22.87
C LEU E 215 -13.40 -15.87 -21.58
N THR E 216 -12.07 -15.59 -21.61
CA THR E 216 -11.24 -15.59 -20.42
C THR E 216 -11.24 -14.20 -19.79
N PRO E 217 -11.12 -14.11 -18.46
CA PRO E 217 -11.37 -12.83 -17.78
C PRO E 217 -10.40 -11.71 -18.15
N ASP E 218 -9.33 -11.99 -18.91
CA ASP E 218 -8.47 -10.89 -19.35
C ASP E 218 -9.15 -10.01 -20.40
N ILE E 219 -10.28 -10.46 -20.96
CA ILE E 219 -10.98 -9.65 -21.95
C ILE E 219 -11.58 -8.39 -21.32
N PHE E 220 -11.83 -8.41 -20.01
CA PHE E 220 -12.34 -7.21 -19.34
C PHE E 220 -11.33 -6.07 -19.45
N ASP E 221 -10.08 -6.34 -19.09
CA ASP E 221 -9.05 -5.31 -19.23
C ASP E 221 -8.79 -4.95 -20.68
N LEU E 222 -9.10 -5.84 -21.63
CA LEU E 222 -8.93 -5.51 -23.03
C LEU E 222 -10.04 -4.60 -23.54
N ILE E 223 -11.25 -4.73 -22.99
CA ILE E 223 -12.33 -3.83 -23.36
C ILE E 223 -12.06 -2.42 -22.85
N GLU E 224 -11.55 -2.31 -21.62
CA GLU E 224 -11.18 -1.00 -21.09
C GLU E 224 -10.05 -0.36 -21.90
N GLN E 225 -9.27 -1.17 -22.63
CA GLN E 225 -8.21 -0.67 -23.49
C GLN E 225 -8.65 -0.46 -24.93
N THR E 226 -9.90 -0.78 -25.25
CA THR E 226 -10.41 -0.63 -26.61
C THR E 226 -10.97 0.77 -26.80
N GLU E 227 -10.65 1.36 -27.96
CA GLU E 227 -11.21 2.68 -28.27
C GLU E 227 -12.44 2.53 -29.15
N PRO E 228 -13.36 3.50 -29.09
CA PRO E 228 -14.60 3.40 -29.87
C PRO E 228 -14.32 3.17 -31.35
N GLY E 229 -15.07 2.24 -31.94
CA GLY E 229 -14.90 1.89 -33.34
C GLY E 229 -16.12 2.21 -34.17
N LYS E 230 -16.64 1.20 -34.88
CA LYS E 230 -17.80 1.38 -35.74
C LYS E 230 -18.95 2.02 -34.98
N GLY E 231 -19.49 3.11 -35.53
CA GLY E 231 -20.64 3.76 -34.94
C GLY E 231 -20.41 4.39 -33.59
N GLY E 232 -19.14 4.59 -33.21
CA GLY E 232 -18.84 5.15 -31.91
C GLY E 232 -19.02 4.20 -30.74
N GLU E 233 -19.29 2.93 -31.01
CA GLU E 233 -19.52 1.93 -29.98
C GLU E 233 -18.23 1.16 -29.68
N ILE E 234 -18.13 0.66 -28.46
CA ILE E 234 -17.05 -0.22 -28.04
C ILE E 234 -17.49 -1.64 -28.37
N GLN E 235 -16.82 -2.26 -29.34
CA GLN E 235 -17.25 -3.54 -29.88
C GLN E 235 -16.36 -4.66 -29.39
N ILE E 236 -17.00 -5.76 -28.94
CA ILE E 236 -16.27 -6.89 -28.40
C ILE E 236 -15.34 -7.47 -29.45
N THR E 237 -15.70 -7.37 -30.73
CA THR E 237 -14.83 -7.86 -31.79
C THR E 237 -13.47 -7.20 -31.73
N ASP E 238 -13.44 -5.90 -31.43
CA ASP E 238 -12.16 -5.19 -31.36
C ASP E 238 -11.35 -5.62 -30.15
N ALA E 239 -12.00 -5.77 -28.99
CA ALA E 239 -11.30 -6.29 -27.83
C ALA E 239 -10.84 -7.72 -28.08
N LEU E 240 -11.62 -8.50 -28.80
CA LEU E 240 -11.28 -9.91 -29.06
C LEU E 240 -10.13 -9.93 -30.05
N MET E 241 -10.01 -8.90 -30.88
CA MET E 241 -8.89 -8.80 -31.80
C MET E 241 -7.58 -8.71 -31.04
N LYS E 242 -7.54 -7.85 -30.03
CA LYS E 242 -6.30 -7.67 -29.26
C LYS E 242 -5.89 -8.97 -28.59
N GLN E 243 -6.87 -9.73 -28.10
CA GLN E 243 -6.57 -11.01 -27.46
C GLN E 243 -6.07 -12.03 -28.49
N ALA E 244 -6.55 -11.94 -29.72
CA ALA E 244 -6.13 -12.89 -30.75
C ALA E 244 -4.66 -12.72 -31.11
N GLN E 245 -4.12 -11.52 -30.92
CA GLN E 245 -2.73 -11.26 -31.30
C GLN E 245 -1.76 -11.93 -30.34
N ASP E 246 -1.78 -11.53 -29.07
CA ASP E 246 -0.83 -12.04 -28.10
C ASP E 246 -1.37 -13.20 -27.29
N GLY E 247 -2.51 -13.77 -27.70
CA GLY E 247 -3.09 -14.91 -27.02
C GLY E 247 -3.71 -15.93 -27.98
N CYS E 248 -4.63 -16.75 -27.46
CA CYS E 248 -5.31 -17.77 -28.26
C CYS E 248 -6.79 -17.41 -28.34
N VAL E 249 -7.29 -17.22 -29.57
CA VAL E 249 -8.71 -17.05 -29.83
C VAL E 249 -9.08 -18.01 -30.96
N LEU E 250 -10.08 -18.85 -30.71
CA LEU E 250 -10.50 -19.87 -31.66
C LEU E 250 -11.87 -19.52 -32.26
N ALA E 251 -11.99 -19.73 -33.57
CA ALA E 251 -13.27 -19.62 -34.26
C ALA E 251 -13.80 -21.04 -34.51
N TYR E 252 -15.10 -21.22 -34.35
CA TYR E 252 -15.70 -22.55 -34.38
C TYR E 252 -16.91 -22.57 -35.31
N LYS E 253 -16.89 -23.49 -36.27
CA LYS E 253 -18.03 -23.73 -37.17
C LYS E 253 -18.95 -24.72 -36.48
N PHE E 254 -19.90 -24.20 -35.72
CA PHE E 254 -20.78 -25.02 -34.91
C PHE E 254 -21.73 -25.85 -35.76
N LYS E 255 -22.07 -27.03 -35.25
CA LYS E 255 -23.13 -27.86 -35.82
C LYS E 255 -24.47 -27.34 -35.32
N GLY E 256 -25.35 -26.98 -36.25
CA GLY E 256 -26.70 -26.57 -35.88
C GLY E 256 -27.24 -25.53 -36.84
N LYS E 257 -28.49 -25.16 -36.59
CA LYS E 257 -29.19 -24.13 -37.35
C LYS E 257 -29.28 -22.85 -36.52
N ARG E 258 -29.12 -21.71 -37.17
CA ARG E 258 -29.13 -20.41 -36.51
C ARG E 258 -30.08 -19.47 -37.22
N PHE E 259 -30.95 -18.82 -36.44
CA PHE E 259 -31.92 -17.86 -36.96
C PHE E 259 -31.57 -16.45 -36.50
N ASP E 260 -31.66 -15.48 -37.41
CA ASP E 260 -31.32 -14.09 -37.10
C ASP E 260 -32.57 -13.36 -36.60
N CYS E 261 -32.84 -13.53 -35.32
CA CYS E 261 -34.01 -12.88 -34.73
C CYS E 261 -33.75 -11.43 -34.35
N GLY E 262 -32.54 -10.93 -34.60
CA GLY E 262 -32.32 -9.50 -34.52
C GLY E 262 -32.89 -8.73 -35.69
N SER E 263 -33.21 -9.43 -36.78
CA SER E 263 -33.85 -8.86 -37.95
C SER E 263 -35.27 -9.39 -38.06
N ALA E 264 -36.13 -8.64 -38.76
CA ALA E 264 -37.51 -9.05 -38.90
C ALA E 264 -37.63 -10.34 -39.69
N GLU E 265 -36.85 -10.50 -40.76
CA GLU E 265 -36.95 -11.69 -41.59
C GLU E 265 -36.62 -12.95 -40.79
N GLY E 266 -35.49 -12.93 -40.06
CA GLY E 266 -35.13 -14.08 -39.27
C GLY E 266 -36.11 -14.37 -38.15
N TYR E 267 -36.68 -13.33 -37.55
CA TYR E 267 -37.66 -13.53 -36.49
C TYR E 267 -38.87 -14.29 -37.01
N ILE E 268 -39.34 -13.94 -38.22
CA ILE E 268 -40.45 -14.67 -38.82
C ILE E 268 -40.00 -16.06 -39.26
N GLU E 269 -38.83 -16.14 -39.88
CA GLU E 269 -38.28 -17.45 -40.24
C GLU E 269 -38.20 -18.37 -39.04
N ALA E 270 -37.74 -17.83 -37.90
CA ALA E 270 -37.64 -18.64 -36.69
C ALA E 270 -39.03 -19.04 -36.19
N THR E 271 -40.00 -18.12 -36.27
CA THR E 271 -41.34 -18.42 -35.74
C THR E 271 -41.97 -19.60 -36.46
N ASN E 272 -41.93 -19.59 -37.80
CA ASN E 272 -42.47 -20.70 -38.56
C ASN E 272 -41.78 -22.00 -38.21
N PHE E 273 -40.44 -21.99 -38.19
CA PHE E 273 -39.70 -23.22 -37.98
C PHE E 273 -40.07 -23.87 -36.64
N CYS E 274 -40.01 -23.09 -35.56
CA CYS E 274 -40.27 -23.65 -34.24
C CYS E 274 -41.74 -24.07 -34.10
N TYR E 275 -42.64 -23.44 -34.86
CA TYR E 275 -44.05 -23.82 -34.74
C TYR E 275 -44.29 -25.21 -35.31
N GLU E 276 -43.66 -25.53 -36.44
CA GLU E 276 -43.90 -26.82 -37.08
C GLU E 276 -43.14 -27.94 -36.40
N ASN E 277 -41.90 -27.68 -35.98
CA ASN E 277 -41.02 -28.75 -35.49
C ASN E 277 -40.93 -28.83 -33.97
N LEU E 278 -41.50 -27.88 -33.23
CA LEU E 278 -41.38 -27.89 -31.78
C LEU E 278 -42.72 -27.78 -31.08
N TYR E 279 -43.55 -26.81 -31.48
CA TYR E 279 -44.81 -26.57 -30.79
C TYR E 279 -45.79 -27.70 -31.07
N LYS E 280 -46.13 -27.92 -32.34
CA LYS E 280 -47.14 -28.90 -32.71
C LYS E 280 -46.72 -30.33 -32.41
N THR E 281 -45.55 -30.54 -31.84
CA THR E 281 -45.05 -31.87 -31.51
C THR E 281 -44.84 -32.01 -30.00
N SER F 7 -5.71 -7.41 38.04
CA SER F 7 -5.59 -8.76 37.52
C SER F 7 -5.50 -9.79 38.64
N ILE F 8 -6.12 -10.92 38.46
CA ILE F 8 -6.13 -11.97 39.53
C ILE F 8 -4.67 -12.38 39.81
N LYS F 9 -4.17 -12.24 41.04
CA LYS F 9 -2.76 -12.60 41.39
C LYS F 9 -2.54 -13.53 42.61
N LYS F 10 -3.57 -14.04 43.30
CA LYS F 10 -3.46 -14.91 44.46
C LYS F 10 -4.00 -16.30 44.14
N CYS F 11 -3.39 -17.31 44.76
CA CYS F 11 -3.89 -18.68 44.69
C CYS F 11 -3.81 -19.29 46.08
N LEU F 12 -4.88 -19.95 46.50
CA LEU F 12 -4.97 -20.57 47.82
C LEU F 12 -4.91 -22.07 47.69
N PHE F 13 -4.26 -22.72 48.66
CA PHE F 13 -4.08 -24.18 48.65
C PHE F 13 -4.54 -24.78 49.96
N PRO F 14 -5.73 -25.38 49.99
CA PRO F 14 -6.15 -26.13 51.19
C PRO F 14 -5.34 -27.42 51.30
N ALA F 15 -4.65 -27.58 52.43
CA ALA F 15 -3.81 -28.76 52.67
C ALA F 15 -3.89 -29.19 54.13
N ALA F 16 -5.10 -29.17 54.69
CA ALA F 16 -5.34 -29.52 56.08
C ALA F 16 -6.29 -30.70 56.21
N GLY F 17 -6.28 -31.60 55.24
CA GLY F 17 -7.16 -32.75 55.26
C GLY F 17 -6.66 -33.84 56.18
N TYR F 18 -7.49 -34.87 56.32
CA TYR F 18 -7.11 -36.02 57.13
C TYR F 18 -6.25 -37.01 56.37
N GLY F 19 -6.35 -37.03 55.05
CA GLY F 19 -5.53 -37.93 54.25
C GLY F 19 -5.53 -39.35 54.78
N THR F 20 -6.68 -39.78 55.33
CA THR F 20 -6.79 -41.09 55.95
C THR F 20 -6.44 -42.23 55.01
N ARG F 21 -6.37 -41.97 53.70
CA ARG F 21 -6.09 -43.03 52.74
C ARG F 21 -4.60 -43.25 52.51
N PHE F 22 -3.75 -42.35 52.99
CA PHE F 22 -2.31 -42.46 52.76
C PHE F 22 -1.51 -42.52 54.06
N LEU F 23 -2.16 -42.75 55.21
CA LEU F 23 -1.44 -43.11 56.42
C LEU F 23 -0.60 -44.35 56.13
N PRO F 24 0.45 -44.60 56.95
CA PRO F 24 0.98 -43.77 58.03
C PRO F 24 1.85 -42.66 57.46
N ALA F 25 2.16 -42.79 56.16
CA ALA F 25 3.04 -41.83 55.50
C ALA F 25 2.57 -40.39 55.69
N THR F 26 1.26 -40.19 55.80
CA THR F 26 0.71 -38.86 56.03
C THR F 26 0.55 -38.53 57.50
N LYS F 27 1.15 -39.33 58.39
CA LYS F 27 1.10 -39.03 59.81
C LYS F 27 1.78 -37.70 60.12
N ALA F 28 2.88 -37.41 59.44
CA ALA F 28 3.64 -36.19 59.69
C ALA F 28 3.82 -35.35 58.43
N MET F 29 3.11 -35.65 57.35
CA MET F 29 3.12 -34.82 56.15
C MET F 29 1.77 -34.95 55.47
N PRO F 30 1.27 -33.88 54.86
CA PRO F 30 -0.08 -33.93 54.29
C PRO F 30 -0.14 -34.76 53.02
N LYS F 31 -1.37 -35.17 52.69
CA LYS F 31 -1.59 -35.88 51.43
C LYS F 31 -1.07 -35.07 50.26
N GLU F 32 -1.17 -33.74 50.34
CA GLU F 32 -0.74 -32.87 49.27
C GLU F 32 0.78 -32.82 49.11
N MET F 33 1.54 -33.46 49.98
CA MET F 33 3.03 -33.43 49.88
C MET F 33 3.55 -34.76 49.32
N LEU F 34 2.69 -35.74 49.04
CA LEU F 34 3.14 -37.03 48.49
C LEU F 34 3.82 -36.77 47.17
N PRO F 35 4.98 -37.38 46.88
CA PRO F 35 5.64 -37.12 45.62
C PRO F 35 5.28 -38.06 44.46
N VAL F 36 4.99 -37.59 43.25
CA VAL F 36 4.83 -38.58 42.16
C VAL F 36 6.24 -38.67 41.59
N VAL F 37 6.88 -39.84 41.62
CA VAL F 37 8.29 -40.01 41.21
C VAL F 37 8.98 -39.04 42.18
N ASN F 38 9.54 -37.89 41.79
CA ASN F 38 10.33 -37.09 42.74
C ASN F 38 9.80 -35.67 42.85
N LYS F 39 8.51 -35.46 42.73
CA LYS F 39 7.98 -34.09 42.81
C LYS F 39 6.73 -34.11 43.68
N PRO F 40 6.68 -33.36 44.78
CA PRO F 40 5.46 -33.35 45.59
C PRO F 40 4.25 -32.86 44.78
N LEU F 41 3.09 -33.43 45.09
CA LEU F 41 1.87 -33.05 44.39
C LEU F 41 1.67 -31.54 44.39
N ILE F 42 1.83 -30.92 45.57
CA ILE F 42 1.59 -29.50 45.70
C ILE F 42 2.59 -28.68 44.89
N GLN F 43 3.77 -29.22 44.57
CA GLN F 43 4.70 -28.46 43.76
C GLN F 43 4.22 -28.36 42.32
N TYR F 44 3.67 -29.44 41.77
CA TYR F 44 3.03 -29.35 40.46
C TYR F 44 2.01 -28.22 40.45
N ALA F 45 1.18 -28.15 41.49
CA ALA F 45 0.10 -27.18 41.52
C ALA F 45 0.63 -25.76 41.59
N VAL F 46 1.73 -25.53 42.31
CA VAL F 46 2.25 -24.18 42.43
C VAL F 46 2.94 -23.75 41.14
N GLU F 47 3.68 -24.66 40.51
CA GLU F 47 4.20 -24.37 39.18
C GLU F 47 3.05 -24.10 38.22
N GLU F 48 1.96 -24.85 38.36
CA GLU F 48 0.76 -24.57 37.58
C GLU F 48 0.24 -23.17 37.85
N ALA F 49 0.21 -22.77 39.12
CA ALA F 49 -0.30 -21.45 39.47
C ALA F 49 0.62 -20.35 38.96
N LEU F 50 1.94 -20.55 39.05
CA LEU F 50 2.86 -19.54 38.57
C LEU F 50 2.75 -19.38 37.06
N GLU F 51 2.50 -20.48 36.34
CA GLU F 51 2.32 -20.38 34.90
C GLU F 51 1.15 -19.48 34.55
N ALA F 52 0.13 -19.44 35.40
CA ALA F 52 -1.05 -18.61 35.19
C ALA F 52 -0.87 -17.18 35.69
N GLY F 53 0.32 -16.84 36.18
CA GLY F 53 0.58 -15.49 36.68
C GLY F 53 0.23 -15.26 38.14
N LEU F 54 -0.06 -16.32 38.88
CA LEU F 54 -0.42 -16.21 40.30
C LEU F 54 0.86 -16.47 41.11
N SER F 55 1.48 -15.38 41.58
CA SER F 55 2.75 -15.46 42.29
C SER F 55 2.61 -15.27 43.80
N GLU F 56 1.39 -15.09 44.29
CA GLU F 56 1.12 -14.92 45.72
C GLU F 56 0.39 -16.16 46.20
N ILE F 57 1.15 -17.11 46.76
CA ILE F 57 0.61 -18.39 47.20
C ILE F 57 0.28 -18.30 48.68
N GLY F 58 -0.89 -18.79 49.05
CA GLY F 58 -1.29 -18.92 50.44
C GLY F 58 -1.73 -20.34 50.74
N ILE F 59 -1.13 -20.96 51.75
CA ILE F 59 -1.36 -22.36 52.08
C ILE F 59 -2.07 -22.43 53.42
N VAL F 60 -3.21 -23.14 53.45
CA VAL F 60 -3.92 -23.42 54.69
C VAL F 60 -3.43 -24.78 55.18
N THR F 61 -2.76 -24.79 56.33
CA THR F 61 -2.06 -25.96 56.82
C THR F 61 -2.86 -26.69 57.88
N GLY F 62 -2.45 -27.92 58.18
CA GLY F 62 -3.12 -28.77 59.17
C GLY F 62 -2.19 -29.71 59.91
N ARG F 63 -2.33 -31.04 59.77
CA ARG F 63 -1.52 -32.01 60.52
C ARG F 63 -0.02 -31.90 60.29
N GLY F 64 0.50 -32.08 59.08
CA GLY F 64 1.94 -32.03 58.85
C GLY F 64 2.34 -30.68 58.31
N LYS F 65 2.05 -29.59 59.01
CA LYS F 65 2.40 -28.19 58.62
C LYS F 65 3.87 -28.05 58.28
N ARG F 66 4.77 -28.69 59.04
CA ARG F 66 6.22 -28.48 58.83
C ARG F 66 6.66 -29.01 57.46
N SER F 67 6.08 -30.04 56.85
CA SER F 67 6.63 -30.47 55.58
C SER F 67 6.30 -29.48 54.48
N LEU F 68 5.13 -28.84 54.55
CA LEU F 68 4.79 -27.81 53.59
C LEU F 68 5.74 -26.64 53.69
N GLU F 69 5.91 -26.11 54.89
CA GLU F 69 6.79 -24.97 55.08
C GLU F 69 8.23 -25.31 54.73
N ASP F 70 8.70 -26.49 55.12
CA ASP F 70 10.10 -26.83 54.91
C ASP F 70 10.42 -27.03 53.44
N HIS F 71 9.44 -27.44 52.62
CA HIS F 71 9.71 -27.67 51.20
C HIS F 71 9.79 -26.36 50.42
N PHE F 72 8.94 -25.39 50.75
CA PHE F 72 8.90 -24.11 50.05
C PHE F 72 9.75 -23.04 50.73
N ASP F 73 10.48 -23.41 51.77
CA ASP F 73 11.45 -22.54 52.40
C ASP F 73 12.80 -22.68 51.70
N ILE F 74 13.59 -21.60 51.74
CA ILE F 74 14.99 -21.72 51.33
C ILE F 74 15.67 -22.70 52.26
N SER F 75 16.41 -23.65 51.70
CA SER F 75 17.13 -24.63 52.48
C SER F 75 18.62 -24.29 52.41
N TYR F 76 19.13 -23.68 53.47
CA TYR F 76 20.55 -23.34 53.52
C TYR F 76 21.42 -24.59 53.62
N GLU F 77 20.89 -25.66 54.20
CA GLU F 77 21.61 -26.93 54.20
C GLU F 77 21.70 -27.50 52.79
N LEU F 78 20.59 -27.51 52.06
CA LEU F 78 20.59 -28.02 50.70
C LEU F 78 21.61 -27.27 49.84
N GLU F 79 21.67 -25.94 49.98
CA GLU F 79 22.63 -25.17 49.20
C GLU F 79 24.06 -25.59 49.49
N HIS F 80 24.34 -26.02 50.73
CA HIS F 80 25.69 -26.40 51.10
C HIS F 80 26.04 -27.81 50.66
N GLN F 81 25.06 -28.71 50.58
CA GLN F 81 25.33 -30.10 50.19
C GLN F 81 25.42 -30.25 48.68
N ILE F 82 24.76 -29.37 47.93
CA ILE F 82 24.76 -29.40 46.46
C ILE F 82 25.51 -28.17 45.99
N ARG F 83 26.62 -27.86 46.65
CA ARG F 83 27.27 -26.56 46.55
C ARG F 83 28.05 -26.40 45.26
N ASN F 84 28.11 -25.14 44.73
CA ASN F 84 28.74 -24.70 43.47
C ASN F 84 28.17 -25.31 42.19
N THR F 85 27.03 -24.80 41.71
CA THR F 85 26.29 -25.30 40.53
C THR F 85 25.88 -26.75 40.86
N ASP F 86 26.76 -27.74 40.69
CA ASP F 86 26.49 -29.14 41.09
C ASP F 86 25.17 -29.60 40.41
N LYS F 87 24.22 -30.25 41.10
CA LYS F 87 22.97 -30.81 40.52
C LYS F 87 21.74 -29.89 40.49
N GLU F 88 21.88 -28.62 40.08
CA GLU F 88 20.75 -27.75 39.81
C GLU F 88 19.77 -28.37 38.81
N LYS F 89 20.14 -29.46 38.15
CA LYS F 89 19.26 -30.10 37.17
C LYS F 89 17.98 -30.64 37.80
N TYR F 90 17.98 -30.87 39.12
CA TYR F 90 16.80 -31.38 39.80
C TYR F 90 16.01 -30.30 40.53
N LEU F 91 16.56 -29.09 40.65
CA LEU F 91 16.00 -28.08 41.54
C LEU F 91 15.47 -26.85 40.83
N VAL F 92 15.74 -26.67 39.53
CA VAL F 92 15.36 -25.44 38.85
C VAL F 92 13.89 -25.10 39.10
N GLY F 93 13.04 -26.12 39.09
CA GLY F 93 11.62 -25.88 39.31
C GLY F 93 11.34 -25.25 40.66
N ILE F 94 11.84 -25.90 41.73
CA ILE F 94 11.55 -25.39 43.07
C ILE F 94 12.22 -24.05 43.28
N ARG F 95 13.48 -23.89 42.82
CA ARG F 95 14.17 -22.63 43.02
C ARG F 95 13.39 -21.47 42.40
N ARG F 96 12.99 -21.63 41.13
CA ARG F 96 12.18 -20.62 40.46
C ARG F 96 10.98 -20.21 41.31
N LEU F 97 10.31 -21.18 41.92
CA LEU F 97 9.17 -20.87 42.77
C LEU F 97 9.57 -19.94 43.91
N ILE F 98 10.70 -20.22 44.55
CA ILE F 98 11.08 -19.48 45.75
C ILE F 98 11.42 -18.03 45.39
N ASP F 99 12.05 -17.81 44.24
CA ASP F 99 12.47 -16.47 43.88
C ASP F 99 11.32 -15.63 43.31
N GLU F 100 10.34 -16.28 42.67
CA GLU F 100 9.27 -15.57 42.00
C GLU F 100 7.96 -15.56 42.79
N CYS F 101 7.81 -16.42 43.79
CA CYS F 101 6.59 -16.50 44.56
C CYS F 101 6.80 -16.05 45.98
N THR F 102 5.70 -15.66 46.62
CA THR F 102 5.65 -15.39 48.05
C THR F 102 4.70 -16.40 48.68
N PHE F 103 5.11 -16.97 49.81
CA PHE F 103 4.34 -18.01 50.49
C PHE F 103 3.90 -17.49 51.85
N ALA F 104 2.60 -17.63 52.13
CA ALA F 104 2.01 -17.27 53.42
C ALA F 104 1.25 -18.48 53.94
N TYR F 105 1.27 -18.67 55.25
CA TYR F 105 0.65 -19.83 55.87
C TYR F 105 -0.31 -19.40 56.97
N THR F 106 -1.39 -20.16 57.11
CA THR F 106 -2.33 -19.98 58.20
C THR F 106 -2.94 -21.33 58.51
N ARG F 107 -3.29 -21.55 59.78
CA ARG F 107 -3.68 -22.86 60.26
C ARG F 107 -5.20 -23.00 60.29
N GLN F 108 -5.67 -24.21 59.98
CA GLN F 108 -7.04 -24.62 60.21
C GLN F 108 -7.01 -25.65 61.33
N VAL F 109 -7.46 -25.27 62.52
CA VAL F 109 -7.32 -26.15 63.67
C VAL F 109 -8.44 -27.19 63.76
N GLU F 110 -9.59 -26.92 63.14
CA GLU F 110 -10.73 -27.83 63.17
C GLU F 110 -11.13 -28.17 61.74
N MET F 111 -11.21 -29.47 61.45
CA MET F 111 -11.51 -29.98 60.11
C MET F 111 -13.02 -29.98 59.92
N LYS F 112 -13.55 -28.94 59.27
CA LYS F 112 -14.98 -28.79 59.07
C LYS F 112 -15.38 -28.75 57.60
N GLY F 113 -14.47 -29.10 56.69
CA GLY F 113 -14.80 -29.24 55.28
C GLY F 113 -13.98 -28.32 54.41
N LEU F 114 -14.07 -28.59 53.10
CA LEU F 114 -13.34 -27.78 52.12
C LEU F 114 -13.83 -26.34 52.12
N GLY F 115 -15.14 -26.13 52.27
CA GLY F 115 -15.66 -24.78 52.33
C GLY F 115 -15.12 -24.01 53.52
N HIS F 116 -15.06 -24.65 54.68
CA HIS F 116 -14.53 -24.00 55.86
C HIS F 116 -13.03 -23.73 55.74
N ALA F 117 -12.31 -24.60 55.03
CA ALA F 117 -10.89 -24.38 54.83
C ALA F 117 -10.63 -23.14 53.98
N ILE F 118 -11.45 -22.93 52.95
CA ILE F 118 -11.28 -21.76 52.10
C ILE F 118 -11.61 -20.49 52.87
N LEU F 119 -12.66 -20.54 53.70
CA LEU F 119 -12.98 -19.40 54.56
C LEU F 119 -11.85 -19.11 55.54
N THR F 120 -11.12 -20.16 55.95
CA THR F 120 -10.01 -19.96 56.88
C THR F 120 -8.89 -19.16 56.24
N GLY F 121 -8.71 -19.28 54.92
CA GLY F 121 -7.68 -18.54 54.23
C GLY F 121 -7.99 -17.09 53.94
N ARG F 122 -9.15 -16.62 54.41
CA ARG F 122 -9.56 -15.25 54.12
C ARG F 122 -8.53 -14.21 54.52
N PRO F 123 -7.90 -14.29 55.69
CA PRO F 123 -6.84 -13.30 56.01
C PRO F 123 -5.74 -13.25 54.96
N LEU F 124 -5.50 -14.34 54.24
CA LEU F 124 -4.47 -14.37 53.20
C LEU F 124 -4.94 -13.79 51.89
N ILE F 125 -6.25 -13.60 51.69
CA ILE F 125 -6.80 -13.18 50.41
C ILE F 125 -7.27 -11.74 50.49
N GLY F 126 -8.37 -11.51 51.21
CA GLY F 126 -8.94 -10.18 51.31
C GLY F 126 -10.00 -9.93 50.27
N ASP F 127 -10.17 -8.68 49.87
CA ASP F 127 -11.20 -8.29 48.90
C ASP F 127 -10.59 -8.24 47.50
N GLU F 128 -10.36 -9.42 46.94
CA GLU F 128 -9.88 -9.55 45.58
C GLU F 128 -10.14 -10.97 45.10
N PRO F 129 -10.25 -11.19 43.80
CA PRO F 129 -10.47 -12.55 43.30
C PRO F 129 -9.25 -13.42 43.48
N PHE F 130 -9.49 -14.73 43.62
CA PHE F 130 -8.40 -15.66 43.89
C PHE F 130 -8.76 -17.04 43.35
N ALA F 131 -7.73 -17.83 43.11
CA ALA F 131 -7.87 -19.21 42.68
C ALA F 131 -7.72 -20.15 43.87
N VAL F 132 -8.40 -21.28 43.79
CA VAL F 132 -8.30 -22.34 44.79
C VAL F 132 -7.87 -23.61 44.07
N VAL F 133 -6.83 -24.25 44.57
CA VAL F 133 -6.27 -25.46 43.97
C VAL F 133 -6.28 -26.56 45.02
N LEU F 134 -6.85 -27.71 44.65
CA LEU F 134 -6.77 -28.93 45.45
C LEU F 134 -5.65 -29.79 44.86
N ALA F 135 -4.54 -29.88 45.58
CA ALA F 135 -3.35 -30.53 45.03
C ALA F 135 -3.51 -32.03 44.86
N ASP F 136 -4.48 -32.65 45.54
CA ASP F 136 -4.72 -34.07 45.35
C ASP F 136 -5.28 -34.37 43.96
N ASP F 137 -5.61 -33.35 43.17
CA ASP F 137 -5.98 -33.50 41.77
C ASP F 137 -4.80 -33.02 40.93
N LEU F 138 -4.02 -33.97 40.39
CA LEU F 138 -2.88 -33.65 39.55
C LEU F 138 -3.37 -33.42 38.12
N CYS F 139 -3.28 -32.18 37.64
CA CYS F 139 -3.78 -31.79 36.33
C CYS F 139 -2.60 -31.38 35.46
N LEU F 140 -2.48 -32.00 34.28
CA LEU F 140 -1.37 -31.74 33.38
C LEU F 140 -1.89 -31.48 31.97
N ASN F 141 -1.24 -30.54 31.29
CA ASN F 141 -1.53 -30.21 29.89
C ASN F 141 -0.19 -30.05 29.19
N LEU F 142 0.32 -31.15 28.62
CA LEU F 142 1.59 -31.10 27.92
C LEU F 142 1.50 -30.34 26.61
N GLU F 143 0.30 -30.28 26.01
CA GLU F 143 0.15 -29.68 24.69
C GLU F 143 0.03 -28.16 24.75
N GLY F 144 -0.16 -27.57 25.93
CA GLY F 144 -0.32 -26.13 26.01
C GLY F 144 -0.44 -25.57 27.40
N ASP F 145 -1.43 -24.68 27.59
CA ASP F 145 -1.57 -23.98 28.85
C ASP F 145 -2.09 -24.92 29.94
N SER F 146 -1.72 -24.62 31.18
CA SER F 146 -2.19 -25.41 32.31
C SER F 146 -3.66 -25.09 32.60
N VAL F 147 -4.31 -26.02 33.30
CA VAL F 147 -5.73 -25.86 33.61
C VAL F 147 -5.99 -24.52 34.28
N LEU F 148 -5.14 -24.15 35.24
CA LEU F 148 -5.34 -22.87 35.92
C LEU F 148 -5.11 -21.71 34.97
N LYS F 149 -4.12 -21.81 34.07
CA LYS F 149 -3.91 -20.74 33.10
C LYS F 149 -5.11 -20.61 32.17
N GLN F 150 -5.71 -21.74 31.79
CA GLN F 150 -6.94 -21.70 31.01
C GLN F 150 -8.03 -20.97 31.77
N MET F 151 -8.18 -21.28 33.06
CA MET F 151 -9.26 -20.70 33.84
C MET F 151 -9.03 -19.23 34.14
N VAL F 152 -7.77 -18.81 34.30
CA VAL F 152 -7.49 -17.40 34.54
C VAL F 152 -7.84 -16.58 33.31
N LYS F 153 -7.53 -17.09 32.12
CA LYS F 153 -7.91 -16.39 30.90
C LYS F 153 -9.41 -16.28 30.78
N LEU F 154 -10.14 -17.29 31.24
CA LEU F 154 -11.60 -17.20 31.22
C LEU F 154 -12.12 -16.19 32.23
N TYR F 155 -11.42 -16.01 33.36
CA TYR F 155 -11.89 -15.04 34.35
C TYR F 155 -11.74 -13.61 33.84
N ASN F 156 -10.60 -13.30 33.20
CA ASN F 156 -10.41 -11.98 32.64
C ASN F 156 -11.51 -11.63 31.64
N GLN F 157 -12.17 -12.65 31.08
CA GLN F 157 -13.20 -12.46 30.06
C GLN F 157 -14.57 -12.24 30.69
N PHE F 158 -15.02 -13.21 31.48
CA PHE F 158 -16.36 -13.16 32.06
C PHE F 158 -16.39 -12.53 33.44
N ARG F 159 -15.28 -12.57 34.18
CA ARG F 159 -15.17 -11.89 35.46
C ARG F 159 -16.17 -12.40 36.48
N CYS F 160 -16.40 -13.71 36.49
CA CYS F 160 -17.21 -14.34 37.53
C CYS F 160 -16.53 -15.64 37.95
N SER F 161 -17.13 -16.31 38.94
CA SER F 161 -16.51 -17.51 39.49
C SER F 161 -16.47 -18.62 38.45
N ILE F 162 -15.32 -19.27 38.33
CA ILE F 162 -15.11 -20.33 37.36
C ILE F 162 -14.72 -21.61 38.08
N VAL F 163 -15.28 -22.72 37.61
CA VAL F 163 -15.21 -24.03 38.25
C VAL F 163 -14.78 -25.01 37.18
N ALA F 164 -13.70 -25.75 37.43
CA ALA F 164 -13.28 -26.76 36.45
C ALA F 164 -14.13 -28.01 36.60
N ILE F 165 -14.53 -28.59 35.46
CA ILE F 165 -15.37 -29.78 35.41
C ILE F 165 -14.81 -30.75 34.37
N GLN F 166 -15.35 -31.96 34.38
CA GLN F 166 -15.00 -32.98 33.41
C GLN F 166 -16.14 -33.99 33.34
N GLU F 167 -16.40 -34.50 32.14
CA GLU F 167 -17.42 -35.54 31.99
C GLU F 167 -16.95 -36.81 32.69
N VAL F 168 -17.81 -37.35 33.55
CA VAL F 168 -17.46 -38.49 34.39
C VAL F 168 -18.50 -39.59 34.20
N PRO F 169 -18.14 -40.87 34.31
CA PRO F 169 -19.14 -41.93 34.19
C PRO F 169 -20.22 -41.80 35.24
N PRO F 170 -21.48 -42.11 34.91
CA PRO F 170 -22.56 -41.87 35.87
C PRO F 170 -22.44 -42.67 37.15
N GLU F 171 -21.77 -43.82 37.12
CA GLU F 171 -21.67 -44.64 38.31
C GLU F 171 -20.76 -43.99 39.36
N GLU F 172 -19.80 -43.18 38.92
CA GLU F 172 -18.85 -42.53 39.81
C GLU F 172 -19.28 -41.11 40.17
N THR F 173 -20.55 -40.78 40.01
CA THR F 173 -21.02 -39.44 40.32
C THR F 173 -21.11 -39.20 41.82
N ASN F 174 -21.17 -40.27 42.63
CA ASN F 174 -21.27 -40.14 44.07
C ASN F 174 -19.94 -39.80 44.73
N LYS F 175 -18.86 -39.64 43.97
CA LYS F 175 -17.55 -39.33 44.51
C LYS F 175 -17.11 -37.89 44.28
N TYR F 176 -17.79 -37.15 43.41
CA TYR F 176 -17.44 -35.78 43.08
C TYR F 176 -18.58 -34.85 43.45
N GLY F 177 -18.34 -33.55 43.26
CA GLY F 177 -19.41 -32.58 43.17
C GLY F 177 -19.87 -32.47 41.73
N VAL F 178 -21.18 -32.31 41.55
CA VAL F 178 -21.78 -32.30 40.23
C VAL F 178 -22.53 -30.98 40.04
N ILE F 179 -22.43 -30.43 38.83
CA ILE F 179 -23.11 -29.19 38.48
C ILE F 179 -24.00 -29.46 37.28
N ALA F 180 -24.94 -28.55 37.05
CA ALA F 180 -25.78 -28.57 35.86
C ALA F 180 -26.14 -27.14 35.51
N GLY F 181 -26.23 -26.88 34.21
CA GLY F 181 -26.58 -25.54 33.75
C GLY F 181 -26.76 -25.53 32.26
N GLU F 182 -27.11 -24.35 31.76
CA GLU F 182 -27.28 -24.16 30.33
C GLU F 182 -25.93 -23.93 29.67
N MET F 183 -25.79 -24.43 28.44
CA MET F 183 -24.52 -24.37 27.73
C MET F 183 -24.35 -23.04 27.01
N ILE F 184 -23.19 -22.42 27.20
CA ILE F 184 -22.87 -21.13 26.60
C ILE F 184 -21.89 -21.41 25.46
N ARG F 185 -21.09 -22.46 25.64
CA ARG F 185 -20.16 -22.93 24.62
C ARG F 185 -19.96 -24.42 24.89
N ASP F 186 -19.39 -25.13 23.91
CA ASP F 186 -19.24 -26.57 24.05
C ASP F 186 -18.51 -26.95 25.34
N ASP F 187 -17.82 -26.01 25.99
CA ASP F 187 -17.06 -26.30 27.19
C ASP F 187 -17.39 -25.38 28.38
N ILE F 188 -18.30 -24.42 28.22
CA ILE F 188 -18.66 -23.49 29.28
C ILE F 188 -20.14 -23.63 29.57
N PHE F 189 -20.48 -23.77 30.86
CA PHE F 189 -21.85 -23.92 31.33
C PHE F 189 -22.13 -22.87 32.39
N ARG F 190 -23.33 -22.29 32.37
CA ARG F 190 -23.77 -21.38 33.43
C ARG F 190 -24.45 -22.23 34.51
N VAL F 191 -23.79 -22.37 35.65
CA VAL F 191 -24.26 -23.30 36.67
C VAL F 191 -25.61 -22.84 37.20
N ASN F 192 -26.61 -23.70 37.08
CA ASN F 192 -27.89 -23.53 37.74
C ASN F 192 -27.93 -24.25 39.08
N THR F 193 -27.33 -25.43 39.14
CA THR F 193 -27.50 -26.37 40.23
C THR F 193 -26.17 -26.96 40.62
N MET F 194 -26.01 -27.21 41.92
CA MET F 194 -24.78 -27.78 42.47
C MET F 194 -25.14 -28.66 43.66
N VAL F 195 -24.69 -29.91 43.61
CA VAL F 195 -24.94 -30.86 44.68
C VAL F 195 -23.64 -31.61 44.97
N GLU F 196 -23.34 -31.81 46.25
CA GLU F 196 -22.20 -32.61 46.66
C GLU F 196 -22.55 -34.09 46.68
N LYS F 197 -21.58 -34.92 46.26
CA LYS F 197 -21.60 -36.38 46.19
C LYS F 197 -22.97 -37.06 46.09
N PRO F 198 -23.95 -36.72 45.09
CA PRO F 198 -25.54 -37.12 44.74
C PRO F 198 -25.57 -38.63 44.57
N LYS F 199 -26.62 -39.31 45.06
CA LYS F 199 -26.85 -40.77 44.87
C LYS F 199 -27.09 -40.85 43.36
N PRO F 200 -26.38 -41.75 42.37
CA PRO F 200 -26.28 -41.63 40.90
C PRO F 200 -27.54 -41.38 40.06
N GLU F 201 -28.76 -41.58 40.56
CA GLU F 201 -30.01 -41.19 39.85
C GLU F 201 -30.66 -39.92 40.42
N GLU F 202 -29.86 -38.93 40.84
CA GLU F 202 -30.13 -37.67 41.50
C GLU F 202 -29.12 -36.59 41.12
N ALA F 203 -27.91 -36.98 40.73
CA ALA F 203 -26.98 -36.01 40.18
C ALA F 203 -27.62 -35.37 38.95
N PRO F 204 -27.64 -34.04 38.84
CA PRO F 204 -28.36 -33.41 37.72
C PRO F 204 -27.69 -33.61 36.39
N SER F 205 -26.39 -33.91 36.36
CA SER F 205 -25.69 -34.25 35.15
C SER F 205 -24.60 -35.26 35.51
N ASN F 206 -23.72 -35.53 34.55
CA ASN F 206 -22.52 -36.32 34.78
C ASN F 206 -21.26 -35.47 34.66
N LEU F 207 -21.40 -34.16 34.92
CA LEU F 207 -20.28 -33.22 34.88
C LEU F 207 -19.79 -33.01 36.31
N ALA F 208 -18.59 -33.49 36.58
CA ALA F 208 -18.03 -33.53 37.93
C ALA F 208 -16.99 -32.43 38.11
N ILE F 209 -16.93 -31.87 39.32
CA ILE F 209 -16.02 -30.77 39.60
C ILE F 209 -14.64 -31.30 39.90
N ILE F 210 -13.64 -30.74 39.24
CA ILE F 210 -12.24 -31.05 39.48
C ILE F 210 -11.73 -29.97 40.45
N GLY F 211 -10.64 -30.27 41.13
CA GLY F 211 -10.09 -29.37 42.12
C GLY F 211 -9.36 -28.18 41.53
N ARG F 212 -10.08 -27.32 40.81
CA ARG F 212 -9.53 -26.05 40.35
C ARG F 212 -10.68 -25.04 40.35
N TYR F 213 -10.50 -23.93 41.05
CA TYR F 213 -11.54 -22.92 41.17
C TYR F 213 -10.95 -21.53 40.93
N ILE F 214 -11.80 -20.63 40.44
CA ILE F 214 -11.58 -19.19 40.50
C ILE F 214 -12.79 -18.61 41.23
N LEU F 215 -12.55 -17.92 42.33
CA LEU F 215 -13.63 -17.44 43.19
C LEU F 215 -13.55 -15.93 43.36
N THR F 216 -14.75 -15.29 43.44
CA THR F 216 -14.87 -13.88 43.76
C THR F 216 -15.05 -13.69 45.26
N PRO F 217 -14.59 -12.57 45.81
CA PRO F 217 -14.57 -12.45 47.29
C PRO F 217 -15.93 -12.61 47.94
N ASP F 218 -17.03 -12.49 47.21
CA ASP F 218 -18.33 -12.62 47.87
C ASP F 218 -18.58 -14.04 48.35
N ILE F 219 -17.74 -15.00 47.95
CA ILE F 219 -17.92 -16.38 48.38
C ILE F 219 -17.69 -16.49 49.88
N PHE F 220 -16.83 -15.63 50.45
CA PHE F 220 -16.51 -15.74 51.86
C PHE F 220 -17.75 -15.58 52.73
N ASP F 221 -18.49 -14.49 52.53
CA ASP F 221 -19.72 -14.29 53.30
C ASP F 221 -20.77 -15.33 52.96
N LEU F 222 -20.68 -15.96 51.79
CA LEU F 222 -21.60 -17.04 51.44
C LEU F 222 -21.24 -18.33 52.19
N ILE F 223 -19.94 -18.56 52.44
CA ILE F 223 -19.56 -19.72 53.24
C ILE F 223 -20.06 -19.56 54.68
N GLU F 224 -20.04 -18.33 55.20
CA GLU F 224 -20.53 -18.08 56.55
C GLU F 224 -22.03 -18.33 56.68
N GLN F 225 -22.77 -18.25 55.58
CA GLN F 225 -24.20 -18.52 55.59
C GLN F 225 -24.52 -19.98 55.27
N THR F 226 -23.52 -20.78 54.91
CA THR F 226 -23.76 -22.16 54.50
C THR F 226 -23.83 -23.06 55.73
N GLU F 227 -24.85 -23.90 55.77
CA GLU F 227 -25.00 -24.84 56.87
C GLU F 227 -24.29 -26.15 56.54
N PRO F 228 -23.89 -26.90 57.56
CA PRO F 228 -23.22 -28.19 57.30
C PRO F 228 -24.06 -29.08 56.40
N GLY F 229 -23.40 -29.69 55.41
CA GLY F 229 -24.08 -30.55 54.47
C GLY F 229 -23.62 -31.99 54.52
N LYS F 230 -23.31 -32.55 53.35
CA LYS F 230 -22.83 -33.91 53.24
C LYS F 230 -21.71 -34.18 54.24
N GLY F 231 -21.96 -35.11 55.17
CA GLY F 231 -20.96 -35.51 56.14
C GLY F 231 -20.75 -34.56 57.29
N GLY F 232 -21.65 -33.59 57.48
CA GLY F 232 -21.47 -32.60 58.52
C GLY F 232 -20.41 -31.57 58.24
N GLU F 233 -19.86 -31.55 57.04
CA GLU F 233 -18.82 -30.60 56.65
C GLU F 233 -19.42 -29.44 55.88
N ILE F 234 -18.71 -28.31 55.91
CA ILE F 234 -19.09 -27.12 55.14
C ILE F 234 -18.47 -27.28 53.76
N GLN F 235 -19.32 -27.43 52.75
CA GLN F 235 -18.89 -27.70 51.39
C GLN F 235 -18.84 -26.41 50.59
N ILE F 236 -17.72 -26.18 49.89
CA ILE F 236 -17.67 -25.05 48.98
C ILE F 236 -18.67 -25.23 47.86
N THR F 237 -19.00 -26.48 47.53
CA THR F 237 -20.01 -26.73 46.51
C THR F 237 -21.36 -26.14 46.90
N ASP F 238 -21.72 -26.26 48.18
CA ASP F 238 -22.99 -25.71 48.64
C ASP F 238 -22.95 -24.18 48.66
N ALA F 239 -21.83 -23.61 49.11
CA ALA F 239 -21.68 -22.16 49.07
C ALA F 239 -21.66 -21.66 47.64
N LEU F 240 -21.02 -22.40 46.73
CA LEU F 240 -20.99 -21.98 45.33
C LEU F 240 -22.39 -22.06 44.71
N MET F 241 -23.25 -22.95 45.22
CA MET F 241 -24.63 -22.98 44.75
C MET F 241 -25.33 -21.67 45.01
N LYS F 242 -25.18 -21.13 46.22
CA LYS F 242 -25.83 -19.86 46.56
C LYS F 242 -25.42 -18.75 45.62
N GLN F 243 -24.20 -18.80 45.10
CA GLN F 243 -23.72 -17.79 44.18
C GLN F 243 -24.39 -17.91 42.81
N ALA F 244 -24.68 -19.13 42.39
CA ALA F 244 -25.30 -19.33 41.09
C ALA F 244 -26.62 -18.61 40.98
N GLN F 245 -27.42 -18.64 42.05
CA GLN F 245 -28.76 -18.05 42.02
C GLN F 245 -28.72 -16.61 41.52
N ASP F 246 -27.97 -15.73 42.19
CA ASP F 246 -28.01 -14.30 41.88
C ASP F 246 -26.64 -13.73 41.54
N GLY F 247 -25.78 -14.59 40.99
CA GLY F 247 -24.49 -14.20 40.44
C GLY F 247 -24.14 -15.15 39.31
N CYS F 248 -22.93 -15.04 38.77
CA CYS F 248 -22.48 -15.84 37.63
C CYS F 248 -21.47 -16.88 38.10
N VAL F 249 -21.75 -18.15 37.77
CA VAL F 249 -20.84 -19.27 38.05
C VAL F 249 -20.73 -20.10 36.78
N LEU F 250 -19.51 -20.27 36.28
CA LEU F 250 -19.26 -20.99 35.04
C LEU F 250 -18.52 -22.28 35.32
N ALA F 251 -19.00 -23.37 34.73
CA ALA F 251 -18.32 -24.66 34.75
C ALA F 251 -17.56 -24.82 33.44
N TYR F 252 -16.28 -25.21 33.53
CA TYR F 252 -15.39 -25.21 32.39
C TYR F 252 -14.78 -26.58 32.20
N LYS F 253 -14.95 -27.15 31.00
CA LYS F 253 -14.35 -28.42 30.64
C LYS F 253 -12.95 -28.14 30.10
N PHE F 254 -11.95 -28.36 30.94
CA PHE F 254 -10.58 -27.94 30.69
C PHE F 254 -9.87 -28.89 29.72
N LYS F 255 -8.81 -28.38 29.12
CA LYS F 255 -7.95 -29.17 28.25
C LYS F 255 -6.83 -29.79 29.09
N GLY F 256 -6.81 -31.10 29.18
CA GLY F 256 -5.72 -31.77 29.86
C GLY F 256 -6.19 -33.03 30.57
N LYS F 257 -5.21 -33.69 31.20
CA LYS F 257 -5.44 -34.94 31.93
C LYS F 257 -5.42 -34.67 33.43
N ARG F 258 -6.32 -35.35 34.15
CA ARG F 258 -6.40 -35.25 35.60
C ARG F 258 -6.32 -36.64 36.20
N PHE F 259 -5.36 -36.84 37.10
CA PHE F 259 -5.22 -38.07 37.87
C PHE F 259 -5.77 -37.83 39.27
N ASP F 260 -6.59 -38.77 39.76
CA ASP F 260 -7.19 -38.64 41.08
C ASP F 260 -6.20 -39.13 42.12
N CYS F 261 -5.21 -38.28 42.41
CA CYS F 261 -4.16 -38.62 43.36
C CYS F 261 -4.62 -38.51 44.80
N GLY F 262 -5.85 -38.06 45.06
CA GLY F 262 -6.44 -38.25 46.36
C GLY F 262 -6.85 -39.67 46.66
N SER F 263 -6.80 -40.54 45.65
CA SER F 263 -7.09 -41.96 45.79
C SER F 263 -5.84 -42.77 45.47
N ALA F 264 -5.75 -43.95 46.09
CA ALA F 264 -4.56 -44.77 45.91
C ALA F 264 -4.38 -45.18 44.46
N GLU F 265 -5.47 -45.50 43.76
CA GLU F 265 -5.36 -45.95 42.38
C GLU F 265 -4.89 -44.83 41.47
N GLY F 266 -5.48 -43.63 41.62
CA GLY F 266 -5.04 -42.51 40.82
C GLY F 266 -3.62 -42.07 41.12
N TYR F 267 -3.21 -42.21 42.38
CA TYR F 267 -1.84 -41.87 42.74
C TYR F 267 -0.83 -42.68 41.95
N ILE F 268 -1.12 -43.97 41.75
CA ILE F 268 -0.20 -44.83 41.01
C ILE F 268 -0.27 -44.55 39.53
N GLU F 269 -1.47 -44.35 39.00
CA GLU F 269 -1.60 -43.89 37.62
C GLU F 269 -0.69 -42.70 37.35
N ALA F 270 -0.70 -41.72 38.26
CA ALA F 270 0.13 -40.54 38.08
C ALA F 270 1.61 -40.88 38.20
N THR F 271 1.98 -41.75 39.14
CA THR F 271 3.38 -42.11 39.30
C THR F 271 3.91 -42.77 38.03
N ASN F 272 3.23 -43.80 37.55
CA ASN F 272 3.69 -44.49 36.35
C ASN F 272 3.71 -43.57 35.14
N PHE F 273 2.68 -42.75 34.98
CA PHE F 273 2.60 -41.85 33.83
C PHE F 273 3.76 -40.86 33.83
N CYS F 274 4.03 -40.26 34.99
CA CYS F 274 5.05 -39.21 35.05
C CYS F 274 6.45 -39.78 34.91
N TYR F 275 6.68 -41.02 35.36
CA TYR F 275 7.99 -41.62 35.16
C TYR F 275 8.27 -41.88 33.68
N GLU F 276 7.25 -42.28 32.93
CA GLU F 276 7.46 -42.67 31.53
C GLU F 276 7.49 -41.47 30.60
N ASN F 277 6.71 -40.42 30.89
CA ASN F 277 6.65 -39.27 30.01
C ASN F 277 7.45 -38.07 30.50
N LEU F 278 7.79 -37.99 31.79
CA LEU F 278 8.43 -36.79 32.32
C LEU F 278 9.80 -37.05 32.95
N TYR F 279 9.94 -37.95 33.92
CA TYR F 279 11.24 -38.12 34.56
C TYR F 279 12.22 -38.78 33.60
N LYS F 280 11.76 -39.76 32.82
CA LYS F 280 12.61 -40.43 31.82
C LYS F 280 12.60 -39.58 30.56
N THR F 281 13.43 -38.54 30.57
CA THR F 281 13.37 -37.47 29.59
C THR F 281 14.45 -36.43 29.86
N SER G 7 10.57 28.18 1.11
CA SER G 7 9.63 27.15 1.63
C SER G 7 8.20 27.44 1.20
N ILE G 8 7.87 28.72 1.11
CA ILE G 8 6.53 29.15 0.71
C ILE G 8 6.62 30.56 0.12
N LYS G 9 6.02 30.74 -1.05
CA LYS G 9 6.10 32.01 -1.76
C LYS G 9 4.78 32.45 -2.37
N LYS G 10 3.73 31.63 -2.34
CA LYS G 10 2.49 31.90 -3.02
C LYS G 10 1.43 32.38 -2.03
N CYS G 11 0.62 33.33 -2.47
CA CYS G 11 -0.52 33.80 -1.70
C CYS G 11 -1.72 33.92 -2.62
N LEU G 12 -2.86 33.39 -2.18
CA LEU G 12 -4.09 33.40 -2.95
C LEU G 12 -5.12 34.29 -2.27
N PHE G 13 -5.84 35.08 -3.06
CA PHE G 13 -6.83 36.02 -2.54
C PHE G 13 -8.19 35.76 -3.16
N PRO G 14 -9.16 35.21 -2.43
CA PRO G 14 -10.53 35.14 -2.94
C PRO G 14 -11.17 36.52 -2.90
N ALA G 15 -11.60 36.99 -4.07
CA ALA G 15 -12.19 38.32 -4.20
C ALA G 15 -13.36 38.30 -5.18
N ALA G 16 -14.17 37.24 -5.13
CA ALA G 16 -15.30 37.06 -6.03
C ALA G 16 -16.60 36.90 -5.26
N GLY G 17 -16.69 37.52 -4.07
CA GLY G 17 -17.90 37.44 -3.29
C GLY G 17 -18.98 38.37 -3.80
N TYR G 18 -20.16 38.27 -3.19
CA TYR G 18 -21.26 39.13 -3.58
C TYR G 18 -21.15 40.51 -2.94
N GLY G 19 -20.51 40.60 -1.77
CA GLY G 19 -20.35 41.90 -1.13
C GLY G 19 -21.63 42.69 -1.04
N THR G 20 -22.74 42.02 -0.69
CA THR G 20 -24.05 42.65 -0.73
C THR G 20 -24.24 43.71 0.35
N ARG G 21 -23.42 43.70 1.39
CA ARG G 21 -23.60 44.65 2.47
C ARG G 21 -23.13 46.05 2.11
N PHE G 22 -22.35 46.19 1.03
CA PHE G 22 -21.78 47.46 0.62
C PHE G 22 -22.32 47.91 -0.73
N LEU G 23 -23.42 47.30 -1.18
CA LEU G 23 -24.18 47.83 -2.29
C LEU G 23 -24.72 49.22 -1.90
N PRO G 24 -24.84 50.14 -2.86
CA PRO G 24 -24.54 49.98 -4.30
C PRO G 24 -23.08 50.28 -4.65
N ALA G 25 -22.35 50.91 -3.73
CA ALA G 25 -20.97 51.30 -4.01
C ALA G 25 -20.15 50.16 -4.57
N THR G 26 -20.48 48.93 -4.18
CA THR G 26 -19.71 47.77 -4.61
C THR G 26 -20.14 47.24 -5.97
N LYS G 27 -21.35 47.57 -6.41
CA LYS G 27 -21.92 47.09 -7.67
C LYS G 27 -20.89 46.73 -8.73
N ALA G 28 -19.93 47.62 -9.00
CA ALA G 28 -18.91 47.40 -10.01
C ALA G 28 -17.51 47.42 -9.40
N MET G 29 -17.40 47.05 -8.12
CA MET G 29 -16.16 47.09 -7.39
C MET G 29 -16.21 46.01 -6.31
N PRO G 30 -15.19 45.16 -6.21
CA PRO G 30 -15.24 44.10 -5.21
C PRO G 30 -15.23 44.65 -3.80
N LYS G 31 -15.93 43.96 -2.91
CA LYS G 31 -15.93 44.35 -1.50
C LYS G 31 -14.52 44.54 -0.98
N GLU G 32 -13.58 43.73 -1.46
CA GLU G 32 -12.20 43.80 -1.02
C GLU G 32 -11.46 45.02 -1.56
N MET G 33 -12.09 45.82 -2.42
CA MET G 33 -11.48 47.02 -2.97
C MET G 33 -11.90 48.28 -2.22
N LEU G 34 -12.80 48.17 -1.26
CA LEU G 34 -13.24 49.34 -0.53
C LEU G 34 -12.06 49.99 0.18
N PRO G 35 -11.95 51.32 0.15
CA PRO G 35 -10.82 51.98 0.81
C PRO G 35 -11.04 52.25 2.28
N VAL G 36 -10.10 51.88 3.16
CA VAL G 36 -10.15 52.27 4.61
C VAL G 36 -9.36 53.57 4.60
N VAL G 37 -10.02 54.74 4.60
CA VAL G 37 -9.45 56.12 4.55
C VAL G 37 -8.90 56.39 3.13
N ASN G 38 -7.76 55.81 2.72
CA ASN G 38 -7.20 56.00 1.39
C ASN G 38 -6.44 54.79 0.87
N LYS G 39 -6.60 53.62 1.46
CA LYS G 39 -5.92 52.42 0.97
C LYS G 39 -6.93 51.30 0.79
N PRO G 40 -6.97 50.66 -0.38
CA PRO G 40 -7.88 49.53 -0.56
C PRO G 40 -7.55 48.39 0.40
N LEU G 41 -8.60 47.68 0.82
CA LEU G 41 -8.43 46.57 1.75
C LEU G 41 -7.44 45.54 1.20
N ILE G 42 -7.63 45.13 -0.06
CA ILE G 42 -6.78 44.09 -0.61
C ILE G 42 -5.34 44.54 -0.73
N GLN G 43 -5.09 45.85 -0.83
CA GLN G 43 -3.70 46.31 -0.84
C GLN G 43 -3.04 46.08 0.51
N TYR G 44 -3.76 46.35 1.61
CA TYR G 44 -3.26 46.01 2.93
C TYR G 44 -2.87 44.53 3.00
N ALA G 45 -3.73 43.67 2.44
CA ALA G 45 -3.48 42.24 2.50
C ALA G 45 -2.26 41.84 1.69
N VAL G 46 -2.09 42.45 0.52
CA VAL G 46 -0.96 42.08 -0.33
C VAL G 46 0.35 42.55 0.28
N GLU G 47 0.35 43.74 0.89
CA GLU G 47 1.53 44.18 1.64
C GLU G 47 1.82 43.23 2.79
N GLU G 48 0.78 42.65 3.39
CA GLU G 48 0.98 41.63 4.42
C GLU G 48 1.71 40.42 3.85
N ALA G 49 1.27 39.93 2.69
CA ALA G 49 1.89 38.74 2.10
C ALA G 49 3.32 39.00 1.67
N LEU G 50 3.60 40.20 1.16
CA LEU G 50 4.97 40.55 0.79
C LEU G 50 5.87 40.62 2.01
N GLU G 51 5.33 41.01 3.17
CA GLU G 51 6.12 41.01 4.39
C GLU G 51 6.57 39.60 4.75
N ALA G 52 5.74 38.61 4.45
CA ALA G 52 6.04 37.21 4.74
C ALA G 52 6.88 36.54 3.66
N GLY G 53 7.36 37.30 2.68
CA GLY G 53 8.12 36.73 1.60
C GLY G 53 7.31 36.10 0.50
N LEU G 54 5.99 36.30 0.50
CA LEU G 54 5.10 35.75 -0.52
C LEU G 54 4.93 36.79 -1.61
N SER G 55 5.67 36.63 -2.71
CA SER G 55 5.69 37.61 -3.79
C SER G 55 4.96 37.15 -5.04
N GLU G 56 4.37 35.95 -5.03
CA GLU G 56 3.59 35.44 -6.15
C GLU G 56 2.11 35.53 -5.75
N ILE G 57 1.45 36.58 -6.20
CA ILE G 57 0.10 36.91 -5.76
C ILE G 57 -0.90 36.34 -6.76
N GLY G 58 -1.88 35.60 -6.25
CA GLY G 58 -2.97 35.10 -7.05
C GLY G 58 -4.31 35.63 -6.56
N ILE G 59 -5.09 36.20 -7.47
CA ILE G 59 -6.38 36.80 -7.16
C ILE G 59 -7.47 36.07 -7.92
N VAL G 60 -8.49 35.61 -7.21
CA VAL G 60 -9.67 35.00 -7.82
C VAL G 60 -10.73 36.11 -7.94
N THR G 61 -11.01 36.51 -9.17
CA THR G 61 -11.80 37.69 -9.42
C THR G 61 -13.25 37.33 -9.74
N GLY G 62 -14.09 38.35 -9.62
CA GLY G 62 -15.52 38.21 -9.84
C GLY G 62 -16.03 39.55 -10.25
N ARG G 63 -17.20 39.93 -9.71
CA ARG G 63 -18.02 40.96 -10.34
C ARG G 63 -17.21 42.18 -10.75
N GLY G 64 -16.46 42.76 -9.82
CA GLY G 64 -15.66 43.92 -10.13
C GLY G 64 -14.22 43.57 -10.45
N LYS G 65 -14.04 42.48 -11.20
CA LYS G 65 -12.71 41.95 -11.47
C LYS G 65 -11.76 43.03 -11.95
N ARG G 66 -12.31 44.10 -12.55
CA ARG G 66 -11.52 45.10 -13.32
C ARG G 66 -10.98 46.14 -12.37
N SER G 67 -11.70 46.37 -11.29
CA SER G 67 -11.20 47.30 -10.27
C SER G 67 -9.93 46.73 -9.65
N LEU G 68 -9.93 45.42 -9.40
CA LEU G 68 -8.75 44.76 -8.83
C LEU G 68 -7.58 44.82 -9.80
N GLU G 69 -7.78 44.34 -11.02
CA GLU G 69 -6.73 44.40 -12.04
C GLU G 69 -6.19 45.82 -12.10
N ASP G 70 -7.01 46.77 -12.56
CA ASP G 70 -6.52 48.13 -12.80
C ASP G 70 -5.68 48.66 -11.64
N HIS G 71 -5.91 48.18 -10.42
CA HIS G 71 -5.21 48.74 -9.27
C HIS G 71 -3.79 48.23 -9.16
N PHE G 72 -3.54 46.97 -9.52
CA PHE G 72 -2.23 46.34 -9.35
C PHE G 72 -1.43 46.28 -10.64
N ASP G 73 -1.91 46.90 -11.71
CA ASP G 73 -1.23 47.03 -13.01
C ASP G 73 -0.48 48.37 -13.01
N ILE G 74 0.35 48.61 -14.02
CA ILE G 74 1.27 49.74 -14.02
C ILE G 74 0.53 51.07 -14.15
N SER G 75 -0.46 51.15 -15.04
CA SER G 75 -1.22 52.37 -15.29
C SER G 75 -0.37 53.57 -15.68
N TYR G 76 0.15 53.56 -16.91
CA TYR G 76 0.98 54.65 -17.39
C TYR G 76 0.33 56.03 -17.28
N GLU G 77 -0.99 56.09 -17.21
CA GLU G 77 -1.68 57.37 -17.07
C GLU G 77 -1.28 58.07 -15.78
N LEU G 78 -1.10 57.31 -14.70
CA LEU G 78 -0.75 57.92 -13.43
C LEU G 78 0.69 58.42 -13.43
N GLU G 79 1.60 57.69 -14.08
CA GLU G 79 2.99 58.16 -14.14
C GLU G 79 3.11 59.43 -14.98
N HIS G 80 2.24 59.59 -15.98
CA HIS G 80 2.29 60.79 -16.81
C HIS G 80 1.72 62.01 -16.11
N GLN G 81 0.70 61.82 -15.28
CA GLN G 81 0.12 62.94 -14.53
C GLN G 81 1.04 63.40 -13.41
N ILE G 82 1.96 62.55 -12.98
CA ILE G 82 2.94 62.92 -11.96
C ILE G 82 4.32 62.49 -12.47
N ARG G 83 4.90 63.31 -13.33
CA ARG G 83 6.19 62.96 -13.94
C ARG G 83 7.35 63.33 -13.04
N ASP G 86 7.28 62.93 -7.53
CA ASP G 86 7.22 64.17 -6.76
C ASP G 86 6.19 64.03 -5.63
N LYS G 87 4.95 63.62 -5.95
CA LYS G 87 3.98 63.27 -4.93
C LYS G 87 3.91 61.76 -4.70
N GLU G 88 5.03 61.05 -4.87
CA GLU G 88 5.08 59.63 -4.55
C GLU G 88 5.06 59.36 -3.05
N LYS G 89 4.83 60.40 -2.24
CA LYS G 89 4.80 60.26 -0.80
C LYS G 89 3.90 59.10 -0.37
N TYR G 90 2.74 58.94 -1.01
CA TYR G 90 1.82 57.86 -0.70
C TYR G 90 1.54 56.98 -1.91
N LEU G 91 2.58 56.73 -2.70
CA LEU G 91 2.53 55.69 -3.72
C LEU G 91 3.48 54.53 -3.43
N VAL G 92 4.53 54.76 -2.64
CA VAL G 92 5.59 53.77 -2.47
C VAL G 92 5.03 52.40 -2.11
N GLY G 93 3.95 52.38 -1.31
CA GLY G 93 3.38 51.11 -0.91
C GLY G 93 2.95 50.26 -2.09
N ILE G 94 2.23 50.86 -3.03
CA ILE G 94 1.76 50.13 -4.20
C ILE G 94 2.90 49.92 -5.20
N ARG G 95 3.77 50.92 -5.39
CA ARG G 95 4.84 50.76 -6.37
C ARG G 95 5.74 49.59 -6.01
N ARG G 96 6.16 49.51 -4.74
CA ARG G 96 6.95 48.36 -4.31
C ARG G 96 6.21 47.05 -4.60
N LEU G 97 4.89 47.05 -4.45
CA LEU G 97 4.11 45.85 -4.75
C LEU G 97 4.25 45.46 -6.22
N ILE G 98 4.19 46.43 -7.14
CA ILE G 98 4.26 46.11 -8.55
C ILE G 98 5.68 45.69 -8.93
N ASP G 99 6.68 46.23 -8.25
CA ASP G 99 8.07 45.93 -8.61
C ASP G 99 8.55 44.60 -8.02
N GLU G 100 8.01 44.19 -6.87
CA GLU G 100 8.49 42.97 -6.22
C GLU G 100 7.53 41.80 -6.31
N CYS G 101 6.32 41.99 -6.84
CA CYS G 101 5.35 40.92 -6.95
C CYS G 101 4.98 40.65 -8.40
N THR G 102 4.50 39.43 -8.63
CA THR G 102 3.85 39.04 -9.88
C THR G 102 2.41 38.71 -9.54
N PHE G 103 1.48 39.22 -10.34
CA PHE G 103 0.05 39.04 -10.11
C PHE G 103 -0.53 38.15 -11.20
N ALA G 104 -1.30 37.16 -10.78
CA ALA G 104 -2.04 36.27 -11.68
C ALA G 104 -3.51 36.31 -11.30
N TYR G 105 -4.39 36.29 -12.31
CA TYR G 105 -5.82 36.39 -12.09
C TYR G 105 -6.54 35.24 -12.77
N THR G 106 -7.65 34.81 -12.16
CA THR G 106 -8.54 33.82 -12.74
C THR G 106 -9.93 34.05 -12.17
N ARG G 107 -10.94 33.81 -12.99
CA ARG G 107 -12.32 34.12 -12.62
C ARG G 107 -13.01 32.92 -11.99
N GLN G 108 -13.88 33.21 -11.03
CA GLN G 108 -14.82 32.25 -10.48
C GLN G 108 -16.18 32.54 -11.11
N VAL G 109 -16.66 31.62 -11.95
CA VAL G 109 -17.86 31.88 -12.74
C VAL G 109 -19.11 31.79 -11.88
N GLU G 110 -19.10 30.94 -10.86
CA GLU G 110 -20.27 30.71 -10.03
C GLU G 110 -19.87 30.91 -8.57
N MET G 111 -20.68 31.63 -7.80
CA MET G 111 -20.46 31.72 -6.37
C MET G 111 -20.96 30.44 -5.73
N LYS G 112 -20.01 29.60 -5.29
CA LYS G 112 -20.34 28.34 -4.61
C LYS G 112 -19.78 28.31 -3.20
N GLY G 113 -19.20 29.40 -2.73
CA GLY G 113 -18.61 29.48 -1.41
C GLY G 113 -17.10 29.66 -1.48
N LEU G 114 -16.54 29.93 -0.29
CA LEU G 114 -15.10 30.14 -0.20
C LEU G 114 -14.33 28.92 -0.70
N GLY G 115 -14.74 27.73 -0.29
CA GLY G 115 -14.02 26.53 -0.70
C GLY G 115 -13.90 26.41 -2.20
N HIS G 116 -14.99 26.65 -2.92
CA HIS G 116 -14.94 26.59 -4.38
C HIS G 116 -14.07 27.70 -4.95
N ALA G 117 -14.01 28.85 -4.28
CA ALA G 117 -13.11 29.90 -4.72
C ALA G 117 -11.66 29.47 -4.59
N ILE G 118 -11.32 28.81 -3.49
CA ILE G 118 -9.95 28.34 -3.29
C ILE G 118 -9.59 27.30 -4.34
N LEU G 119 -10.47 26.30 -4.53
CA LEU G 119 -10.25 25.31 -5.59
C LEU G 119 -10.16 25.99 -6.94
N THR G 120 -10.96 27.04 -7.16
CA THR G 120 -10.91 27.74 -8.44
C THR G 120 -9.53 28.28 -8.73
N GLY G 121 -8.77 28.66 -7.70
CA GLY G 121 -7.44 29.19 -7.86
C GLY G 121 -6.35 28.16 -7.97
N ARG G 122 -6.70 26.88 -8.02
CA ARG G 122 -5.69 25.83 -8.13
C ARG G 122 -4.76 26.02 -9.33
N PRO G 123 -5.24 26.39 -10.52
CA PRO G 123 -4.30 26.52 -11.65
C PRO G 123 -3.18 27.49 -11.38
N LEU G 124 -3.41 28.50 -10.54
CA LEU G 124 -2.36 29.45 -10.19
C LEU G 124 -1.44 28.92 -9.10
N ILE G 125 -1.81 27.85 -8.42
CA ILE G 125 -1.08 27.35 -7.26
C ILE G 125 -0.29 26.09 -7.60
N GLY G 126 -0.97 25.02 -7.99
CA GLY G 126 -0.30 23.76 -8.23
C GLY G 126 -0.12 22.97 -6.94
N ASP G 127 0.88 22.09 -6.97
CA ASP G 127 1.21 21.23 -5.83
C ASP G 127 2.36 21.86 -5.05
N GLU G 128 2.02 22.91 -4.30
CA GLU G 128 2.95 23.54 -3.38
C GLU G 128 2.15 24.28 -2.32
N PRO G 129 2.74 24.55 -1.16
CA PRO G 129 2.00 25.26 -0.11
C PRO G 129 1.75 26.72 -0.47
N PHE G 130 0.67 27.26 0.07
CA PHE G 130 0.26 28.62 -0.24
C PHE G 130 -0.53 29.19 0.93
N ALA G 131 -0.50 30.51 1.04
CA ALA G 131 -1.31 31.23 2.00
C ALA G 131 -2.58 31.75 1.33
N VAL G 132 -3.66 31.76 2.09
CA VAL G 132 -4.93 32.34 1.65
C VAL G 132 -5.26 33.50 2.57
N VAL G 133 -5.74 34.59 1.99
CA VAL G 133 -6.09 35.79 2.73
C VAL G 133 -7.48 36.25 2.29
N LEU G 134 -8.36 36.48 3.27
CA LEU G 134 -9.66 37.11 3.04
C LEU G 134 -9.51 38.57 3.41
N ALA G 135 -9.52 39.44 2.40
CA ALA G 135 -9.13 40.83 2.62
C ALA G 135 -10.14 41.63 3.44
N ASP G 136 -11.37 41.14 3.59
CA ASP G 136 -12.34 41.86 4.40
C ASP G 136 -11.98 41.84 5.88
N ASP G 137 -11.07 40.94 6.30
CA ASP G 137 -10.56 40.93 7.66
C ASP G 137 -9.23 41.70 7.64
N LEU G 138 -9.26 42.93 8.12
CA LEU G 138 -8.07 43.79 8.19
C LEU G 138 -7.32 43.50 9.48
N CYS G 139 -6.11 42.97 9.36
CA CYS G 139 -5.28 42.59 10.49
C CYS G 139 -4.01 43.41 10.48
N LEU G 140 -3.73 44.10 11.59
CA LEU G 140 -2.58 44.97 11.69
C LEU G 140 -1.82 44.69 12.98
N ASN G 141 -0.49 44.67 12.87
CA ASN G 141 0.39 44.55 14.04
C ASN G 141 1.61 45.44 13.79
N LEU G 142 1.47 46.71 14.17
CA LEU G 142 2.56 47.67 14.08
C LEU G 142 3.65 47.39 15.10
N GLU G 143 3.33 46.72 16.21
CA GLU G 143 4.29 46.41 17.26
C GLU G 143 5.00 45.07 17.02
N GLY G 144 5.04 44.60 15.79
CA GLY G 144 5.71 43.35 15.50
C GLY G 144 5.51 42.88 14.07
N ASP G 145 5.38 41.58 13.88
CA ASP G 145 5.24 40.99 12.56
C ASP G 145 3.77 40.85 12.21
N SER G 146 3.48 40.89 10.92
CA SER G 146 2.10 40.79 10.45
C SER G 146 1.55 39.39 10.70
N VAL G 147 0.22 39.31 10.79
CA VAL G 147 -0.42 38.02 11.09
C VAL G 147 0.07 36.95 10.13
N LEU G 148 0.20 37.29 8.84
CA LEU G 148 0.59 36.28 7.87
C LEU G 148 2.04 35.87 8.05
N LYS G 149 2.92 36.82 8.38
CA LYS G 149 4.30 36.48 8.66
C LYS G 149 4.39 35.51 9.83
N GLN G 150 3.69 35.82 10.93
CA GLN G 150 3.67 34.91 12.06
C GLN G 150 3.34 33.49 11.58
N MET G 151 2.30 33.35 10.75
CA MET G 151 1.89 32.02 10.33
C MET G 151 2.91 31.38 9.40
N VAL G 152 3.68 32.19 8.66
CA VAL G 152 4.72 31.64 7.81
C VAL G 152 5.87 31.12 8.66
N LYS G 153 6.36 31.94 9.61
CA LYS G 153 7.39 31.47 10.53
C LYS G 153 6.93 30.24 11.29
N LEU G 154 5.63 30.15 11.55
CA LEU G 154 5.06 28.97 12.21
C LEU G 154 5.09 27.77 11.29
N TYR G 155 4.86 27.99 10.00
CA TYR G 155 4.81 26.89 9.05
C TYR G 155 6.18 26.25 8.87
N ASN G 156 7.24 27.07 8.89
CA ASN G 156 8.58 26.54 8.68
C ASN G 156 8.93 25.46 9.69
N GLN G 157 8.31 25.50 10.87
CA GLN G 157 8.61 24.53 11.92
C GLN G 157 7.68 23.32 11.87
N PHE G 158 6.36 23.55 11.86
CA PHE G 158 5.40 22.46 11.96
C PHE G 158 4.97 21.91 10.60
N ARG G 159 4.99 22.74 9.57
CA ARG G 159 4.73 22.30 8.19
C ARG G 159 3.39 21.58 8.06
N CYS G 160 2.35 22.18 8.64
CA CYS G 160 0.99 21.72 8.41
C CYS G 160 0.07 22.92 8.40
N SER G 161 -1.16 22.71 7.93
CA SER G 161 -2.07 23.82 7.69
C SER G 161 -2.34 24.59 8.98
N ILE G 162 -2.22 25.91 8.90
CA ILE G 162 -2.35 26.79 10.06
C ILE G 162 -3.50 27.75 9.82
N VAL G 163 -4.39 27.87 10.81
CA VAL G 163 -5.56 28.73 10.75
C VAL G 163 -5.44 29.79 11.83
N ALA G 164 -5.70 31.05 11.46
CA ALA G 164 -5.67 32.12 12.44
C ALA G 164 -6.81 31.98 13.43
N ILE G 165 -6.53 32.24 14.71
CA ILE G 165 -7.59 32.28 15.71
C ILE G 165 -7.49 33.49 16.62
N GLN G 166 -8.63 33.80 17.23
CA GLN G 166 -8.87 35.01 17.99
C GLN G 166 -9.97 34.69 18.98
N GLU G 167 -9.92 35.34 20.14
CA GLU G 167 -10.92 35.12 21.18
C GLU G 167 -12.12 36.01 20.91
N VAL G 168 -13.30 35.41 20.78
CA VAL G 168 -14.54 36.14 20.57
C VAL G 168 -15.59 35.62 21.54
N PRO G 169 -16.64 36.40 21.80
CA PRO G 169 -17.72 35.92 22.67
C PRO G 169 -18.60 34.91 21.96
N PRO G 170 -19.29 34.04 22.71
CA PRO G 170 -20.10 33.00 22.06
C PRO G 170 -21.35 33.53 21.37
N GLU G 171 -21.69 34.80 21.56
CA GLU G 171 -22.87 35.37 20.91
C GLU G 171 -22.66 35.49 19.40
N GLU G 172 -21.41 35.54 18.94
CA GLU G 172 -21.08 35.69 17.54
C GLU G 172 -20.73 34.37 16.87
N THR G 173 -21.01 33.25 17.53
CA THR G 173 -20.60 31.96 16.97
C THR G 173 -21.24 31.72 15.61
N ASN G 174 -22.40 32.32 15.35
CA ASN G 174 -23.06 32.19 14.06
C ASN G 174 -22.43 33.07 12.99
N LYS G 175 -21.50 33.95 13.35
CA LYS G 175 -20.85 34.82 12.36
C LYS G 175 -19.54 34.25 11.84
N TYR G 176 -18.97 33.25 12.53
CA TYR G 176 -17.70 32.67 12.15
C TYR G 176 -17.85 31.16 11.98
N GLY G 177 -16.76 30.52 11.61
CA GLY G 177 -16.60 29.07 11.74
C GLY G 177 -15.63 28.82 12.88
N VAL G 178 -15.95 27.85 13.72
CA VAL G 178 -15.11 27.62 14.90
C VAL G 178 -14.51 26.23 14.88
N ILE G 179 -13.36 26.15 15.54
CA ILE G 179 -12.47 25.01 15.60
C ILE G 179 -12.28 24.67 17.07
N ALA G 180 -11.84 23.45 17.35
CA ALA G 180 -11.43 23.10 18.70
C ALA G 180 -10.31 22.07 18.63
N GLY G 181 -9.40 22.12 19.61
CA GLY G 181 -8.24 21.25 19.53
C GLY G 181 -7.49 21.08 20.83
N GLU G 182 -6.60 20.08 20.82
CA GLU G 182 -5.65 19.89 21.91
C GLU G 182 -4.73 21.11 22.00
N MET G 183 -4.61 21.67 23.19
CA MET G 183 -3.78 22.85 23.38
C MET G 183 -2.31 22.41 23.44
N ILE G 184 -1.53 22.83 22.44
CA ILE G 184 -0.09 22.61 22.48
C ILE G 184 0.59 23.69 23.30
N ARG G 185 0.16 24.94 23.13
CA ARG G 185 0.81 26.09 23.75
C ARG G 185 -0.27 27.11 24.09
N ASP G 186 0.18 28.25 24.62
CA ASP G 186 -0.73 29.37 24.89
C ASP G 186 -1.57 29.72 23.67
N ASP G 187 -0.98 29.59 22.47
CA ASP G 187 -1.63 30.07 21.26
C ASP G 187 -1.67 29.07 20.12
N ILE G 188 -1.01 27.91 20.21
CA ILE G 188 -1.13 26.87 19.19
C ILE G 188 -2.08 25.80 19.70
N PHE G 189 -2.98 25.35 18.83
CA PHE G 189 -3.99 24.34 19.15
C PHE G 189 -4.07 23.37 17.99
N ARG G 190 -4.06 22.07 18.29
CA ARG G 190 -4.14 21.03 17.26
C ARG G 190 -5.62 20.74 17.00
N VAL G 191 -6.11 21.14 15.82
CA VAL G 191 -7.53 21.07 15.53
C VAL G 191 -8.01 19.63 15.50
N ASN G 192 -9.13 19.36 16.18
CA ASN G 192 -9.89 18.14 15.96
C ASN G 192 -11.36 18.39 15.60
N THR G 193 -11.88 19.60 15.80
CA THR G 193 -13.24 19.92 15.37
C THR G 193 -13.21 21.13 14.44
N MET G 194 -14.29 21.29 13.67
CA MET G 194 -14.42 22.38 12.72
C MET G 194 -15.85 22.45 12.18
N VAL G 195 -16.56 23.54 12.49
CA VAL G 195 -17.94 23.74 12.04
C VAL G 195 -18.08 25.17 11.53
N GLU G 196 -18.97 25.40 10.56
CA GLU G 196 -19.21 26.75 9.99
C GLU G 196 -20.60 27.25 10.39
N LYS G 197 -20.69 28.39 11.11
CA LYS G 197 -21.94 29.12 11.51
C LYS G 197 -22.99 28.25 12.23
N PRO G 198 -22.75 27.73 13.60
CA PRO G 198 -23.64 26.87 14.72
C PRO G 198 -24.28 27.93 15.62
N LYS G 199 -25.61 27.91 15.79
CA LYS G 199 -26.36 28.74 16.77
C LYS G 199 -25.89 28.22 18.14
N PRO G 200 -25.12 29.04 19.19
CA PRO G 200 -24.41 28.63 20.42
C PRO G 200 -25.18 27.49 21.11
N GLU G 201 -24.47 26.35 21.17
CA GLU G 201 -24.82 24.94 21.39
C GLU G 201 -23.82 24.24 20.46
N GLU G 202 -22.92 23.39 20.95
CA GLU G 202 -21.94 22.66 20.10
C GLU G 202 -21.18 23.80 19.41
N ALA G 203 -20.68 24.68 20.28
CA ALA G 203 -19.98 25.94 19.99
C ALA G 203 -18.70 26.05 20.80
N PRO G 204 -17.69 25.23 20.50
CA PRO G 204 -16.39 25.41 21.17
C PRO G 204 -15.76 26.77 20.87
N SER G 205 -16.29 27.83 21.46
CA SER G 205 -15.88 29.19 21.12
C SER G 205 -14.65 29.64 21.88
N ALA G 208 -12.03 32.21 17.02
CA ALA G 208 -12.53 32.92 15.85
C ALA G 208 -11.57 32.68 14.69
N ILE G 209 -11.96 31.78 13.79
CA ILE G 209 -11.29 31.65 12.50
C ILE G 209 -11.27 33.01 11.82
N ILE G 210 -10.09 33.49 11.46
CA ILE G 210 -9.94 34.75 10.75
C ILE G 210 -9.56 34.45 9.31
N GLY G 211 -9.70 35.47 8.45
CA GLY G 211 -9.33 35.32 7.06
C GLY G 211 -7.84 35.28 6.82
N ARG G 212 -7.18 34.30 7.42
CA ARG G 212 -5.75 34.06 7.18
C ARG G 212 -5.54 32.56 7.27
N TYR G 213 -5.08 31.95 6.18
CA TYR G 213 -4.84 30.52 6.16
C TYR G 213 -3.44 30.24 5.60
N ILE G 214 -2.91 29.08 5.98
CA ILE G 214 -1.79 28.45 5.28
C ILE G 214 -2.25 27.04 4.96
N LEU G 215 -2.31 26.70 3.67
CA LEU G 215 -2.89 25.45 3.22
C LEU G 215 -1.87 24.60 2.48
N THR G 216 -1.93 23.29 2.71
CA THR G 216 -1.09 22.36 1.98
C THR G 216 -1.81 21.86 0.74
N PRO G 217 -1.09 21.68 -0.38
CA PRO G 217 -1.75 21.39 -1.65
C PRO G 217 -2.71 20.22 -1.64
N ASP G 218 -2.56 19.27 -0.72
CA ASP G 218 -3.52 18.18 -0.67
C ASP G 218 -4.95 18.68 -0.44
N ILE G 219 -5.11 19.93 -0.02
CA ILE G 219 -6.46 20.44 0.27
C ILE G 219 -7.30 20.53 -1.01
N PHE G 220 -6.66 20.65 -2.17
CA PHE G 220 -7.41 20.81 -3.41
C PHE G 220 -8.23 19.57 -3.74
N ASP G 221 -7.62 18.38 -3.61
CA ASP G 221 -8.38 17.16 -3.82
C ASP G 221 -9.42 16.94 -2.73
N LEU G 222 -9.22 17.56 -1.56
CA LEU G 222 -10.23 17.50 -0.51
C LEU G 222 -11.43 18.40 -0.85
N ILE G 223 -11.17 19.64 -1.28
CA ILE G 223 -12.27 20.52 -1.65
C ILE G 223 -13.08 19.90 -2.78
N GLU G 224 -12.40 19.20 -3.70
CA GLU G 224 -13.10 18.58 -4.81
C GLU G 224 -14.09 17.53 -4.34
N GLN G 225 -13.85 16.93 -3.17
CA GLN G 225 -14.75 15.94 -2.60
C GLN G 225 -15.73 16.53 -1.60
N THR G 226 -15.57 17.80 -1.24
CA THR G 226 -16.47 18.41 -0.27
C THR G 226 -17.79 18.79 -0.93
N GLU G 227 -18.85 18.67 -0.15
CA GLU G 227 -20.24 18.83 -0.52
C GLU G 227 -20.79 20.14 0.05
N PRO G 228 -21.80 20.72 -0.59
CA PRO G 228 -22.32 22.01 -0.10
C PRO G 228 -22.74 21.93 1.36
N GLY G 229 -22.39 22.95 2.12
CA GLY G 229 -22.75 23.03 3.52
C GLY G 229 -23.71 24.17 3.82
N LYS G 230 -23.40 24.96 4.85
CA LYS G 230 -24.29 26.03 5.28
C LYS G 230 -24.48 27.05 4.16
N GLY G 231 -25.74 27.29 3.81
CA GLY G 231 -26.08 28.21 2.74
C GLY G 231 -26.12 27.60 1.36
N GLY G 232 -25.89 26.30 1.25
CA GLY G 232 -25.73 25.69 -0.07
C GLY G 232 -24.39 25.95 -0.70
N GLU G 233 -23.45 26.55 0.03
CA GLU G 233 -22.14 26.86 -0.47
C GLU G 233 -21.14 25.75 -0.11
N ILE G 234 -19.89 25.93 -0.50
CA ILE G 234 -18.81 24.97 -0.23
C ILE G 234 -17.72 25.73 0.50
N GLN G 235 -17.75 25.71 1.83
CA GLN G 235 -16.80 26.47 2.63
C GLN G 235 -15.54 25.65 2.86
N ILE G 236 -14.41 26.35 2.92
CA ILE G 236 -13.12 25.71 3.16
C ILE G 236 -13.11 25.02 4.51
N THR G 237 -13.87 25.55 5.47
CA THR G 237 -13.89 24.98 6.82
C THR G 237 -14.18 23.48 6.80
N ASP G 238 -15.25 23.09 6.10
CA ASP G 238 -15.63 21.68 6.06
C ASP G 238 -14.55 20.83 5.39
N ALA G 239 -13.96 21.34 4.30
CA ALA G 239 -12.85 20.64 3.68
C ALA G 239 -11.63 20.60 4.60
N LEU G 240 -11.41 21.67 5.37
CA LEU G 240 -10.29 21.71 6.29
C LEU G 240 -10.51 20.79 7.49
N MET G 241 -11.75 20.44 7.82
CA MET G 241 -11.95 19.44 8.86
C MET G 241 -11.47 18.07 8.38
N LYS G 242 -11.91 17.67 7.19
CA LYS G 242 -11.44 16.41 6.61
C LYS G 242 -9.92 16.31 6.72
N GLN G 243 -9.22 17.41 6.50
CA GLN G 243 -7.76 17.38 6.65
C GLN G 243 -7.35 17.26 8.10
N ALA G 244 -8.08 17.93 9.00
CA ALA G 244 -7.71 17.91 10.41
C ALA G 244 -7.82 16.51 11.01
N GLN G 245 -8.77 15.71 10.52
CA GLN G 245 -8.95 14.37 11.06
C GLN G 245 -7.83 13.44 10.61
N ASP G 246 -7.54 13.44 9.32
CA ASP G 246 -6.54 12.57 8.72
C ASP G 246 -5.21 13.29 8.47
N GLY G 247 -5.02 14.48 9.03
CA GLY G 247 -3.74 15.18 8.93
C GLY G 247 -3.48 16.12 10.07
N CYS G 248 -2.57 17.07 9.87
CA CYS G 248 -2.22 18.09 10.85
C CYS G 248 -2.83 19.41 10.44
N VAL G 249 -3.71 19.95 11.28
CA VAL G 249 -4.29 21.27 11.12
C VAL G 249 -4.28 21.90 12.51
N LEU G 250 -3.65 23.06 12.64
CA LEU G 250 -3.55 23.71 13.93
C LEU G 250 -3.87 25.18 13.81
N ALA G 251 -4.40 25.70 14.91
CA ALA G 251 -4.86 27.08 14.97
C ALA G 251 -3.91 27.90 15.83
N TYR G 252 -3.91 29.21 15.58
CA TYR G 252 -2.88 30.09 16.12
C TYR G 252 -3.48 31.41 16.58
N LYS G 253 -3.41 31.67 17.89
CA LYS G 253 -3.83 32.96 18.43
C LYS G 253 -2.81 34.01 18.02
N PHE G 254 -3.10 34.73 16.95
CA PHE G 254 -2.15 35.68 16.40
C PHE G 254 -2.07 36.92 17.28
N LYS G 255 -0.96 37.64 17.13
CA LYS G 255 -0.76 38.92 17.80
C LYS G 255 -1.28 40.02 16.88
N GLY G 256 -2.25 40.80 17.36
CA GLY G 256 -2.71 41.94 16.61
C GLY G 256 -4.20 42.21 16.68
N LYS G 257 -4.62 43.30 16.06
CA LYS G 257 -6.02 43.73 16.02
C LYS G 257 -6.62 43.35 14.67
N ARG G 258 -7.80 42.73 14.72
CA ARG G 258 -8.55 42.36 13.53
C ARG G 258 -9.84 43.16 13.45
N PHE G 259 -10.09 43.78 12.30
CA PHE G 259 -11.32 44.49 12.03
C PHE G 259 -12.15 43.69 11.04
N ASP G 260 -13.45 43.56 11.32
CA ASP G 260 -14.37 42.85 10.44
C ASP G 260 -14.93 43.83 9.42
N CYS G 261 -14.11 44.15 8.42
CA CYS G 261 -14.54 45.05 7.36
C CYS G 261 -15.48 44.37 6.36
N GLY G 262 -15.74 43.07 6.52
CA GLY G 262 -16.86 42.46 5.84
C GLY G 262 -18.19 42.87 6.40
N SER G 263 -18.19 43.58 7.54
CA SER G 263 -19.37 44.20 8.11
C SER G 263 -19.25 45.72 8.01
N ALA G 264 -20.40 46.39 8.03
CA ALA G 264 -20.38 47.85 8.00
C ALA G 264 -19.75 48.41 9.26
N GLU G 265 -20.02 47.78 10.41
CA GLU G 265 -19.48 48.28 11.68
C GLU G 265 -17.96 48.19 11.70
N GLY G 266 -17.41 47.02 11.42
CA GLY G 266 -15.96 46.87 11.41
C GLY G 266 -15.28 47.75 10.39
N TYR G 267 -15.96 48.02 9.27
CA TYR G 267 -15.37 48.88 8.25
C TYR G 267 -15.19 50.30 8.75
N ILE G 268 -16.17 50.81 9.49
CA ILE G 268 -16.05 52.17 10.02
C ILE G 268 -15.09 52.20 11.21
N GLU G 269 -15.09 51.15 12.03
CA GLU G 269 -14.07 51.03 13.07
C GLU G 269 -12.68 51.14 12.47
N ALA G 270 -12.42 50.33 11.44
CA ALA G 270 -11.12 50.36 10.78
C ALA G 270 -10.83 51.73 10.18
N THR G 271 -11.86 52.37 9.63
CA THR G 271 -11.65 53.66 8.97
C THR G 271 -11.20 54.72 9.96
N ASN G 272 -11.87 54.82 11.11
CA ASN G 272 -11.45 55.77 12.13
C ASN G 272 -10.10 55.38 12.72
N PHE G 273 -9.89 54.10 13.00
CA PHE G 273 -8.61 53.65 13.55
C PHE G 273 -7.45 54.07 12.67
N CYS G 274 -7.52 53.74 11.37
CA CYS G 274 -6.40 54.01 10.47
C CYS G 274 -6.21 55.50 10.24
N TYR G 275 -7.28 56.28 10.33
CA TYR G 275 -7.15 57.73 10.18
C TYR G 275 -6.35 58.33 11.34
N GLU G 276 -6.57 57.81 12.56
CA GLU G 276 -5.91 58.40 13.72
C GLU G 276 -4.45 57.95 13.81
N ASN G 277 -4.19 56.65 13.63
CA ASN G 277 -2.88 56.10 13.92
C ASN G 277 -1.97 55.99 12.71
N LEU G 278 -2.52 56.02 11.49
CA LEU G 278 -1.73 55.73 10.30
C LEU G 278 -1.68 56.88 9.30
N TYR G 279 -2.82 57.56 9.05
CA TYR G 279 -2.83 58.64 8.08
C TYR G 279 -2.16 59.88 8.64
N LYS G 280 -2.64 60.39 9.77
CA LYS G 280 -2.08 61.59 10.38
C LYS G 280 -0.65 61.40 10.86
N THR G 281 -0.07 60.22 10.70
CA THR G 281 1.29 59.95 11.14
C THR G 281 2.14 59.42 9.99
N ILE H 8 9.57 9.93 14.03
CA ILE H 8 11.00 10.29 14.28
C ILE H 8 11.81 9.01 14.49
N LYS H 9 12.88 8.85 13.71
CA LYS H 9 13.69 7.63 13.78
C LYS H 9 15.19 7.90 13.72
N LYS H 10 15.63 9.16 13.81
CA LYS H 10 17.03 9.52 13.66
C LYS H 10 17.58 10.11 14.94
N CYS H 11 18.83 9.80 15.24
CA CYS H 11 19.53 10.39 16.37
C CYS H 11 20.95 10.72 15.94
N LEU H 12 21.40 11.94 16.27
CA LEU H 12 22.73 12.42 15.92
C LEU H 12 23.57 12.52 17.19
N PHE H 13 24.84 12.11 17.08
CA PHE H 13 25.77 12.12 18.22
C PHE H 13 26.99 12.97 17.90
N PRO H 14 27.11 14.17 18.47
CA PRO H 14 28.37 14.92 18.32
C PRO H 14 29.45 14.32 19.21
N ALA H 15 30.60 14.00 18.62
CA ALA H 15 31.70 13.37 19.34
C ALA H 15 33.04 13.85 18.81
N ALA H 16 33.14 15.16 18.52
CA ALA H 16 34.35 15.73 17.93
C ALA H 16 34.88 16.89 18.76
N GLY H 17 34.66 16.86 20.07
CA GLY H 17 35.20 17.90 20.92
C GLY H 17 36.67 17.69 21.22
N TYR H 18 37.25 18.68 21.92
CA TYR H 18 38.65 18.60 22.29
C TYR H 18 38.89 17.63 23.46
N GLY H 19 37.85 17.33 24.26
CA GLY H 19 37.95 16.35 25.33
C GLY H 19 39.13 16.59 26.26
N THR H 20 39.23 17.81 26.78
CA THR H 20 40.47 18.27 27.36
C THR H 20 40.74 17.76 28.77
N ARG H 21 39.68 17.59 29.57
CA ARG H 21 39.92 17.24 30.97
C ARG H 21 40.36 15.81 31.14
N PHE H 22 40.51 15.06 30.05
CA PHE H 22 40.87 13.65 30.13
C PHE H 22 42.07 13.32 29.24
N LEU H 23 42.93 14.30 29.01
CA LEU H 23 44.22 14.01 28.39
C LEU H 23 45.17 13.43 29.44
N PRO H 24 46.06 12.51 29.03
CA PRO H 24 46.29 12.04 27.67
C PRO H 24 45.43 10.86 27.22
N ALA H 25 44.46 10.45 28.04
CA ALA H 25 43.62 9.31 27.65
C ALA H 25 42.80 9.62 26.41
N THR H 26 42.38 10.87 26.24
CA THR H 26 41.61 11.29 25.08
C THR H 26 42.50 11.72 23.92
N LYS H 27 43.77 11.33 23.93
CA LYS H 27 44.66 11.68 22.83
C LYS H 27 44.22 10.99 21.53
N ALA H 28 43.86 9.71 21.60
CA ALA H 28 43.48 8.94 20.44
C ALA H 28 42.09 8.34 20.56
N MET H 29 41.28 8.82 21.51
CA MET H 29 39.91 8.39 21.65
C MET H 29 39.11 9.57 22.15
N PRO H 30 37.88 9.76 21.69
CA PRO H 30 37.09 10.91 22.12
C PRO H 30 36.64 10.77 23.56
N LYS H 31 36.31 11.92 24.15
CA LYS H 31 35.80 11.92 25.52
C LYS H 31 34.56 11.05 25.66
N GLU H 32 33.80 10.87 24.58
CA GLU H 32 32.58 10.08 24.64
C GLU H 32 32.85 8.57 24.63
N MET H 33 34.09 8.15 24.39
CA MET H 33 34.44 6.73 24.40
C MET H 33 34.93 6.26 25.75
N LEU H 34 35.14 7.16 26.71
CA LEU H 34 35.65 6.77 28.01
C LEU H 34 34.71 5.72 28.63
N PRO H 35 35.26 4.65 29.22
CA PRO H 35 34.40 3.63 29.80
C PRO H 35 33.96 3.99 31.22
N VAL H 36 32.67 3.80 31.48
CA VAL H 36 32.12 3.90 32.82
C VAL H 36 32.12 2.47 33.37
N VAL H 37 33.17 2.10 34.12
CA VAL H 37 33.45 0.74 34.65
C VAL H 37 33.81 -0.08 33.43
N ASN H 38 32.87 -0.48 32.60
CA ASN H 38 33.17 -1.35 31.47
C ASN H 38 32.40 -1.04 30.21
N LYS H 39 31.62 0.03 30.18
CA LYS H 39 30.78 0.38 29.03
C LYS H 39 31.11 1.79 28.58
N PRO H 40 31.46 2.00 27.30
CA PRO H 40 31.77 3.36 26.87
C PRO H 40 30.59 4.30 27.07
N LEU H 41 30.91 5.56 27.40
CA LEU H 41 29.87 6.55 27.61
C LEU H 41 28.87 6.56 26.47
N ILE H 42 29.38 6.54 25.23
CA ILE H 42 28.50 6.67 24.08
C ILE H 42 27.68 5.43 23.84
N GLN H 43 28.09 4.26 24.38
CA GLN H 43 27.27 3.07 24.21
C GLN H 43 26.01 3.16 25.08
N TYR H 44 26.12 3.75 26.27
CA TYR H 44 24.93 4.05 27.04
C TYR H 44 23.95 4.89 26.24
N ALA H 45 24.47 5.91 25.55
CA ALA H 45 23.60 6.84 24.84
C ALA H 45 22.93 6.19 23.63
N VAL H 46 23.68 5.37 22.89
CA VAL H 46 23.10 4.73 21.71
C VAL H 46 22.03 3.73 22.13
N GLU H 47 22.29 2.96 23.18
CA GLU H 47 21.24 2.10 23.74
C GLU H 47 20.05 2.92 24.19
N GLU H 48 20.29 4.14 24.69
CA GLU H 48 19.20 5.01 25.11
C GLU H 48 18.34 5.41 23.93
N ALA H 49 18.97 5.71 22.79
CA ALA H 49 18.21 6.14 21.61
C ALA H 49 17.41 4.97 21.03
N LEU H 50 17.99 3.77 21.01
CA LEU H 50 17.26 2.61 20.52
C LEU H 50 16.03 2.34 21.37
N GLU H 51 16.11 2.59 22.68
CA GLU H 51 14.93 2.43 23.54
C GLU H 51 13.79 3.30 23.06
N ALA H 52 14.09 4.52 22.61
CA ALA H 52 13.08 5.44 22.12
C ALA H 52 12.69 5.19 20.66
N GLY H 53 13.21 4.12 20.05
CA GLY H 53 12.87 3.79 18.68
C GLY H 53 13.76 4.41 17.62
N LEU H 54 14.74 5.22 18.02
CA LEU H 54 15.64 5.87 17.08
C LEU H 54 16.76 4.90 16.72
N SER H 55 16.62 4.23 15.59
CA SER H 55 17.55 3.17 15.19
C SER H 55 18.50 3.60 14.08
N GLU H 56 18.39 4.82 13.58
CA GLU H 56 19.29 5.33 12.54
C GLU H 56 20.25 6.31 13.20
N ILE H 57 21.43 5.81 13.56
CA ILE H 57 22.40 6.56 14.35
C ILE H 57 23.34 7.29 13.41
N GLY H 58 23.61 8.56 13.70
CA GLY H 58 24.59 9.32 12.97
C GLY H 58 25.59 9.95 13.92
N ILE H 59 26.88 9.77 13.65
CA ILE H 59 27.94 10.17 14.58
C ILE H 59 28.84 11.17 13.89
N VAL H 60 28.98 12.34 14.51
CA VAL H 60 29.94 13.36 14.06
C VAL H 60 31.25 13.10 14.78
N THR H 61 32.29 12.79 14.02
CA THR H 61 33.55 12.35 14.58
C THR H 61 34.62 13.40 14.39
N GLY H 62 35.67 13.30 15.21
CA GLY H 62 36.78 14.23 15.15
C GLY H 62 38.10 13.55 15.44
N ARG H 63 38.80 14.00 16.48
CA ARG H 63 40.01 13.30 16.90
C ARG H 63 39.64 11.98 17.54
N GLY H 64 40.41 10.94 17.25
CA GLY H 64 40.04 9.61 17.70
C GLY H 64 38.76 9.09 17.11
N LYS H 65 38.36 9.61 15.95
CA LYS H 65 37.13 9.16 15.28
C LYS H 65 37.09 7.66 15.17
N ARG H 66 38.27 7.01 15.16
CA ARG H 66 38.45 5.58 14.82
C ARG H 66 38.04 4.73 15.98
N SER H 67 37.99 5.33 17.15
CA SER H 67 37.57 4.57 18.33
C SER H 67 36.07 4.38 18.30
N LEU H 68 35.35 5.42 17.85
CA LEU H 68 33.92 5.30 17.61
C LEU H 68 33.63 4.15 16.65
N GLU H 69 34.19 4.23 15.44
CA GLU H 69 33.86 3.28 14.39
C GLU H 69 34.15 1.86 14.81
N ASP H 70 35.40 1.58 15.21
CA ASP H 70 35.77 0.21 15.56
C ASP H 70 34.88 -0.34 16.67
N HIS H 71 34.40 0.51 17.58
CA HIS H 71 33.54 0.01 18.64
C HIS H 71 32.20 -0.47 18.09
N PHE H 72 31.67 0.18 17.04
CA PHE H 72 30.37 -0.14 16.47
C PHE H 72 30.47 -0.91 15.16
N ASP H 73 31.51 -1.72 14.99
CA ASP H 73 31.62 -2.59 13.82
C ASP H 73 31.43 -4.03 14.26
N ILE H 74 31.14 -4.91 13.30
CA ILE H 74 31.13 -6.38 13.56
C ILE H 74 32.63 -6.74 13.64
N SER H 75 33.16 -7.09 14.83
CA SER H 75 34.59 -7.31 15.04
C SER H 75 34.86 -8.77 14.77
N TYR H 76 35.44 -9.06 13.60
CA TYR H 76 35.74 -10.44 13.27
C TYR H 76 36.85 -10.99 14.16
N GLU H 77 37.79 -10.15 14.57
CA GLU H 77 38.78 -10.59 15.55
C GLU H 77 38.10 -11.02 16.84
N LEU H 78 37.31 -10.12 17.44
CA LEU H 78 36.58 -10.47 18.65
C LEU H 78 35.63 -11.64 18.41
N GLU H 79 35.09 -11.77 17.20
CA GLU H 79 34.14 -12.85 16.92
C GLU H 79 34.77 -14.21 17.13
N HIS H 80 35.99 -14.40 16.63
CA HIS H 80 36.68 -15.68 16.69
C HIS H 80 37.41 -15.90 18.00
N GLN H 81 37.78 -14.81 18.69
CA GLN H 81 38.45 -14.94 19.98
C GLN H 81 37.51 -15.45 21.06
N ILE H 82 36.21 -15.18 20.91
CA ILE H 82 35.22 -15.51 21.92
C ILE H 82 34.32 -16.60 21.35
N ARG H 83 34.92 -17.50 20.57
CA ARG H 83 34.17 -18.62 20.00
C ARG H 83 33.40 -19.37 21.08
N ASN H 84 34.03 -19.56 22.25
CA ASN H 84 33.43 -20.27 23.38
C ASN H 84 32.52 -19.33 24.18
N THR H 85 31.48 -18.85 23.49
CA THR H 85 30.48 -17.92 24.00
C THR H 85 30.87 -17.06 25.20
N ASP H 86 29.96 -16.92 26.17
CA ASP H 86 30.04 -15.91 27.23
C ASP H 86 30.00 -14.50 26.66
N LYS H 87 29.57 -14.39 25.40
CA LYS H 87 29.09 -13.14 24.82
C LYS H 87 27.63 -12.91 25.15
N GLU H 88 26.94 -13.96 25.59
CA GLU H 88 25.58 -13.89 26.11
C GLU H 88 25.55 -13.34 27.53
N LYS H 89 26.72 -13.04 28.09
CA LYS H 89 26.86 -12.39 29.39
C LYS H 89 27.41 -10.97 29.28
N TYR H 90 28.15 -10.64 28.22
CA TYR H 90 28.78 -9.33 28.13
C TYR H 90 28.47 -8.55 26.86
N LEU H 91 28.17 -9.19 25.74
CA LEU H 91 28.01 -8.48 24.48
C LEU H 91 26.55 -8.31 24.06
N VAL H 92 25.60 -8.79 24.87
CA VAL H 92 24.19 -8.67 24.52
C VAL H 92 23.84 -7.24 24.14
N GLY H 93 24.31 -6.27 24.91
CA GLY H 93 23.96 -4.89 24.64
C GLY H 93 24.55 -4.37 23.35
N ILE H 94 25.85 -4.59 23.15
CA ILE H 94 26.51 -4.06 21.97
C ILE H 94 26.09 -4.82 20.72
N ARG H 95 25.81 -6.12 20.84
CA ARG H 95 25.41 -6.90 19.68
C ARG H 95 24.05 -6.43 19.16
N ARG H 96 23.09 -6.22 20.07
CA ARG H 96 21.78 -5.72 19.65
C ARG H 96 21.94 -4.44 18.83
N LEU H 97 22.74 -3.51 19.32
CA LEU H 97 22.95 -2.26 18.60
C LEU H 97 23.41 -2.53 17.16
N ILE H 98 24.35 -3.47 16.99
CA ILE H 98 24.87 -3.72 15.65
C ILE H 98 23.80 -4.33 14.75
N ASP H 99 22.93 -5.17 15.32
CA ASP H 99 21.92 -5.86 14.53
C ASP H 99 20.63 -5.07 14.35
N GLU H 100 20.37 -4.09 15.22
CA GLU H 100 19.12 -3.33 15.17
C GLU H 100 19.30 -1.91 14.68
N CYS H 101 20.54 -1.42 14.58
CA CYS H 101 20.79 -0.04 14.22
C CYS H 101 21.64 0.04 12.96
N THR H 102 21.57 1.20 12.31
CA THR H 102 22.46 1.58 11.22
C THR H 102 23.32 2.75 11.71
N PHE H 103 24.61 2.68 11.42
CA PHE H 103 25.57 3.68 11.87
C PHE H 103 26.15 4.40 10.66
N ALA H 104 26.03 5.72 10.65
CA ALA H 104 26.62 6.58 9.63
C ALA H 104 27.56 7.56 10.31
N TYR H 105 28.73 7.77 9.72
CA TYR H 105 29.75 8.61 10.30
C TYR H 105 30.11 9.72 9.32
N THR H 106 30.38 10.91 9.87
CA THR H 106 30.78 12.05 9.07
C THR H 106 31.71 12.88 9.92
N ARG H 107 32.67 13.53 9.27
CA ARG H 107 33.78 14.18 9.95
C ARG H 107 33.53 15.68 10.07
N GLN H 108 33.75 16.22 11.27
CA GLN H 108 33.78 17.65 11.49
C GLN H 108 35.23 18.11 11.38
N VAL H 109 35.51 18.92 10.35
CA VAL H 109 36.90 19.28 10.06
C VAL H 109 37.44 20.24 11.11
N GLU H 110 36.66 21.25 11.46
CA GLU H 110 37.11 22.36 12.30
C GLU H 110 36.14 22.53 13.45
N MET H 111 36.67 22.60 14.67
CA MET H 111 35.85 22.69 15.87
C MET H 111 35.43 24.14 16.07
N LYS H 112 34.17 24.43 15.73
CA LYS H 112 33.62 25.78 15.87
C LYS H 112 32.40 25.80 16.79
N GLY H 113 32.20 24.75 17.57
CA GLY H 113 31.15 24.70 18.57
C GLY H 113 30.16 23.60 18.31
N LEU H 114 29.32 23.38 19.32
CA LEU H 114 28.27 22.36 19.21
C LEU H 114 27.35 22.66 18.03
N GLY H 115 26.94 23.92 17.88
CA GLY H 115 26.04 24.27 16.78
C GLY H 115 26.60 23.90 15.42
N HIS H 116 27.87 24.22 15.18
CA HIS H 116 28.51 23.82 13.93
C HIS H 116 28.60 22.31 13.81
N ALA H 117 28.82 21.62 14.94
CA ALA H 117 28.83 20.16 14.93
C ALA H 117 27.46 19.61 14.55
N ILE H 118 26.40 20.20 15.09
CA ILE H 118 25.05 19.75 14.75
C ILE H 118 24.74 20.09 13.29
N LEU H 119 25.20 21.25 12.82
CA LEU H 119 25.02 21.61 11.43
C LEU H 119 25.83 20.72 10.50
N THR H 120 26.97 20.21 10.99
CA THR H 120 27.83 19.37 10.16
C THR H 120 27.15 18.05 9.78
N GLY H 121 26.28 17.53 10.65
CA GLY H 121 25.60 16.29 10.39
C GLY H 121 24.35 16.40 9.55
N ARG H 122 24.11 17.57 8.95
CA ARG H 122 22.89 17.76 8.16
C ARG H 122 22.70 16.71 7.07
N PRO H 123 23.69 16.44 6.20
CA PRO H 123 23.47 15.43 5.15
C PRO H 123 23.01 14.08 5.68
N LEU H 124 23.34 13.77 6.94
CA LEU H 124 22.87 12.52 7.53
C LEU H 124 21.42 12.58 7.98
N ILE H 125 20.86 13.77 8.19
CA ILE H 125 19.52 13.94 8.73
C ILE H 125 18.55 14.27 7.60
N GLY H 126 18.81 15.37 6.89
CA GLY H 126 17.90 15.80 5.85
C GLY H 126 16.74 16.60 6.41
N ASP H 127 15.59 16.47 5.75
CA ASP H 127 14.36 17.16 6.17
C ASP H 127 13.55 16.17 7.00
N GLU H 128 14.00 15.97 8.24
CA GLU H 128 13.34 15.10 9.20
C GLU H 128 13.60 15.63 10.60
N PRO H 129 12.70 15.38 11.55
CA PRO H 129 13.03 15.63 12.96
C PRO H 129 14.04 14.61 13.46
N PHE H 130 14.91 15.06 14.33
CA PHE H 130 16.02 14.22 14.80
C PHE H 130 16.37 14.61 16.23
N ALA H 131 16.91 13.64 16.95
CA ALA H 131 17.39 13.85 18.31
C ALA H 131 18.89 14.07 18.31
N VAL H 132 19.35 14.90 19.25
CA VAL H 132 20.77 15.13 19.49
C VAL H 132 21.07 14.66 20.91
N VAL H 133 22.12 13.85 21.04
CA VAL H 133 22.54 13.31 22.33
C VAL H 133 23.99 13.70 22.56
N LEU H 134 24.25 14.40 23.66
CA LEU H 134 25.60 14.71 24.09
C LEU H 134 26.00 13.64 25.12
N ALA H 135 26.87 12.72 24.70
CA ALA H 135 27.16 11.54 25.52
C ALA H 135 27.98 11.88 26.76
N ASP H 136 28.66 13.03 26.79
CA ASP H 136 29.36 13.42 28.01
C ASP H 136 28.40 13.63 29.18
N ASP H 137 27.09 13.66 28.92
CA ASP H 137 26.07 13.69 29.96
C ASP H 137 25.43 12.31 30.01
N LEU H 138 25.81 11.53 31.02
CA LEU H 138 25.30 10.18 31.20
C LEU H 138 23.97 10.25 31.92
N CYS H 139 22.90 9.82 31.25
CA CYS H 139 21.54 9.91 31.78
C CYS H 139 20.98 8.51 31.96
N LEU H 140 20.54 8.18 33.17
CA LEU H 140 20.05 6.87 33.51
C LEU H 140 18.71 6.99 34.22
N ASN H 141 17.73 6.19 33.78
CA ASN H 141 16.44 6.09 34.45
C ASN H 141 16.11 4.59 34.51
N LEU H 142 16.67 3.93 35.54
CA LEU H 142 16.42 2.52 35.79
C LEU H 142 15.03 2.26 36.34
N GLU H 143 14.33 3.30 36.80
CA GLU H 143 12.98 3.13 37.32
C GLU H 143 11.95 3.09 36.19
N GLY H 144 12.06 4.00 35.23
CA GLY H 144 11.15 4.08 34.11
C GLY H 144 11.89 4.10 32.79
N ASP H 145 11.36 4.86 31.84
CA ASP H 145 11.95 5.00 30.53
C ASP H 145 13.05 6.06 30.55
N SER H 146 14.04 5.88 29.68
CA SER H 146 15.19 6.77 29.69
C SER H 146 14.79 8.16 29.19
N VAL H 147 15.68 9.12 29.45
CA VAL H 147 15.38 10.52 29.16
C VAL H 147 14.96 10.70 27.71
N LEU H 148 15.65 10.03 26.79
CA LEU H 148 15.36 10.25 25.37
C LEU H 148 13.96 9.78 25.01
N LYS H 149 13.51 8.66 25.58
CA LYS H 149 12.15 8.21 25.32
C LYS H 149 11.13 9.19 25.90
N GLN H 150 11.41 9.73 27.08
CA GLN H 150 10.55 10.76 27.65
C GLN H 150 10.38 11.92 26.66
N MET H 151 11.46 12.28 25.95
CA MET H 151 11.41 13.41 25.05
C MET H 151 10.80 13.05 23.71
N VAL H 152 10.93 11.79 23.28
CA VAL H 152 10.29 11.37 22.03
C VAL H 152 8.78 11.31 22.21
N LYS H 153 8.31 10.75 23.34
CA LYS H 153 6.88 10.76 23.62
C LYS H 153 6.35 12.19 23.67
N LEU H 154 7.17 13.11 24.20
CA LEU H 154 6.76 14.50 24.27
C LEU H 154 6.73 15.16 22.89
N TYR H 155 7.56 14.68 21.96
CA TYR H 155 7.58 15.30 20.64
C TYR H 155 6.31 15.00 19.86
N ASN H 156 5.87 13.74 19.87
CA ASN H 156 4.66 13.39 19.14
C ASN H 156 3.45 14.20 19.60
N GLN H 157 3.47 14.70 20.83
CA GLN H 157 2.35 15.46 21.38
C GLN H 157 2.44 16.94 21.06
N PHE H 158 3.62 17.53 21.18
CA PHE H 158 3.81 18.97 20.95
C PHE H 158 4.44 19.25 19.59
N ARG H 159 5.26 18.34 19.07
CA ARG H 159 5.82 18.45 17.72
C ARG H 159 6.68 19.70 17.56
N CYS H 160 7.38 20.06 18.63
CA CYS H 160 8.32 21.17 18.67
C CYS H 160 9.72 20.67 19.00
N SER H 161 10.67 21.60 19.07
CA SER H 161 11.96 21.30 19.68
C SER H 161 11.79 21.16 21.18
N ILE H 162 12.42 20.14 21.75
CA ILE H 162 12.40 19.87 23.17
C ILE H 162 13.84 19.82 23.67
N VAL H 163 14.12 20.52 24.76
CA VAL H 163 15.45 20.50 25.38
C VAL H 163 15.27 20.06 26.83
N ALA H 164 16.12 19.13 27.26
CA ALA H 164 16.08 18.64 28.63
C ALA H 164 16.83 19.61 29.55
N ILE H 165 16.28 19.84 30.73
CA ILE H 165 16.87 20.75 31.70
C ILE H 165 16.72 20.17 33.10
N GLN H 166 17.39 20.81 34.06
CA GLN H 166 17.30 20.46 35.46
C GLN H 166 17.92 21.61 36.26
N GLU H 167 17.42 21.81 37.48
CA GLU H 167 17.88 22.91 38.30
C GLU H 167 19.26 22.60 38.88
N VAL H 168 20.10 23.64 38.95
CA VAL H 168 21.48 23.51 39.44
C VAL H 168 21.73 24.57 40.51
N PRO H 169 22.85 24.56 41.21
CA PRO H 169 23.14 25.67 42.12
C PRO H 169 23.48 26.93 41.32
N PRO H 170 23.13 28.10 41.86
CA PRO H 170 23.35 29.34 41.08
C PRO H 170 24.81 29.67 40.86
N GLU H 171 25.71 29.18 41.72
CA GLU H 171 27.14 29.37 41.49
C GLU H 171 27.64 28.52 40.33
N GLU H 172 26.96 27.41 40.03
CA GLU H 172 27.34 26.49 38.97
C GLU H 172 26.69 26.84 37.64
N THR H 173 26.09 28.03 37.51
CA THR H 173 25.28 28.35 36.36
C THR H 173 26.11 28.75 35.14
N ASN H 174 27.30 29.30 35.34
CA ASN H 174 28.13 29.70 34.21
C ASN H 174 28.77 28.51 33.50
N LYS H 175 28.45 27.29 33.91
CA LYS H 175 28.98 26.09 33.29
C LYS H 175 28.02 25.49 32.26
N TYR H 176 26.80 26.01 32.18
CA TYR H 176 25.77 25.45 31.31
C TYR H 176 25.15 26.56 30.47
N GLY H 177 24.31 26.15 29.54
CA GLY H 177 23.30 27.02 28.97
C GLY H 177 22.05 26.94 29.85
N VAL H 178 21.39 28.08 30.01
CA VAL H 178 20.25 28.19 30.91
C VAL H 178 19.09 28.85 30.17
N ILE H 179 17.89 28.33 30.40
CA ILE H 179 16.69 28.83 29.76
C ILE H 179 15.81 29.47 30.81
N ALA H 180 14.86 30.29 30.34
CA ALA H 180 13.84 30.87 31.20
C ALA H 180 12.58 31.04 30.39
N GLY H 181 11.44 30.74 30.99
CA GLY H 181 10.17 30.90 30.29
C GLY H 181 9.00 30.51 31.17
N GLU H 182 7.81 30.74 30.64
CA GLU H 182 6.57 30.44 31.35
C GLU H 182 6.30 28.94 31.33
N MET H 183 5.69 28.48 32.42
CA MET H 183 5.40 27.06 32.62
C MET H 183 4.12 26.66 31.92
N ILE H 184 4.15 25.50 31.25
CA ILE H 184 2.96 24.94 30.62
C ILE H 184 2.38 23.79 31.43
N ARG H 185 3.22 23.00 32.08
CA ARG H 185 2.77 21.88 32.88
C ARG H 185 3.67 21.74 34.10
N ASP H 186 3.44 20.68 34.89
CA ASP H 186 4.20 20.46 36.11
C ASP H 186 5.70 20.45 35.86
N ASP H 187 6.12 20.03 34.66
CA ASP H 187 7.55 19.91 34.36
C ASP H 187 7.91 20.42 32.96
N ILE H 188 7.03 21.15 32.29
CA ILE H 188 7.25 21.58 30.91
C ILE H 188 7.17 23.10 30.85
N PHE H 189 8.07 23.72 30.07
CA PHE H 189 8.16 25.17 29.98
C PHE H 189 8.13 25.66 28.53
N ARG H 190 7.50 26.80 28.26
CA ARG H 190 7.62 27.52 26.98
C ARG H 190 8.88 28.38 27.11
N VAL H 191 9.95 28.08 26.38
CA VAL H 191 11.18 28.87 26.44
C VAL H 191 10.95 30.19 25.70
N ASN H 192 11.42 31.28 26.31
CA ASN H 192 11.49 32.57 25.64
C ASN H 192 12.91 33.13 25.57
N THR H 193 13.81 32.71 26.45
CA THR H 193 15.19 33.19 26.47
C THR H 193 16.13 32.02 26.72
N MET H 194 17.29 32.06 26.08
CA MET H 194 18.34 31.08 26.30
C MET H 194 19.69 31.78 26.24
N VAL H 195 20.55 31.50 27.23
CA VAL H 195 21.90 32.01 27.23
C VAL H 195 22.85 30.84 27.51
N GLU H 196 24.06 30.93 26.96
CA GLU H 196 25.07 29.89 27.12
C GLU H 196 26.13 30.39 28.10
N LYS H 197 26.26 29.69 29.23
CA LYS H 197 27.33 29.90 30.20
C LYS H 197 27.37 31.36 30.68
N PRO H 198 26.26 31.88 31.17
CA PRO H 198 26.20 33.29 31.55
C PRO H 198 26.88 33.56 32.88
N LYS H 199 27.21 34.83 33.09
CA LYS H 199 27.72 35.26 34.39
C LYS H 199 26.60 35.07 35.43
N PRO H 200 26.88 34.45 36.57
CA PRO H 200 25.80 34.24 37.56
C PRO H 200 25.05 35.51 37.92
N GLU H 201 25.66 36.69 37.76
CA GLU H 201 24.93 37.93 37.97
C GLU H 201 23.89 38.12 36.88
N GLU H 202 24.22 37.76 35.64
CA GLU H 202 23.30 37.84 34.51
C GLU H 202 22.51 36.56 34.29
N ALA H 203 22.64 35.58 35.18
CA ALA H 203 21.94 34.31 35.02
C ALA H 203 20.44 34.54 35.03
N PRO H 204 19.75 34.40 33.90
CA PRO H 204 18.31 34.68 33.89
C PRO H 204 17.47 33.60 34.54
N SER H 205 18.08 32.48 34.94
CA SER H 205 17.33 31.38 35.51
C SER H 205 18.30 30.40 36.15
N ASN H 206 17.72 29.43 36.88
CA ASN H 206 18.46 28.31 37.43
C ASN H 206 18.10 27.01 36.73
N LEU H 207 17.64 27.09 35.48
CA LEU H 207 17.13 25.95 34.75
C LEU H 207 18.12 25.67 33.61
N ALA H 208 19.13 24.82 33.85
CA ALA H 208 20.23 24.54 32.89
C ALA H 208 19.97 23.30 32.04
N ILE H 209 20.29 23.39 30.75
CA ILE H 209 19.96 22.34 29.77
C ILE H 209 20.90 21.17 30.06
N ILE H 210 20.47 19.93 30.07
CA ILE H 210 21.41 18.81 29.85
C ILE H 210 21.47 18.56 28.34
N GLY H 211 22.41 17.79 27.83
CA GLY H 211 22.45 17.61 26.39
C GLY H 211 21.60 16.50 25.89
N ARG H 212 20.31 16.70 25.92
CA ARG H 212 19.29 15.84 25.35
C ARG H 212 18.50 16.87 24.57
N TYR H 213 18.42 16.80 23.25
CA TYR H 213 17.62 17.75 22.46
C TYR H 213 16.85 16.96 21.39
N ILE H 214 15.62 17.36 21.09
CA ILE H 214 14.77 16.87 19.97
C ILE H 214 14.59 18.10 19.09
N LEU H 215 15.11 18.10 17.86
CA LEU H 215 15.15 19.30 17.03
C LEU H 215 14.35 19.10 15.74
N THR H 216 13.67 20.16 15.32
CA THR H 216 12.97 20.16 14.03
C THR H 216 13.89 20.68 12.93
N PRO H 217 13.81 20.12 11.73
CA PRO H 217 14.82 20.42 10.70
C PRO H 217 15.00 21.90 10.39
N ASP H 218 14.03 22.75 10.71
CA ASP H 218 14.23 24.18 10.46
C ASP H 218 15.37 24.76 11.29
N ILE H 219 15.91 24.00 12.25
CA ILE H 219 17.02 24.49 13.05
C ILE H 219 18.27 24.66 12.21
N PHE H 220 18.40 23.88 11.13
CA PHE H 220 19.61 23.93 10.32
C PHE H 220 19.80 25.31 9.70
N ASP H 221 18.77 25.83 9.05
CA ASP H 221 18.86 27.17 8.48
C ASP H 221 19.04 28.24 9.55
N LEU H 222 18.69 27.94 10.80
CA LEU H 222 18.91 28.89 11.88
C LEU H 222 20.36 28.85 12.36
N ILE H 223 20.98 27.68 12.37
CA ILE H 223 22.37 27.59 12.76
C ILE H 223 23.25 28.33 11.76
N GLU H 224 22.88 28.31 10.48
CA GLU H 224 23.63 29.03 9.47
C GLU H 224 23.55 30.54 9.66
N GLN H 225 22.52 31.04 10.35
CA GLN H 225 22.39 32.44 10.66
C GLN H 225 22.97 32.82 12.02
N THR H 226 23.43 31.85 12.80
CA THR H 226 23.93 32.11 14.14
C THR H 226 25.38 32.56 14.09
N GLU H 227 25.69 33.66 14.78
CA GLU H 227 27.05 34.16 14.84
C GLU H 227 27.77 33.61 16.06
N PRO H 228 29.11 33.62 16.04
CA PRO H 228 29.86 33.11 17.19
C PRO H 228 29.45 33.81 18.48
N GLY H 229 29.29 33.01 19.54
CA GLY H 229 28.94 33.54 20.84
C GLY H 229 29.95 33.19 21.91
N LYS H 230 29.51 32.53 22.97
CA LYS H 230 30.39 32.21 24.08
C LYS H 230 31.58 31.40 23.60
N GLY H 231 32.78 31.85 23.96
CA GLY H 231 33.99 31.15 23.58
C GLY H 231 34.36 31.23 22.11
N GLY H 232 33.73 32.13 21.36
CA GLY H 232 34.01 32.22 19.94
C GLY H 232 33.44 31.09 19.12
N GLU H 233 32.62 30.23 19.71
CA GLU H 233 32.05 29.07 19.04
C GLU H 233 30.59 29.34 18.68
N ILE H 234 30.08 28.54 17.75
CA ILE H 234 28.68 28.62 17.33
C ILE H 234 27.89 27.71 18.25
N GLN H 235 27.16 28.32 19.19
CA GLN H 235 26.41 27.56 20.19
C GLN H 235 25.04 27.20 19.65
N ILE H 236 24.61 25.95 19.90
CA ILE H 236 23.22 25.61 19.65
C ILE H 236 22.33 26.57 20.37
N THR H 237 22.71 26.89 21.61
CA THR H 237 21.82 27.59 22.52
C THR H 237 21.31 28.83 21.84
N ASP H 238 22.19 29.50 21.11
CA ASP H 238 21.81 30.69 20.38
C ASP H 238 20.94 30.37 19.17
N ALA H 239 21.14 29.21 18.54
CA ALA H 239 20.29 28.84 17.43
C ALA H 239 18.88 28.47 17.91
N LEU H 240 18.79 27.75 19.02
CA LEU H 240 17.48 27.45 19.60
C LEU H 240 16.78 28.72 20.07
N MET H 241 17.55 29.70 20.56
CA MET H 241 16.97 30.97 20.97
C MET H 241 16.19 31.59 19.82
N LYS H 242 16.83 31.70 18.65
CA LYS H 242 16.16 32.24 17.48
C LYS H 242 14.91 31.44 17.13
N GLN H 243 14.93 30.12 17.39
CA GLN H 243 13.77 29.29 17.10
C GLN H 243 12.65 29.52 18.10
N ALA H 244 12.98 29.85 19.35
CA ALA H 244 11.95 30.06 20.35
C ALA H 244 11.12 31.30 20.06
N GLN H 245 11.71 32.30 19.43
CA GLN H 245 10.98 33.54 19.15
C GLN H 245 9.94 33.31 18.05
N ASP H 246 10.36 32.78 16.92
CA ASP H 246 9.49 32.58 15.77
C ASP H 246 8.88 31.19 15.73
N GLY H 247 9.10 30.37 16.74
CA GLY H 247 8.59 29.01 16.75
C GLY H 247 8.28 28.50 18.14
N CYS H 248 8.31 27.19 18.27
CA CYS H 248 7.97 26.51 19.53
C CYS H 248 9.19 25.73 20.01
N VAL H 249 9.67 26.08 21.21
CA VAL H 249 10.77 25.38 21.86
C VAL H 249 10.37 25.18 23.31
N LEU H 250 10.32 23.92 23.74
CA LEU H 250 9.93 23.58 25.10
C LEU H 250 11.12 23.06 25.89
N ALA H 251 11.24 23.54 27.13
CA ALA H 251 12.19 22.99 28.09
C ALA H 251 11.45 21.98 28.97
N TYR H 252 12.11 20.85 29.25
CA TYR H 252 11.48 19.74 29.95
C TYR H 252 12.43 19.23 31.02
N LYS H 253 12.04 19.30 32.31
CA LYS H 253 12.77 18.71 33.46
C LYS H 253 12.50 17.21 33.42
N PHE H 254 13.45 16.41 32.94
CA PHE H 254 13.30 14.98 32.80
C PHE H 254 13.27 14.29 34.16
N LYS H 255 12.71 13.09 34.17
CA LYS H 255 12.77 12.19 35.31
C LYS H 255 14.02 11.33 35.16
N GLY H 256 14.90 11.35 36.16
CA GLY H 256 16.06 10.48 36.13
C GLY H 256 17.33 11.06 36.72
N LYS H 257 18.41 10.27 36.65
CA LYS H 257 19.70 10.63 37.20
C LYS H 257 20.66 11.01 36.08
N ARG H 258 21.41 12.09 36.27
CA ARG H 258 22.40 12.55 35.31
C ARG H 258 23.72 12.81 36.01
N PHE H 259 24.81 12.41 35.34
CA PHE H 259 26.17 12.71 35.78
C PHE H 259 26.88 13.53 34.71
N ASP H 260 27.60 14.56 35.14
CA ASP H 260 28.37 15.40 34.20
C ASP H 260 29.72 14.73 33.97
N CYS H 261 29.73 13.79 33.04
CA CYS H 261 30.95 13.07 32.72
C CYS H 261 31.91 13.87 31.83
N GLY H 262 31.56 15.12 31.50
CA GLY H 262 32.52 16.03 30.92
C GLY H 262 33.45 16.65 31.92
N SER H 263 33.20 16.43 33.20
CA SER H 263 34.06 16.88 34.29
C SER H 263 34.72 15.68 34.93
N ALA H 264 35.91 15.89 35.49
CA ALA H 264 36.58 14.82 36.21
C ALA H 264 35.73 14.34 37.37
N GLU H 265 35.25 15.27 38.20
CA GLU H 265 34.45 14.90 39.37
C GLU H 265 33.22 14.08 38.97
N GLY H 266 32.51 14.53 37.93
CA GLY H 266 31.31 13.81 37.53
C GLY H 266 31.59 12.43 36.99
N TYR H 267 32.71 12.28 36.27
CA TYR H 267 33.07 10.97 35.73
C TYR H 267 33.28 9.95 36.84
N ILE H 268 33.93 10.37 37.93
CA ILE H 268 34.19 9.45 39.04
C ILE H 268 32.87 9.06 39.69
N GLU H 269 31.99 10.03 39.91
CA GLU H 269 30.67 9.72 40.46
C GLU H 269 29.96 8.69 39.59
N ALA H 270 30.03 8.85 38.27
CA ALA H 270 29.38 7.90 37.38
C ALA H 270 30.02 6.53 37.49
N THR H 271 31.35 6.48 37.55
CA THR H 271 32.04 5.19 37.65
C THR H 271 31.67 4.48 38.94
N ASN H 272 31.69 5.20 40.06
CA ASN H 272 31.33 4.59 41.33
C ASN H 272 29.86 4.20 41.37
N PHE H 273 28.98 5.06 40.85
CA PHE H 273 27.56 4.75 40.86
C PHE H 273 27.28 3.47 40.09
N CYS H 274 27.76 3.39 38.84
CA CYS H 274 27.42 2.26 37.99
C CYS H 274 28.05 0.95 38.46
N TYR H 275 29.12 1.01 39.26
CA TYR H 275 29.68 -0.23 39.78
C TYR H 275 28.73 -0.88 40.78
N GLU H 276 28.24 -0.09 41.74
CA GLU H 276 27.43 -0.65 42.82
C GLU H 276 26.06 -1.09 42.31
N ASN H 277 25.46 -0.28 41.43
CA ASN H 277 24.07 -0.50 41.02
C ASN H 277 23.93 -1.23 39.69
N LEU H 278 24.97 -1.26 38.87
CA LEU H 278 24.89 -1.88 37.55
C LEU H 278 25.86 -3.03 37.34
N TYR H 279 27.09 -2.90 37.81
CA TYR H 279 28.08 -3.95 37.53
C TYR H 279 27.91 -5.14 38.46
N LYS H 280 27.97 -4.91 39.78
CA LYS H 280 27.93 -6.03 40.72
C LYS H 280 26.71 -6.92 40.54
N THR H 281 25.70 -6.46 39.81
CA THR H 281 24.47 -7.24 39.62
C THR H 281 24.63 -8.20 38.45
N1 UPG I . 29.72 -3.93 -4.65
C2 UPG I . 29.30 -3.60 -3.36
N3 UPG I . 28.68 -4.62 -2.68
C4 UPG I . 28.43 -5.89 -3.14
C5 UPG I . 28.88 -6.15 -4.48
C6 UPG I . 29.50 -5.18 -5.16
O2 UPG I . 29.48 -2.50 -2.87
O4 UPG I . 27.87 -6.69 -2.40
C1C UPG I . 30.38 -2.88 -5.42
C2C UPG I . 31.79 -3.24 -5.90
O2C UPG I . 32.72 -3.08 -4.87
C3C UPG I . 31.93 -2.22 -7.05
C4C UPG I . 30.52 -2.25 -7.68
O4C UPG I . 29.63 -2.62 -6.59
O3C UPG I . 32.20 -0.92 -6.54
C5C UPG I . 30.35 -3.23 -8.83
O5C UPG I . 30.63 -4.58 -8.37
PA UPG I . 31.28 -5.57 -9.44
O1A UPG I . 31.42 -6.93 -8.84
O2A UPG I . 32.50 -4.93 -10.04
O3A UPG I . 30.15 -5.59 -10.57
PB UPG I . 30.21 -5.91 -12.13
O1B UPG I . 31.20 -4.99 -12.76
O2B UPG I . 30.40 -7.38 -12.35
O3B UPG I . 28.73 -5.47 -12.57
C1' UPG I . 28.26 -4.18 -12.33
C2' UPG I . 26.75 -4.17 -12.57
C3' UPG I . 26.43 -4.41 -14.05
C4' UPG I . 27.20 -3.45 -14.91
C5' UPG I . 28.70 -3.53 -14.59
C6' UPG I . 29.52 -2.54 -15.37
O2' UPG I . 26.12 -5.15 -11.75
O3' UPG I . 25.02 -4.25 -14.24
O4' UPG I . 27.02 -3.78 -16.30
O5' UPG I . 28.88 -3.24 -13.19
O6' UPG I . 30.73 -2.23 -14.70
HN3 UPG I . 28.42 -4.42 -1.86
H5 UPG I . 28.76 -7.00 -4.86
H6 UPG I . 29.79 -5.35 -6.05
H1C UPG I . 30.42 -2.06 -4.88
H2C UPG I . 31.81 -4.15 -6.25
HO2C UPG I . 33.49 -3.33 -5.14
H3C UPG I . 32.62 -2.51 -7.69
H4C UPG I . 30.29 -1.36 -7.99
HO3C UPG I . 32.27 -0.39 -7.20
H5C1 UPG I . 30.95 -2.98 -9.56
H5C2 UPG I . 29.41 -3.17 -9.15
H1' UPG I . 28.43 -3.93 -11.40
H2' UPG I . 26.40 -3.28 -12.32
H3' UPG I . 26.68 -5.34 -14.28
H4' UPG I . 26.89 -2.54 -14.76
H5' UPG I . 29.02 -4.45 -14.77
H6'1 UPG I . 29.71 -2.91 -16.26
H6'2 UPG I . 29.00 -1.72 -15.50
HO2' UPG I . 25.30 -5.15 -11.92
HO3' UPG I . 24.83 -4.40 -15.05
HO4' UPG I . 26.24 -3.57 -16.52
HO6' UPG I . 31.22 -1.75 -15.21
C1 EDO J . 6.20 1.81 -19.34
O1 EDO J . 7.16 1.75 -20.41
C2 EDO J . 5.19 2.91 -19.62
O2 EDO J . 4.79 3.53 -18.38
H11 EDO J . 6.71 2.00 -18.40
H12 EDO J . 5.68 0.85 -19.26
HO1 EDO J . 7.79 1.05 -20.23
H21 EDO J . 5.63 3.66 -20.28
H22 EDO J . 4.31 2.50 -20.11
HO2 EDO J . 4.16 4.22 -18.55
MG MG K . 32.65 -3.77 -12.17
N1 UPG L . 17.05 -40.52 -15.97
C2 UPG L . 16.60 -41.29 -17.00
N3 UPG L . 17.39 -41.29 -18.10
C4 UPG L . 18.57 -40.64 -18.26
C5 UPG L . 18.99 -39.86 -17.15
C6 UPG L . 18.22 -39.82 -16.06
O2 UPG L . 15.57 -41.90 -16.95
O4 UPG L . 19.14 -40.77 -19.33
C1C UPG L . 16.22 -40.50 -14.78
C2C UPG L . 16.99 -40.80 -13.50
O2C UPG L . 16.78 -42.13 -13.13
C3C UPG L . 16.35 -39.81 -12.53
C4C UPG L . 16.12 -38.61 -13.43
O4C UPG L . 15.71 -39.19 -14.68
O3C UPG L . 15.14 -40.29 -11.99
C5C UPG L . 17.35 -37.79 -13.67
O5C UPG L . 17.84 -37.51 -12.40
PA UPG L . 19.33 -37.23 -12.08
O1A UPG L . 20.17 -38.11 -12.90
O2A UPG L . 19.47 -37.15 -10.62
O3A UPG L . 19.43 -35.80 -12.64
PB UPG L . 19.75 -34.56 -11.75
O1B UPG L . 19.25 -34.62 -10.38
O2B UPG L . 21.19 -34.31 -11.86
O3B UPG L . 19.03 -33.38 -12.47
C1' UPG L . 17.66 -33.37 -12.62
C2' UPG L . 17.28 -32.22 -13.50
C3' UPG L . 17.67 -31.00 -12.84
C4' UPG L . 16.92 -30.86 -11.58
C5' UPG L . 17.18 -32.03 -10.68
C6' UPG L . 16.19 -32.07 -9.57
O2' UPG L . 17.93 -32.26 -14.75
O3' UPG L . 17.39 -29.90 -13.69
O4' UPG L . 17.32 -29.70 -10.96
O5' UPG L . 17.04 -33.26 -11.37
O6' UPG L . 16.31 -33.22 -8.81
HN3 UPG L . 17.10 -41.78 -18.77
H5 UPG L . 19.79 -39.38 -17.18
H6 UPG L . 18.53 -39.34 -15.33
H1C UPG L . 15.48 -41.13 -14.88
H2C UPG L . 17.95 -40.60 -13.61
HO2C UPG L . 17.30 -42.32 -12.48
H3C UPG L . 16.98 -39.59 -11.81
H4C UPG L . 15.42 -38.04 -13.09
HO3C UPG L . 14.82 -39.71 -11.45
H5C1 UPG L . 18.01 -38.26 -14.16
H5C2 UPG L . 17.12 -36.95 -14.14
H1' UPG L . 17.38 -34.22 -13.05
H2' UPG L . 16.31 -32.21 -13.63
H3' UPG L . 18.65 -31.02 -12.64
H4' UPG L . 15.95 -30.82 -11.78
H5' UPG L . 18.10 -31.95 -10.32
H6'1 UPG L . 16.33 -31.29 -8.99
H6'2 UPG L . 15.29 -32.02 -9.94
HO2' UPG L . 17.66 -31.62 -15.22
HO3' UPG L . 16.56 -29.89 -13.85
HO4' UPG L . 16.93 -29.06 -11.34
HO6' UPG L . 17.08 -33.27 -8.47
MG MG M . 18.28 -36.09 -9.07
C ACT N . -6.57 -32.47 -7.52
O ACT N . -5.38 -32.56 -7.13
OXT ACT N . -7.06 -31.74 -8.43
CH3 ACT N . -7.60 -33.35 -6.76
H1 ACT N . -7.14 -33.87 -6.08
H2 ACT N . -8.00 -33.99 -7.37
H3 ACT N . -8.29 -32.82 -6.34
N1 UPG O . 5.43 38.61 -27.70
C2 UPG O . 5.25 38.89 -26.38
N3 UPG O . 6.17 39.72 -25.83
C4 UPG O . 7.24 40.29 -26.44
C5 UPG O . 7.38 39.96 -27.82
C6 UPG O . 6.49 39.14 -28.39
O2 UPG O . 4.34 38.44 -25.73
O4 UPG O . 7.99 41.01 -25.79
C1C UPG O . 4.45 37.75 -28.34
C2C UPG O . 3.87 38.35 -29.62
O2C UPG O . 2.59 38.90 -29.41
C3C UPG O . 3.75 37.11 -30.49
C4C UPG O . 5.05 36.42 -30.14
O4C UPG O . 5.10 36.56 -28.72
O3C UPG O . 2.63 36.33 -30.14
C5C UPG O . 6.29 37.01 -30.73
O5C UPG O . 6.23 36.86 -32.13
PA UPG O . 6.42 38.09 -33.06
O1A UPG O . 5.41 37.94 -34.13
O2A UPG O . 6.54 39.30 -32.24
O3A UPG O . 7.82 37.70 -33.64
PB UPG O . 8.18 36.64 -34.74
O1B UPG O . 7.06 35.84 -35.17
O2B UPG O . 8.93 37.32 -35.80
O3B UPG O . 9.14 35.58 -34.08
C1' UPG O . 8.78 34.35 -33.52
C2' UPG O . 10.01 33.56 -33.20
C3' UPG O . 10.56 32.94 -34.40
C4' UPG O . 9.55 32.06 -35.03
C5' UPG O . 8.40 32.88 -35.43
C6' UPG O . 7.30 31.99 -35.93
O2' UPG O . 10.99 34.41 -32.62
O3' UPG O . 11.70 32.17 -34.06
O4' UPG O . 10.07 31.43 -36.16
O5' UPG O . 7.88 33.59 -34.32
O6' UPG O . 6.06 32.64 -35.96
HN3 UPG O . 6.05 39.89 -24.97
H5 UPG O . 8.08 40.32 -28.32
H6 UPG O . 6.58 38.97 -29.29
H1C UPG O . 3.73 37.55 -27.71
H2C UPG O . 4.47 39.00 -30.00
HO2C UPG O . 2.36 39.31 -30.10
H3C UPG O . 3.72 37.38 -31.45
H4C UPG O . 5.01 35.46 -30.37
HO3C UPG O . 2.60 35.65 -30.64
H5C1 UPG O . 6.33 37.94 -30.55
H5C2 UPG O . 7.09 36.57 -30.38
H1' UPG O . 8.31 34.53 -32.67
H2' UPG O . 9.79 32.85 -32.56
H3' UPG O . 10.84 33.64 -35.05
H4' UPG O . 9.26 31.38 -34.37
H5' UPG O . 8.67 33.51 -36.14
H6'1 UPG O . 7.51 31.69 -36.84
H6'2 UPG O . 7.23 31.21 -35.36
HO2' UPG O . 10.68 34.74 -31.92
HO3' UPG O . 11.46 31.57 -33.51
HO4' UPG O . 9.51 30.91 -36.49
HO6' UPG O . 6.10 33.32 -36.47
C1 EDO P . -3.59 27.54 -15.98
O1 EDO P . -4.08 28.87 -16.17
C2 EDO P . -2.08 27.50 -16.21
O2 EDO P . -1.74 28.23 -17.39
H11 EDO P . -4.09 26.88 -16.67
H12 EDO P . -3.79 27.20 -14.97
HO1 EDO P . -5.03 28.89 -16.01
H21 EDO P . -1.56 27.91 -15.35
H22 EDO P . -1.77 26.46 -16.37
HO2 EDO P . -0.79 28.20 -17.54
MG MG Q . 4.95 36.15 -35.49
N1 UPG R . -32.74 -10.82 6.08
C2 UPG R . -32.53 -11.25 4.80
N3 UPG R . -32.96 -12.50 4.52
C4 UPG R . -33.55 -13.37 5.39
C5 UPG R . -33.73 -12.87 6.71
C6 UPG R . -33.32 -11.63 7.00
O2 UPG R . -32.02 -10.55 3.95
O4 UPG R . -33.86 -14.48 4.99
C1C UPG R . -32.28 -9.47 6.41
C2C UPG R . -33.32 -8.57 7.03
O2C UPG R . -34.14 -8.06 6.02
C3C UPG R . -32.42 -7.52 7.62
C4C UPG R . -31.27 -8.36 8.18
O4C UPG R . -31.30 -9.58 7.40
O3C UPG R . -31.95 -6.72 6.56
C5C UPG R . -31.37 -8.72 9.64
O5C UPG R . -32.59 -9.39 9.86
PA UPG R . -33.41 -9.08 11.15
O1A UPG R . -34.66 -9.85 11.08
O2A UPG R . -33.44 -7.64 11.40
O3A UPG R . -32.54 -9.71 12.28
PB UPG R . -32.02 -9.05 13.60
O1B UPG R . -31.72 -7.65 13.27
O2B UPG R . -33.00 -9.34 14.65
O3B UPG R . -30.69 -9.80 13.90
C1' UPG R . -29.52 -9.47 13.26
C2' UPG R . -28.44 -10.35 13.79
C3' UPG R . -28.16 -10.06 15.19
C4' UPG R . -27.76 -8.64 15.31
C5' UPG R . -28.87 -7.78 14.85
C6' UPG R . -28.47 -6.33 14.86
O2' UPG R . -28.82 -11.71 13.73
O3' UPG R . -27.12 -10.91 15.63
O4' UPG R . -27.50 -8.33 16.65
O5' UPG R . -29.21 -8.12 13.51
O6' UPG R . -29.26 -5.54 14.02
HN3 UPG R . -32.82 -12.78 3.68
H5 UPG R . -34.13 -13.41 7.37
H6 UPG R . -33.44 -11.31 7.87
H1C UPG R . -31.90 -9.05 5.61
H2C UPG R . -33.83 -9.05 7.72
HO2C UPG R . -34.77 -7.60 6.38
H3C UPG R . -32.89 -6.99 8.31
H4C UPG R . -30.42 -7.90 8.03
HO3C UPG R . -31.43 -6.11 6.89
H5C1 UPG R . -31.34 -7.89 10.19
H5C2 UPG R . -30.60 -9.29 9.90
H1' UPG R . -29.62 -9.61 12.29
H2' UPG R . -27.61 -10.22 13.26
H3' UPG R . -28.97 -10.22 15.73
H4' UPG R . -26.95 -8.46 14.77
H5' UPG R . -29.65 -7.92 15.44
H6'1 UPG R . -28.55 -5.99 15.78
H6'2 UPG R . -27.53 -6.25 14.60
HO2' UPG R . -28.17 -12.19 13.96
HO3' UPG R . -26.43 -10.77 15.17
HO4' UPG R . -26.84 -8.77 16.92
HO6' UPG R . -29.33 -4.77 14.34
C1 EDO S . -31.27 -2.82 -12.05
O1 EDO S . -32.23 -1.79 -11.87
C2 EDO S . -31.98 -4.16 -12.12
O2 EDO S . -31.82 -4.71 -13.42
H11 EDO S . -30.76 -2.66 -12.98
H12 EDO S . -30.52 -2.79 -11.26
HO1 EDO S . -31.79 -0.96 -11.63
H21 EDO S . -31.56 -4.84 -11.37
H22 EDO S . -33.04 -4.03 -11.89
HO2 EDO S . -32.27 -5.56 -13.48
MG MG T . -33.38 -6.50 13.50
N1 UPG U . -26.29 -5.29 -26.59
C2 UPG U . -26.34 -4.87 -25.28
N3 UPG U . -25.74 -3.66 -25.04
C4 UPG U . -25.12 -2.84 -25.97
C5 UPG U . -25.11 -3.35 -27.31
C6 UPG U . -25.69 -4.53 -27.57
O2 UPG U . -26.87 -5.52 -24.40
O4 UPG U . -24.63 -1.77 -25.59
C1C UPG U . -26.92 -6.58 -26.91
C2C UPG U . -28.06 -6.46 -27.92
O2C UPG U . -29.28 -6.26 -27.23
C3C UPG U . -27.99 -7.82 -28.62
C4C UPG U . -26.47 -8.02 -28.71
O4C UPG U . -25.95 -7.43 -27.50
O3C UPG U . -28.60 -8.85 -27.87
C5C UPG U . -25.79 -7.41 -29.91
O5C UPG U . -26.58 -6.29 -30.39
PA UPG U . -27.05 -6.28 -31.92
O1A UPG U . -27.02 -4.88 -32.44
O2A UPG U . -28.32 -7.06 -32.07
O3A UPG U . -25.85 -7.11 -32.60
PB UPG U . -25.26 -7.13 -34.09
O1B UPG U . -25.88 -8.26 -34.86
O2B UPG U . -25.36 -5.75 -34.67
O3B UPG U . -23.71 -7.47 -33.82
C1' UPG U . -23.32 -8.36 -32.80
C2' UPG U . -21.79 -8.36 -32.75
C3' UPG U . -21.22 -8.92 -34.04
C4' UPG U . -21.85 -10.27 -34.37
C5' UPG U . -23.37 -10.17 -34.36
C6' UPG U . -24.05 -11.50 -34.55
O2' UPG U . -21.32 -7.05 -32.51
O3' UPG U . -19.80 -9.05 -33.93
O4' UPG U . -21.42 -10.72 -35.65
O5' UPG U . -23.80 -9.66 -33.08
O6' UPG U . -25.43 -11.44 -34.21
HN3 UPG U . -25.77 -3.37 -24.20
H5 UPG U . -24.71 -2.85 -27.99
H6 UPG U . -25.67 -4.85 -28.45
H1C UPG U . -27.25 -7.00 -26.08
H2C UPG U . -27.90 -5.73 -28.54
HO2C UPG U . -29.91 -6.19 -27.78
H3C UPG U . -28.38 -7.75 -29.52
H4C UPG U . -26.27 -8.98 -28.70
HO3C UPG U . -28.53 -9.59 -28.30
H5C1 UPG U . -25.69 -8.08 -30.62
H5C2 UPG U . -24.89 -7.09 -29.65
H1' UPG U . -23.68 -8.05 -31.94
H2' UPG U . -21.50 -8.94 -32.01
H3' UPG U . -21.43 -8.30 -34.78
H4' UPG U . -21.56 -10.93 -33.68
H5' UPG U . -23.65 -9.55 -35.06
H6'1 UPG U . -23.61 -12.18 -33.99
H6'2 UPG U . -23.95 -11.78 -35.48
HO2' UPG U . -21.62 -6.76 -31.78
HO3' UPG U . -19.49 -9.37 -34.63
HO4' UPG U . -21.76 -11.46 -35.82
HO6' UPG U . -25.81 -12.15 -34.43
MG MG V . -27.89 -8.98 -33.61
N1 UPG W . -9.13 -30.05 53.09
C2 UPG W . -8.82 -29.04 53.95
N3 UPG W . -9.60 -28.95 55.04
C4 UPG W . -10.66 -29.76 55.37
C5 UPG W . -10.94 -30.78 54.41
C6 UPG W . -10.19 -30.88 53.32
O2 UPG W . -7.89 -28.29 53.74
O4 UPG W . -11.28 -29.53 56.39
C1C UPG W . -8.29 -30.18 51.91
C2C UPG W . -7.83 -31.61 51.66
O2C UPG W . -6.49 -31.83 52.03
C3C UPG W . -7.89 -31.67 50.13
C4C UPG W . -9.16 -30.86 49.89
O4C UPG W . -9.07 -29.78 50.81
O3C UPG W . -6.77 -31.08 49.52
C5C UPG W . -10.45 -31.61 50.13
O5C UPG W . -10.52 -32.64 49.18
PA UPG W . -11.00 -34.05 49.63
O1A UPG W . -10.33 -35.03 48.75
O2A UPG W . -10.91 -34.20 51.09
O3A UPG W . -12.53 -34.00 49.24
PB UPG W . -13.02 -34.37 47.80
O1B UPG W . -13.50 -35.76 47.79
O2B UPG W . -11.86 -34.02 46.99
O3B UPG W . -14.13 -33.36 47.31
C1' UPG W . -13.82 -32.10 46.85
C2' UPG W . -15.10 -31.42 46.45
C3' UPG W . -15.65 -31.98 45.20
C4' UPG W . -14.63 -32.09 44.12
C5' UPG W . -13.36 -32.73 44.58
C6' UPG W . -12.26 -32.54 43.57
O2' UPG W . -16.07 -31.58 47.47
O3' UPG W . -16.67 -31.10 44.76
O4' UPG W . -15.17 -32.86 43.07
O5' UPG W . -12.92 -32.10 45.76
O6' UPG W . -11.27 -33.50 43.72
HN3 UPG W . -9.40 -28.30 55.61
H5 UPG W . -11.65 -31.37 54.56
H6 UPG W . -10.36 -31.58 52.72
H1C UPG W . -7.51 -29.59 52.00
H2C UPG W . -8.42 -32.27 52.06
HO2C UPG W . -6.34 -32.66 52.07
H3C UPG W . -8.00 -32.60 49.83
H4C UPG W . -9.16 -30.51 48.98
HO3C UPG W . -6.85 -31.13 48.68
H5C1 UPG W . -11.22 -31.00 50.04
H5C2 UPG W . -10.45 -31.99 51.01
H1' UPG W . -13.41 -31.58 47.59
H2' UPG W . -14.92 -30.45 46.33
H3' UPG W . -16.04 -32.87 45.37
H4' UPG W . -14.43 -31.19 43.77
H5' UPG W . -13.51 -33.69 44.75
H6'1 UPG W . -12.63 -32.60 42.68
H6'2 UPG W . -11.87 -31.66 43.69
HO2' UPG W . -15.79 -31.25 48.18
HO3' UPG W . -16.33 -30.34 44.61
HO4' UPG W . -15.82 -32.45 42.74
HO6' UPG W . -10.96 -33.47 44.50
MG MG X . -10.10 -35.19 46.58
N1 UPG Y . -15.57 34.66 -1.69
C2 UPG Y . -15.15 34.27 -2.95
N3 UPG Y . -16.01 33.43 -3.60
C4 UPG Y . -17.22 32.95 -3.14
C5 UPG Y . -17.58 33.40 -1.83
C6 UPG Y . -16.76 34.22 -1.16
O2 UPG Y . -14.10 34.64 -3.45
O4 UPG Y . -17.88 32.19 -3.86
C1C UPG Y . -14.67 35.56 -0.94
C2C UPG Y . -15.36 36.82 -0.39
O2C UPG Y . -15.40 37.82 -1.39
C3C UPG Y . -14.43 37.11 0.79
C4C UPG Y . -14.26 35.70 1.37
O4C UPG Y . -14.14 34.87 0.18
O3C UPG Y . -13.18 37.65 0.37
C5C UPG Y . -15.40 35.19 2.21
O5C UPG Y . -15.90 36.27 3.03
PA UPG Y . -17.42 36.17 3.52
O1A UPG Y . -18.28 35.79 2.36
O2A UPG Y . -17.76 37.42 4.28
O3A UPG Y . -17.35 34.96 4.56
PB UPG Y . -17.49 34.95 6.16
O1B UPG Y . -16.66 36.06 6.72
O2B UPG Y . -18.93 34.91 6.52
O3B UPG Y . -16.82 33.55 6.54
C1' UPG Y . -15.51 33.21 6.16
C2' UPG Y . -15.29 31.74 6.51
C3' UPG Y . -15.34 31.56 8.03
C4' UPG Y . -14.35 32.49 8.69
C5' UPG Y . -14.59 33.93 8.24
C6' UPG Y . -13.53 34.88 8.78
O2' UPG Y . -16.27 30.91 5.88
O3' UPG Y . -15.05 30.20 8.34
O4' UPG Y . -14.48 32.44 10.11
O5' UPG Y . -14.55 34.02 6.81
O6' UPG Y . -13.82 36.24 8.48
HN3 UPG Y . -15.75 33.17 -4.41
H5 UPG Y . -18.39 33.12 -1.45
H6 UPG Y . -17.01 34.51 -0.30
H1C UPG Y . -13.94 35.83 -1.52
H2C UPG Y . -16.27 36.61 -0.07
HO2C UPG Y . -15.78 38.50 -1.09
H3C UPG Y . -14.87 37.72 1.44
H4C UPG Y . -13.43 35.65 1.89
HO3C UPG Y . -12.70 37.80 1.06
H5C1 UPG Y . -16.12 34.85 1.62
H5C2 UPG Y . -15.07 34.44 2.78
H1' UPG Y . -15.42 33.31 5.18
H2' UPG Y . -14.40 31.46 6.20
H3' UPG Y . -16.26 31.78 8.35
H4' UPG Y . -13.44 32.22 8.44
H5' UPG Y . -15.48 34.23 8.56
H6'1 UPG Y . -13.47 34.77 9.75
H6'2 UPG Y . -12.66 34.65 8.38
HO2' UPG Y . -16.20 31.01 5.04
HO3' UPG Y . -15.13 30.09 9.17
HO4' UPG Y . -14.35 31.65 10.37
HO6' UPG Y . -14.56 36.45 8.85
MG MG Z . -16.02 37.72 5.68
N1 UPG AA . 31.35 18.88 20.44
C2 UPG AA . 31.48 18.60 19.10
N3 UPG AA . 32.11 19.55 18.37
C4 UPG AA . 32.60 20.75 18.83
C5 UPG AA . 32.41 20.98 20.22
C6 UPG AA . 31.79 20.06 20.96
O2 UPG AA . 31.09 17.58 18.61
O4 UPG AA . 33.15 21.52 18.06
C1C UPG AA . 30.66 17.90 21.28
C2C UPG AA . 31.51 17.42 22.45
O2C UPG AA . 32.35 16.35 22.13
C3C UPG AA . 30.40 16.95 23.38
C4C UPG AA . 29.35 18.05 23.21
O4C UPG AA . 29.57 18.56 21.88
O3C UPG AA . 29.92 15.73 22.90
C5C UPG AA . 29.34 19.17 24.22
O5C UPG AA . 30.56 19.92 24.13
PA UPG AA . 31.15 20.47 25.48
O1A UPG AA . 32.50 21.00 25.25
O2A UPG AA . 30.94 19.46 26.54
O3A UPG AA . 30.19 21.68 25.87
PB UPG AA . 29.46 22.03 27.23
O1B UPG AA . 28.93 20.81 27.83
O2B UPG AA . 30.38 22.88 27.99
O3B UPG AA . 28.16 22.82 26.81
C1' UPG AA . 27.12 22.19 26.13
C2' UPG AA . 26.07 23.22 25.76
C3' UPG AA . 25.22 23.60 26.91
C4' UPG AA . 24.66 22.40 27.57
C5' UPG AA . 25.78 21.51 27.99
C6' UPG AA . 25.24 20.24 28.57
O2' UPG AA . 26.67 24.43 25.33
O3' UPG AA . 24.15 24.40 26.42
O4' UPG AA . 23.92 22.79 28.70
O5' UPG AA . 26.58 21.14 26.89
O6' UPG AA . 26.27 19.31 28.77
HN3 UPG AA . 32.22 19.37 17.51
H5 UPG AA . 32.72 21.77 20.61
H6 UPG AA . 31.67 20.22 21.87
H1C UPG AA . 30.35 17.15 20.74
H2C UPG AA . 32.01 18.16 22.85
HO2C UPG AA . 32.84 16.17 22.80
H3C UPG AA . 30.73 16.88 24.32
H4C UPG AA . 28.46 17.62 23.23
HO3C UPG AA . 29.30 15.45 23.42
H5C1 UPG AA . 28.57 19.76 24.04
H5C2 UPG AA . 29.24 18.79 25.12
H1' UPG AA . 27.49 21.81 25.30
H2' UPG AA . 25.50 22.86 25.04
H3' UPG AA . 25.75 24.13 27.56
H4' UPG AA . 24.08 21.92 26.94
H5' UPG AA . 26.32 21.97 28.67
H6'1 UPG AA . 24.79 20.42 29.42
H6'2 UPG AA . 24.57 19.86 27.95
HO2' UPG AA . 27.14 24.28 24.66
HO3' UPG AA . 23.67 24.62 27.07
HO4' UPG AA . 23.55 22.14 29.05
HO6' UPG AA . 26.30 18.81 28.10
MG MG BA . 29.80 18.92 28.49
#